data_8V6J
#
_entry.id   8V6J
#
_cell.length_a   1.00
_cell.length_b   1.00
_cell.length_c   1.00
_cell.angle_alpha   90.00
_cell.angle_beta   90.00
_cell.angle_gamma   90.00
#
_symmetry.space_group_name_H-M   'P 1'
#
loop_
_entity.id
_entity.type
_entity.pdbx_description
1 polymer 'DNA polymerase alpha catalytic subunit'
2 polymer 'DNA polymerase alpha subunit B'
3 polymer 'DNA primase large subunit'
4 polymer 'DNA primase'
5 polymer 'DNA template'
6 polymer 'RNA-DNA primer'
7 non-polymer 'ZINC ION'
8 non-polymer "2'-DEOXYGUANOSINE-5'-TRIPHOSPHATE"
9 non-polymer 'MAGNESIUM ION'
10 non-polymer 'IRON/SULFUR CLUSTER'
#
loop_
_entity_poly.entity_id
_entity_poly.type
_entity_poly.pdbx_seq_one_letter_code
_entity_poly.pdbx_strand_id
1 'polypeptide(L)'
;SNAADGSQVFRFYWLDAYEDQYSQPGVVYLFGKVWIESADAYVSCCVSVKNIERTVYLLPRENRVQLSTGKDTGAPVSMM
HVYQEFNEAVAEKYKIMKFKSKKVDKDYAFEIPDVPASSEYLEVRYSADSPQLPQDLKGETFSHVFGTNTSSLELFLLSR
KIKGPSWLEIKSPQLSSQPMSWCKVEAVVTRPDQVSVVKDLAPPPVVVLSLSMKTVQNAKTHQNEIVAIAALVHHTFPLD
KAPPQPPFQTHFCVLSKLNDCIFPYDYNEAVKQKNANIEIALTERTLLGFFLAKIHKIDPDVIVGHDIYGFDLEVLLQRI
NSCKVPFWSKIGRLRRSVMPKLGGRSGFAERNAACGRIICDIEISAKELIRCKSYHLSELVHQILKAERVVIPPENIRNA
YNDSVHLLYMLENTWIDAKFILQIMCELNVLPLALQITNIAGNVMSRTLMGGRSERNEYLLLHAFTENNFIVPDKPVFKK
MQQTTVEDNDDMGTDQNKNKSRKKAAYAGGLVLEPKVGFYDKFILLLDFNSLYPSIIQEYNICFTTVHREAPSTQKGEDQ
DEIPELPHSDLEMGILPREIRKLVERRRHVKQLMKQPDLNPDLYLQYDIRQKALKLTANSMYGCLGFSYSRFYAKPLAAL
VTHQGREILLHTKEMVQKMNLEVIYGDTDSIMINTNCNNLEEVFKLGNRVKSEINKSYKLLEIDIDGIFKSLLLLKKKKY
AALTVEPTGDGKYVTKQELKGLDIVRRDWCELAKQAGNYVISQILSDQPRDSIVENIQKKLTEIGENVTNGTVPITQYEI
NKALTKDPQDYPDKKSLPHVHVALWINSQGGRKVKAGDTISYVICQDGSNLSASQRAYAQEQLQKQENLSIDTQYYLSQQ
VHPVVARICEPIDGIDSALIAMWLGLDPSQFRAHRHYQQDEENDALLGGPSQLTDEEKYRDCERFKFFCPKCGTENIYDN
VFDGSGLQIEPGLKRCSKPECDASPLDYVIQVHNKLLLDIRRYIKKYYSGWLVCEEKTCQNRTRRLPLSFSRNGPICQAC
SKATLRSEYPEKALYTQLCFYRFIFDWDYALEKVVSEQERGHLKKKLFQESENQYKKLKSTVDQVLSRSGYSEVNLSKLF
QTLNTIK
;
A
2 'polypeptide(L)'
;SNAMSVSAKSIAEELKVFDVNFEDEEVPEKMVELCTVHRLKEEDMVNEWMAFSTTRNLPLTVGNLNLLEHEVLNKKSARP
RPSLKKEKHCGNRDFNTIQELIEVETAEENLLDSYATPAKGSQKRNLSTPEHPQSKRILSINRSPHVLFSPTSFSPSATP
SQKYGSRTNRGEVVTTYGELQGTTWNGGSGSNTNVELFTSLDEPLTKMYKFMFQKLMDIREVVSIKIEELGASLKDHFQI
DEFTSVSLPAQETVTVLGQIGCDSNGKLNSKSVILEGDREHSAGMQVPVDLSELKDYSLFPGQVVIMEGTNSTGRRFVPT
KLYEGVPLPFHQPSKEFEECPQQMVITACGPFTTSDTITYDALKDLIDIVNRDRPDICILLGPFLDAKHEQIENLQLTVT
FEDVFKRCLKMIIEGTRPSGCHLVIVPSLRDVHHDPVYPQPPFSCFEPAKEDKERVHFVADPCTLSVNGVVIGMTSTDLL
FHMGAEEISSSAGAPDRFSRILRHILTQRSYYPLYPPNEEINIDYEALYSYTPMPVTPDVFIVPSELRYFIKDVTGCICI
NPGRLTKGLVGGTYARFLVKSGAMGSEGKRSTCISAQVVRV
;
B
3 'polypeptide(L)'
;MLFSRDRKYRHNTRLTGDRKGDLYPSSLQFYQHPPTENISLIEFETFAIERLKLLKAVENLGVSYVKNSEEYSKKLELEL
RKLKFPYRPLHEEISDDVYDLRRKDHISHFILRLAYCQSEDLRRWFIQQEMDLFKFRFGLLTKESVQEFLKLNDLQYVAI
SEDEKNMHKEDLMNSSFGLSLTKMEDTEFYKVPFQAALDLVRPRKVFLWRGFAFIPHKDIVSIVLNDFRAKLSKALALSA
RSLPVVQSDERLQPLLNHLSHSYIGQDFSSQSNTGKISLEQIDGFAAKSFPLCMRQLHKSLRENHHLRHGGRMQYGLFLK
GIGLTLEQALQFWRLEFTKGKVDSEKFDKVYAYSIRHNYGKEGKRTDYTPYSCMKVILSNPPSQGDYHGCPFRHSDPELL
KQKLQSFKVPSSGINQILELVKGMHYQLACQKYFELTHSVDDCGFSLNHPNQYFAESQKLLTGSREIKKEQTARDSPAVT
ASQLSSSSSSASIPKSQSSAPEMEDLEQIFSEY
;
C
4 'polypeptide(L)'
;GPHMDLSVYDPASLPDVLPLYYRRLFPFYQYFRWLNYGGVVKNYFQHREFSFTLKDDVYVRYQSFNNQSELEKEMQKMCP
YKIDIGAVYSHRPSLHNTVKSGTFQAQEKELVFDIDMTDYDDVRRCCSSADICPKCWTLMTIAVRILDRALAEDFGFKHR
LWVYSGRRGVHCWVCDDSARKLSQAERSAVAEYLSVVKGGEETIKKVQLPETIHPFIGKSLKMVERYFEKYALVDQDILE
NKQCWDKVIALVPEVARESLLREFSKARSSVERWDKLSSCLEATGKDFRRYSNIPKEIMLQFCYPRLDVNVSKGLNHLLK
SPFSVHPKTGRISVPIDCKKLDQFDPFSVPTISLICSELDNVSKKEEDEDSAGEGEPEAKKRTRDYKRTSLAPYIKVFEQ
FLDKLDQSRKGELLNKSDLKKEF
;
D
5 'polydeoxyribonucleotide'
;(DT)(DG)(DT)(DA)(DT)(DG)(DT)(DA)(DT)(DG)(DT)(DA)(DT)(DG)(DT)(DC)(DG)(DC)(DT)(DA)
(DA)(DG)(DT)(DT)(DC)(DA)(DC)(DG)(DC)(DA)(DG)(DT)(DA)(DT)(DC)(DC)(DT)(DG)(DT)(DA)
(DT)(DG)(DT)(DA)(DT)(DG)(DT)(DA)(DT)(DG)
;
E
6 'polydeoxyribonucleotide/polyribonucleotide hybrid' (GTP)GAUACUGC(DG)(DT)(DG)(DA)(DA)(DC)(DT)(DT)(DA)(DG)(DOC) F
#
# COMPACT_ATOMS: atom_id res chain seq x y z
N GLN A 8 13.02 75.68 39.52
CA GLN A 8 11.98 74.87 38.90
C GLN A 8 12.58 73.85 37.93
N VAL A 9 13.71 74.21 37.33
CA VAL A 9 14.38 73.31 36.39
C VAL A 9 14.78 72.03 37.12
N PHE A 10 14.68 70.90 36.42
CA PHE A 10 15.02 69.60 36.98
C PHE A 10 16.03 68.96 36.03
N ARG A 11 17.25 68.75 36.50
CA ARG A 11 18.32 68.23 35.68
C ARG A 11 18.68 66.82 36.12
N PHE A 12 18.70 65.89 35.16
CA PHE A 12 18.98 64.50 35.49
C PHE A 12 19.65 63.82 34.30
N TYR A 13 20.47 62.81 34.60
CA TYR A 13 21.20 62.06 33.59
C TYR A 13 20.42 60.79 33.29
N TRP A 14 20.00 60.61 32.05
CA TRP A 14 19.08 59.53 31.71
C TRP A 14 19.83 58.36 31.07
N LEU A 15 19.39 57.15 31.40
CA LEU A 15 20.04 55.94 30.91
C LEU A 15 19.12 55.06 30.08
N ASP A 16 17.92 54.75 30.57
CA ASP A 16 17.04 53.78 29.95
C ASP A 16 15.65 54.37 29.71
N ALA A 17 15.04 53.94 28.61
CA ALA A 17 13.69 54.36 28.25
C ALA A 17 12.84 53.13 27.96
N TYR A 18 11.66 53.06 28.58
CA TYR A 18 10.74 51.95 28.42
C TYR A 18 9.38 52.46 27.95
N GLU A 19 8.77 51.74 27.02
CA GLU A 19 7.48 52.14 26.47
C GLU A 19 6.58 50.93 26.35
N ASP A 20 5.27 51.20 26.38
CA ASP A 20 4.23 50.18 26.20
C ASP A 20 3.23 50.71 25.19
N GLN A 21 3.29 50.20 23.96
CA GLN A 21 2.46 50.72 22.88
C GLN A 21 0.99 50.36 23.05
N TYR A 22 0.65 49.49 24.00
CA TYR A 22 -0.73 49.07 24.21
C TYR A 22 -1.28 49.49 25.56
N SER A 23 -0.56 49.21 26.65
CA SER A 23 -1.09 49.52 27.98
C SER A 23 -1.36 51.02 28.12
N GLN A 24 -0.31 51.84 28.06
CA GLN A 24 -0.46 53.28 28.17
C GLN A 24 -0.07 53.92 26.83
N PRO A 25 -1.02 54.46 26.07
CA PRO A 25 -0.66 55.01 24.76
C PRO A 25 -0.09 56.42 24.90
N GLY A 26 0.89 56.71 24.06
CA GLY A 26 1.50 58.03 24.05
C GLY A 26 2.13 58.39 25.38
N VAL A 27 2.75 57.43 26.05
CA VAL A 27 3.44 57.65 27.31
C VAL A 27 4.79 56.96 27.23
N VAL A 28 5.87 57.72 27.45
CA VAL A 28 7.22 57.19 27.39
C VAL A 28 7.92 57.51 28.70
N TYR A 29 8.49 56.48 29.33
CA TYR A 29 9.19 56.66 30.59
C TYR A 29 10.68 56.80 30.33
N LEU A 30 11.31 57.74 31.04
CA LEU A 30 12.75 57.93 31.01
C LEU A 30 13.28 57.72 32.41
N PHE A 31 14.15 56.74 32.59
CA PHE A 31 14.76 56.44 33.86
C PHE A 31 16.17 57.01 33.92
N GLY A 32 16.56 57.46 35.09
CA GLY A 32 17.90 58.02 35.22
C GLY A 32 18.24 58.36 36.65
N LYS A 33 19.26 59.17 36.80
CA LYS A 33 19.75 59.60 38.10
C LYS A 33 19.63 61.11 38.23
N VAL A 34 19.36 61.58 39.45
CA VAL A 34 19.27 62.99 39.74
C VAL A 34 19.98 63.28 41.05
N TRP A 35 20.53 64.50 41.15
CA TRP A 35 21.30 64.90 42.31
C TRP A 35 20.39 65.34 43.44
N ILE A 36 20.73 64.96 44.67
CA ILE A 36 20.01 65.38 45.86
C ILE A 36 21.02 65.81 46.91
N GLU A 37 20.87 67.04 47.41
CA GLU A 37 21.80 67.55 48.41
C GLU A 37 21.51 66.96 49.79
N SER A 38 20.24 66.75 50.11
CA SER A 38 19.89 66.23 51.44
C SER A 38 20.64 64.92 51.70
N ALA A 39 20.54 63.97 50.78
CA ALA A 39 21.33 62.76 50.87
C ALA A 39 22.74 62.94 50.31
N ASP A 40 23.01 64.07 49.67
CA ASP A 40 24.33 64.33 49.09
C ASP A 40 24.73 63.20 48.15
N ALA A 41 23.78 62.76 47.33
CA ALA A 41 23.98 61.59 46.50
C ALA A 41 23.10 61.65 45.27
N TYR A 42 23.41 60.79 44.31
CA TYR A 42 22.55 60.60 43.14
C TYR A 42 21.53 59.52 43.46
N VAL A 43 20.27 59.78 43.12
CA VAL A 43 19.19 58.85 43.37
C VAL A 43 18.43 58.59 42.07
N SER A 44 17.88 57.40 41.96
CA SER A 44 17.17 57.00 40.76
C SER A 44 15.83 57.72 40.69
N CYS A 45 15.43 58.03 39.46
CA CYS A 45 14.17 58.74 39.23
C CYS A 45 13.61 58.32 37.88
N CYS A 46 12.30 58.53 37.73
CA CYS A 46 11.59 58.20 36.49
C CYS A 46 10.71 59.37 36.12
N VAL A 47 10.93 59.91 34.91
CA VAL A 47 10.15 61.02 34.37
C VAL A 47 9.27 60.46 33.26
N SER A 48 7.97 60.64 33.38
CA SER A 48 7.00 60.04 32.46
C SER A 48 6.52 61.10 31.47
N VAL A 49 7.23 61.20 30.33
CA VAL A 49 6.81 62.11 29.28
C VAL A 49 5.46 61.62 28.74
N LYS A 50 4.42 62.39 28.98
CA LYS A 50 3.07 62.06 28.53
C LYS A 50 2.69 62.95 27.35
N ASN A 51 1.52 62.65 26.77
CA ASN A 51 0.98 63.45 25.68
C ASN A 51 1.98 63.55 24.52
N ILE A 52 2.56 62.41 24.15
CA ILE A 52 3.51 62.36 23.04
C ILE A 52 2.69 62.20 21.77
N GLU A 53 2.23 63.32 21.23
CA GLU A 53 1.31 63.30 20.11
C GLU A 53 1.90 62.54 18.92
N ARG A 54 1.10 61.66 18.34
CA ARG A 54 1.48 61.03 17.08
C ARG A 54 1.54 62.07 15.98
N THR A 55 2.48 61.88 15.06
CA THR A 55 2.66 62.77 13.93
C THR A 55 2.63 61.96 12.63
N VAL A 56 2.09 62.57 11.59
CA VAL A 56 1.98 61.92 10.28
C VAL A 56 2.15 63.00 9.22
N TYR A 57 2.96 62.70 8.21
CA TYR A 57 3.26 63.63 7.14
C TYR A 57 2.53 63.17 5.89
N LEU A 58 1.69 64.04 5.35
CA LEU A 58 0.91 63.71 4.17
C LEU A 58 1.52 64.37 2.95
N LEU A 59 1.72 63.58 1.90
CA LEU A 59 2.39 64.05 0.71
C LEU A 59 1.34 64.54 -0.27
N PRO A 60 1.27 65.83 -0.57
CA PRO A 60 0.28 66.30 -1.55
C PRO A 60 0.56 65.76 -2.93
N ARG A 61 -0.50 65.56 -3.70
CA ARG A 61 -0.38 65.08 -5.06
C ARG A 61 -0.12 66.26 -6.00
N GLU A 62 0.27 65.94 -7.22
CA GLU A 62 0.49 66.99 -8.21
C GLU A 62 -0.84 67.53 -8.74
N ASN A 63 -1.83 66.66 -8.91
CA ASN A 63 -3.13 67.07 -9.41
C ASN A 63 -4.18 66.12 -8.88
N ARG A 64 -5.43 66.55 -8.93
CA ARG A 64 -6.53 65.79 -8.36
C ARG A 64 -6.71 64.48 -9.11
N VAL A 65 -6.98 63.41 -8.36
CA VAL A 65 -7.22 62.08 -8.90
C VAL A 65 -8.57 61.61 -8.38
N GLN A 66 -9.40 61.10 -9.30
CA GLN A 66 -10.77 60.70 -8.99
C GLN A 66 -10.79 59.33 -8.31
N LEU A 67 -10.25 59.31 -7.09
CA LEU A 67 -10.25 58.09 -6.26
C LEU A 67 -9.62 56.92 -7.00
N SER A 68 -8.61 57.18 -7.82
CA SER A 68 -7.88 56.19 -8.59
C SER A 68 -8.73 55.57 -9.68
N THR A 69 -9.99 56.00 -9.86
CA THR A 69 -10.87 55.45 -10.88
C THR A 69 -10.72 56.23 -12.18
N GLY A 70 -10.93 57.53 -12.14
CA GLY A 70 -10.78 58.36 -13.31
C GLY A 70 -9.37 58.81 -13.61
N LYS A 71 -8.40 58.36 -12.83
CA LYS A 71 -7.01 58.75 -13.03
C LYS A 71 -6.83 60.24 -12.77
N ASP A 72 -5.68 60.79 -13.15
CA ASP A 72 -5.41 62.19 -12.89
C ASP A 72 -6.39 63.05 -13.70
N THR A 73 -6.80 64.18 -13.11
CA THR A 73 -7.70 65.10 -13.77
C THR A 73 -7.08 66.45 -14.09
N GLY A 74 -5.91 66.76 -13.53
CA GLY A 74 -5.24 68.01 -13.83
C GLY A 74 -5.60 69.15 -12.90
N ALA A 75 -6.57 68.97 -12.02
CA ALA A 75 -6.95 70.04 -11.10
C ALA A 75 -5.86 70.24 -10.07
N PRO A 76 -5.28 71.43 -9.94
CA PRO A 76 -4.24 71.63 -8.94
C PRO A 76 -4.77 71.45 -7.52
N VAL A 77 -3.89 71.01 -6.64
CA VAL A 77 -4.21 70.79 -5.23
C VAL A 77 -3.22 71.60 -4.40
N SER A 78 -3.74 72.33 -3.43
CA SER A 78 -2.91 73.16 -2.55
C SER A 78 -3.07 72.68 -1.12
N MET A 79 -2.37 73.36 -0.21
CA MET A 79 -2.40 72.95 1.20
C MET A 79 -3.81 73.05 1.75
N MET A 80 -4.53 74.10 1.38
CA MET A 80 -5.89 74.26 1.90
C MET A 80 -6.76 73.08 1.49
N HIS A 81 -6.64 72.63 0.24
CA HIS A 81 -7.43 71.49 -0.21
C HIS A 81 -7.05 70.24 0.57
N VAL A 82 -5.76 70.04 0.83
CA VAL A 82 -5.34 68.87 1.59
C VAL A 82 -5.91 68.92 3.00
N TYR A 83 -5.87 70.10 3.63
CA TYR A 83 -6.44 70.23 4.96
C TYR A 83 -7.93 69.94 4.95
N GLN A 84 -8.64 70.46 3.95
CA GLN A 84 -10.08 70.19 3.85
C GLN A 84 -10.33 68.70 3.69
N GLU A 85 -9.57 68.04 2.83
CA GLU A 85 -9.77 66.61 2.61
C GLU A 85 -9.54 65.82 3.88
N PHE A 86 -8.48 66.15 4.61
CA PHE A 86 -8.20 65.40 5.83
C PHE A 86 -9.24 65.71 6.91
N ASN A 87 -9.78 66.93 6.91
CA ASN A 87 -10.73 67.30 7.94
C ASN A 87 -12.10 66.68 7.67
N GLU A 88 -12.47 66.56 6.40
CA GLU A 88 -13.80 66.06 6.05
C GLU A 88 -13.82 64.54 5.92
N ALA A 89 -13.01 63.98 5.01
CA ALA A 89 -13.12 62.55 4.74
C ALA A 89 -12.37 61.72 5.76
N VAL A 90 -11.06 61.91 5.86
CA VAL A 90 -10.24 61.03 6.70
C VAL A 90 -10.65 61.13 8.16
N ALA A 91 -10.82 62.36 8.65
CA ALA A 91 -11.10 62.56 10.07
C ALA A 91 -12.40 61.88 10.46
N GLU A 92 -13.45 62.09 9.67
CA GLU A 92 -14.73 61.44 9.98
C GLU A 92 -14.66 59.94 9.82
N LYS A 93 -13.97 59.46 8.78
CA LYS A 93 -13.94 58.03 8.50
C LYS A 93 -13.27 57.26 9.62
N TYR A 94 -12.16 57.77 10.15
CA TYR A 94 -11.34 57.04 11.11
C TYR A 94 -11.60 57.43 12.56
N LYS A 95 -12.61 58.25 12.83
CA LYS A 95 -12.93 58.69 14.19
C LYS A 95 -11.76 59.44 14.83
N ILE A 96 -11.39 60.55 14.19
CA ILE A 96 -10.34 61.43 14.68
C ILE A 96 -10.98 62.78 14.99
N MET A 97 -10.83 63.23 16.22
CA MET A 97 -11.54 64.42 16.70
C MET A 97 -10.71 65.70 16.55
N LYS A 98 -9.54 65.75 17.19
CA LYS A 98 -8.73 66.94 17.23
C LYS A 98 -7.37 66.67 16.60
N PHE A 99 -6.92 67.61 15.77
CA PHE A 99 -5.62 67.50 15.14
C PHE A 99 -5.10 68.90 14.85
N LYS A 100 -3.77 69.01 14.74
CA LYS A 100 -3.12 70.27 14.45
C LYS A 100 -2.29 70.09 13.19
N SER A 101 -2.40 71.05 12.27
CA SER A 101 -1.83 70.92 10.94
C SER A 101 -0.90 72.08 10.64
N LYS A 102 0.14 71.80 9.84
CA LYS A 102 1.03 72.84 9.36
C LYS A 102 1.68 72.35 8.07
N LYS A 103 2.34 73.26 7.37
CA LYS A 103 3.04 72.95 6.13
C LYS A 103 4.54 72.91 6.40
N VAL A 104 5.19 71.80 6.04
CA VAL A 104 6.61 71.61 6.29
C VAL A 104 7.26 71.16 4.98
N ASP A 105 8.28 71.88 4.55
CA ASP A 105 9.02 71.53 3.34
C ASP A 105 10.16 70.60 3.73
N LYS A 106 10.15 69.38 3.18
CA LYS A 106 11.14 68.38 3.54
C LYS A 106 11.60 67.63 2.29
N ASP A 107 12.79 67.07 2.38
CA ASP A 107 13.40 66.29 1.31
C ASP A 107 13.37 64.82 1.65
N TYR A 108 13.30 63.98 0.62
CA TYR A 108 13.13 62.55 0.79
C TYR A 108 14.05 61.79 -0.15
N ALA A 109 14.77 60.80 0.38
CA ALA A 109 15.60 59.91 -0.44
C ALA A 109 15.65 58.55 0.25
N PHE A 110 14.75 57.67 -0.14
CA PHE A 110 14.67 56.31 0.38
C PHE A 110 13.95 55.43 -0.65
N GLU A 111 13.65 54.19 -0.25
CA GLU A 111 13.19 53.17 -1.19
C GLU A 111 11.67 53.17 -1.29
N ILE A 112 11.16 54.15 -2.03
CA ILE A 112 9.74 54.23 -2.38
C ILE A 112 9.69 54.95 -3.72
N PRO A 113 8.84 54.54 -4.66
CA PRO A 113 8.85 55.16 -5.98
C PRO A 113 7.90 56.35 -6.10
N ASP A 114 8.24 57.23 -7.04
CA ASP A 114 7.41 58.37 -7.39
C ASP A 114 7.13 59.23 -6.15
N VAL A 115 8.16 59.41 -5.33
CA VAL A 115 8.10 60.33 -4.19
C VAL A 115 9.09 61.46 -4.46
N PRO A 116 8.64 62.67 -4.75
CA PRO A 116 9.57 63.73 -5.17
C PRO A 116 10.63 63.99 -4.11
N ALA A 117 11.81 64.37 -4.58
CA ALA A 117 12.96 64.53 -3.70
C ALA A 117 12.73 65.59 -2.62
N SER A 118 12.14 66.73 -2.99
CA SER A 118 11.91 67.82 -2.04
C SER A 118 10.53 68.41 -2.26
N SER A 119 9.62 68.19 -1.30
CA SER A 119 8.23 68.57 -1.45
C SER A 119 7.72 69.18 -0.16
N GLU A 120 6.59 69.87 -0.28
CA GLU A 120 5.95 70.58 0.84
C GLU A 120 4.88 69.67 1.43
N TYR A 121 5.30 68.81 2.36
CA TYR A 121 4.35 67.93 3.02
C TYR A 121 3.47 68.71 3.97
N LEU A 122 2.34 68.11 4.32
CA LEU A 122 1.43 68.66 5.34
C LEU A 122 1.57 67.79 6.59
N GLU A 123 2.12 68.37 7.64
CA GLU A 123 2.27 67.66 8.90
C GLU A 123 0.97 67.77 9.69
N VAL A 124 0.52 66.64 10.24
CA VAL A 124 -0.68 66.58 11.06
C VAL A 124 -0.35 65.79 12.32
N ARG A 125 -0.63 66.39 13.47
CA ARG A 125 -0.40 65.76 14.76
C ARG A 125 -1.73 65.54 15.45
N TYR A 126 -1.86 64.36 16.08
CA TYR A 126 -3.06 64.04 16.84
C TYR A 126 -2.69 63.13 17.99
N SER A 127 -3.56 63.11 19.00
CA SER A 127 -3.25 62.42 20.25
C SER A 127 -3.07 60.93 20.00
N ALA A 128 -2.23 60.31 20.83
CA ALA A 128 -1.93 58.90 20.66
C ALA A 128 -3.16 58.03 20.85
N ASP A 129 -4.00 58.37 21.84
CA ASP A 129 -5.12 57.50 22.17
C ASP A 129 -6.05 57.28 20.99
N SER A 130 -6.18 58.27 20.10
CA SER A 130 -7.06 58.12 18.97
C SER A 130 -6.54 57.03 18.02
N PRO A 131 -7.42 56.43 17.23
CA PRO A 131 -6.99 55.37 16.31
C PRO A 131 -5.88 55.84 15.39
N GLN A 132 -5.24 54.87 14.75
CA GLN A 132 -4.07 55.10 13.91
C GLN A 132 -4.45 54.94 12.45
N LEU A 133 -3.92 55.81 11.60
CA LEU A 133 -4.18 55.71 10.18
C LEU A 133 -3.50 54.47 9.60
N PRO A 134 -3.98 53.98 8.46
CA PRO A 134 -3.34 52.84 7.82
C PRO A 134 -2.25 53.25 6.83
N GLN A 135 -1.31 52.32 6.64
CA GLN A 135 -0.12 52.63 5.85
C GLN A 135 -0.47 52.99 4.41
N ASP A 136 -1.39 52.27 3.79
CA ASP A 136 -1.70 52.45 2.39
C ASP A 136 -2.72 53.56 2.14
N LEU A 137 -3.21 54.21 3.19
CA LEU A 137 -4.24 55.22 3.07
C LEU A 137 -3.91 56.21 1.95
N LYS A 138 -4.81 56.31 0.97
CA LYS A 138 -4.66 57.22 -0.15
C LYS A 138 -5.98 57.96 -0.37
N GLY A 139 -5.86 59.20 -0.85
CA GLY A 139 -7.02 60.01 -1.15
C GLY A 139 -6.96 60.65 -2.51
N GLU A 140 -7.84 61.61 -2.77
CA GLU A 140 -7.85 62.33 -4.04
C GLU A 140 -6.84 63.47 -4.08
N THR A 141 -6.29 63.85 -2.92
CA THR A 141 -5.35 64.96 -2.85
C THR A 141 -3.96 64.55 -2.42
N PHE A 142 -3.80 63.40 -1.77
CA PHE A 142 -2.49 62.93 -1.32
C PHE A 142 -2.27 61.50 -1.78
N SER A 143 -1.00 61.13 -1.89
CA SER A 143 -0.62 59.84 -2.45
C SER A 143 0.08 58.93 -1.46
N HIS A 144 0.32 59.38 -0.22
CA HIS A 144 1.02 58.54 0.74
C HIS A 144 0.96 59.17 2.11
N VAL A 145 0.95 58.32 3.13
CA VAL A 145 1.01 58.75 4.53
C VAL A 145 2.22 58.04 5.14
N PHE A 146 3.07 58.80 5.81
CA PHE A 146 4.26 58.27 6.45
C PHE A 146 4.16 58.35 7.96
N GLY A 147 5.24 57.95 8.63
CA GLY A 147 5.38 58.09 10.07
C GLY A 147 4.16 57.65 10.85
N THR A 148 3.34 56.79 10.24
CA THR A 148 2.11 56.37 10.89
C THR A 148 2.41 55.54 12.13
N ASN A 149 3.33 54.58 12.02
CA ASN A 149 3.59 53.64 13.10
C ASN A 149 4.81 54.04 13.93
N THR A 150 5.35 55.23 13.72
CA THR A 150 6.51 55.67 14.47
C THR A 150 6.23 55.59 15.97
N SER A 151 6.98 54.74 16.67
CA SER A 151 6.73 54.55 18.08
C SER A 151 6.90 55.86 18.83
N SER A 152 6.24 55.96 19.98
CA SER A 152 6.30 57.19 20.76
C SER A 152 7.73 57.49 21.20
N LEU A 153 8.45 56.47 21.66
CA LEU A 153 9.83 56.70 22.10
C LEU A 153 10.67 57.22 20.96
N GLU A 154 10.52 56.62 19.78
CA GLU A 154 11.30 57.05 18.63
C GLU A 154 10.98 58.49 18.25
N LEU A 155 9.69 58.84 18.30
CA LEU A 155 9.31 60.21 17.97
C LEU A 155 9.92 61.20 18.96
N PHE A 156 9.83 60.89 20.26
CA PHE A 156 10.37 61.81 21.25
C PHE A 156 11.88 61.97 21.08
N LEU A 157 12.59 60.84 20.97
CA LEU A 157 14.04 60.88 20.82
C LEU A 157 14.43 61.70 19.60
N LEU A 158 13.92 61.34 18.43
CA LEU A 158 14.33 62.04 17.21
C LEU A 158 13.96 63.51 17.28
N SER A 159 12.74 63.82 17.69
CA SER A 159 12.28 65.20 17.65
C SER A 159 13.09 66.08 18.59
N ARG A 160 13.36 65.61 19.80
CA ARG A 160 14.09 66.44 20.76
C ARG A 160 15.60 66.41 20.57
N LYS A 161 16.12 65.59 19.67
CA LYS A 161 17.54 65.56 19.31
C LYS A 161 18.39 64.85 20.34
N ILE A 162 17.80 64.16 21.31
CA ILE A 162 18.58 63.41 22.29
C ILE A 162 19.31 62.27 21.59
N LYS A 163 20.61 62.14 21.86
CA LYS A 163 21.45 61.11 21.27
C LYS A 163 22.22 60.39 22.37
N GLY A 164 21.66 59.29 22.86
CA GLY A 164 22.34 58.48 23.85
C GLY A 164 22.27 59.09 25.23
N PRO A 165 22.76 58.35 26.23
CA PRO A 165 22.69 58.87 27.61
C PRO A 165 23.35 60.22 27.72
N SER A 166 22.69 61.12 28.44
CA SER A 166 23.18 62.49 28.59
C SER A 166 22.39 63.15 29.72
N TRP A 167 22.74 64.41 29.99
CA TRP A 167 22.07 65.23 30.99
C TRP A 167 20.94 66.01 30.32
N LEU A 168 19.74 65.88 30.86
CA LEU A 168 18.55 66.53 30.34
C LEU A 168 17.96 67.46 31.41
N GLU A 169 17.43 68.59 30.94
CA GLU A 169 16.80 69.59 31.77
C GLU A 169 15.30 69.62 31.47
N ILE A 170 14.49 69.69 32.53
CA ILE A 170 13.05 69.65 32.45
C ILE A 170 12.50 70.93 33.05
N LYS A 171 11.55 71.56 32.35
CA LYS A 171 10.92 72.79 32.79
C LYS A 171 9.53 72.51 33.32
N SER A 172 9.25 73.00 34.52
CA SER A 172 7.93 72.86 35.14
C SER A 172 7.56 71.39 35.32
N PRO A 173 8.30 70.64 36.14
CA PRO A 173 7.88 69.28 36.46
C PRO A 173 6.62 69.27 37.33
N GLN A 174 5.86 68.19 37.20
CA GLN A 174 4.62 67.99 37.95
C GLN A 174 4.74 66.71 38.75
N LEU A 175 4.49 66.79 40.05
CA LEU A 175 4.52 65.60 40.88
C LEU A 175 3.43 64.63 40.45
N SER A 176 3.77 63.35 40.44
CA SER A 176 2.80 62.31 40.06
C SER A 176 1.72 62.19 41.12
N SER A 177 0.48 61.99 40.66
CA SER A 177 -0.64 61.86 41.60
C SER A 177 -0.46 60.65 42.51
N GLN A 178 -0.09 59.52 41.94
CA GLN A 178 0.15 58.28 42.69
C GLN A 178 1.45 57.65 42.24
N PRO A 179 2.07 56.83 43.09
CA PRO A 179 3.33 56.18 42.70
C PRO A 179 3.14 55.36 41.42
N MET A 180 4.13 55.45 40.54
CA MET A 180 4.09 54.71 39.28
C MET A 180 5.35 53.88 39.13
N SER A 181 6.45 54.33 39.72
CA SER A 181 7.74 53.65 39.62
C SER A 181 8.29 53.40 41.01
N TRP A 182 9.26 52.49 41.07
CA TRP A 182 9.88 52.08 42.33
C TRP A 182 11.04 52.97 42.75
N CYS A 183 11.37 54.00 41.98
CA CYS A 183 12.49 54.87 42.30
C CYS A 183 12.12 55.83 43.42
N LYS A 184 13.11 56.60 43.86
CA LYS A 184 12.96 57.50 45.01
C LYS A 184 12.56 58.91 44.61
N VAL A 185 12.39 59.20 43.32
CA VAL A 185 11.94 60.50 42.87
C VAL A 185 11.16 60.32 41.58
N GLU A 186 10.02 61.00 41.48
CA GLU A 186 9.15 60.90 40.31
C GLU A 186 8.80 62.30 39.83
N ALA A 187 8.82 62.47 38.51
CA ALA A 187 8.44 63.72 37.87
C ALA A 187 7.57 63.42 36.67
N VAL A 188 6.72 64.39 36.32
CA VAL A 188 5.80 64.26 35.19
C VAL A 188 6.04 65.42 34.24
N VAL A 189 6.25 65.09 32.97
CA VAL A 189 6.45 66.09 31.91
C VAL A 189 5.20 66.09 31.04
N THR A 190 4.56 67.25 30.92
CA THR A 190 3.28 67.34 30.23
C THR A 190 3.41 67.47 28.71
N ARG A 191 4.61 67.73 28.19
CA ARG A 191 4.78 67.86 26.75
C ARG A 191 6.22 67.54 26.41
N PRO A 192 6.48 67.05 25.19
CA PRO A 192 7.88 66.80 24.80
C PRO A 192 8.72 68.05 24.65
N ASP A 193 8.11 69.22 24.51
CA ASP A 193 8.87 70.44 24.27
C ASP A 193 9.47 71.02 25.54
N GLN A 194 9.14 70.48 26.70
CA GLN A 194 9.64 70.98 27.98
C GLN A 194 10.97 70.34 28.37
N VAL A 195 11.46 69.37 27.60
CA VAL A 195 12.66 68.61 27.93
C VAL A 195 13.72 68.97 26.91
N SER A 196 14.89 69.40 27.39
CA SER A 196 16.01 69.73 26.54
C SER A 196 17.25 69.01 27.05
N VAL A 197 18.34 69.13 26.30
CA VAL A 197 19.59 68.47 26.62
C VAL A 197 20.64 69.52 26.94
N VAL A 198 21.40 69.28 27.99
CA VAL A 198 22.49 70.16 28.41
C VAL A 198 23.81 69.46 28.11
N LYS A 199 24.76 70.21 27.56
CA LYS A 199 26.03 69.69 27.12
C LYS A 199 27.13 70.03 28.12
N ASP A 200 28.29 69.40 27.93
CA ASP A 200 29.50 69.70 28.69
C ASP A 200 29.27 69.46 30.19
N LEU A 201 29.05 68.19 30.52
CA LEU A 201 28.97 67.78 31.91
C LEU A 201 29.49 66.36 32.04
N ALA A 202 29.91 66.02 33.25
CA ALA A 202 30.56 64.74 33.51
C ALA A 202 29.50 63.66 33.76
N PRO A 203 29.56 62.52 33.08
CA PRO A 203 28.63 61.43 33.40
C PRO A 203 28.77 61.02 34.86
N PRO A 204 27.68 60.68 35.52
CA PRO A 204 27.76 60.39 36.95
C PRO A 204 28.02 58.91 37.20
N PRO A 205 28.43 58.57 38.41
CA PRO A 205 28.61 57.16 38.75
C PRO A 205 27.29 56.43 38.77
N VAL A 206 27.35 55.12 38.54
CA VAL A 206 26.17 54.27 38.52
C VAL A 206 26.38 53.17 39.54
N VAL A 207 25.31 52.44 39.80
CA VAL A 207 25.34 51.29 40.70
C VAL A 207 25.29 50.04 39.84
N VAL A 208 26.26 49.16 40.02
CA VAL A 208 26.40 47.95 39.21
C VAL A 208 26.30 46.75 40.13
N LEU A 209 25.40 45.84 39.78
CA LEU A 209 25.14 44.64 40.58
C LEU A 209 25.37 43.42 39.69
N SER A 210 26.38 42.63 40.03
CA SER A 210 26.67 41.39 39.34
C SER A 210 26.09 40.25 40.16
N LEU A 211 25.25 39.42 39.52
CA LEU A 211 24.55 38.37 40.24
C LEU A 211 24.91 37.02 39.65
N SER A 212 24.93 36.01 40.53
CA SER A 212 25.23 34.65 40.15
C SER A 212 24.33 33.72 40.95
N MET A 213 23.64 32.83 40.26
CA MET A 213 22.67 31.93 40.87
C MET A 213 23.05 30.49 40.58
N LYS A 214 23.03 29.66 41.61
CA LYS A 214 23.18 28.22 41.48
C LYS A 214 21.81 27.58 41.67
N THR A 215 21.42 26.75 40.71
CA THR A 215 20.09 26.16 40.67
C THR A 215 20.21 24.64 40.53
N VAL A 216 19.19 23.95 41.04
CA VAL A 216 19.09 22.50 40.96
C VAL A 216 17.81 22.17 40.22
N GLN A 217 17.91 21.29 39.22
CA GLN A 217 16.75 20.97 38.40
C GLN A 217 15.89 19.94 39.11
N ASN A 218 14.61 20.25 39.24
CA ASN A 218 13.68 19.36 39.93
C ASN A 218 13.61 18.02 39.23
N ALA A 219 13.67 16.95 40.02
CA ALA A 219 13.65 15.60 39.45
C ALA A 219 12.24 15.23 39.00
N LYS A 220 11.25 15.43 39.87
CA LYS A 220 9.90 15.01 39.54
C LYS A 220 9.31 15.89 38.44
N THR A 221 9.43 17.20 38.58
CA THR A 221 8.79 18.12 37.67
C THR A 221 9.65 18.46 36.46
N HIS A 222 10.93 18.07 36.45
CA HIS A 222 11.81 18.35 35.33
C HIS A 222 11.86 19.85 35.05
N GLN A 223 12.10 20.61 36.11
CA GLN A 223 12.23 22.06 36.00
C GLN A 223 13.33 22.51 36.96
N ASN A 224 13.54 23.82 37.03
CA ASN A 224 14.65 24.40 37.77
C ASN A 224 14.14 25.08 39.04
N GLU A 225 14.86 24.85 40.14
CA GLU A 225 14.56 25.50 41.42
C GLU A 225 15.86 26.09 41.97
N ILE A 226 15.92 27.43 42.03
CA ILE A 226 17.13 28.10 42.49
C ILE A 226 17.41 27.67 43.92
N VAL A 227 18.69 27.54 44.25
CA VAL A 227 19.08 27.11 45.59
C VAL A 227 20.01 28.12 46.24
N ALA A 228 20.74 28.87 45.43
CA ALA A 228 21.62 29.89 46.00
C ALA A 228 21.71 31.08 45.06
N ILE A 229 21.79 32.28 45.62
CA ILE A 229 21.86 33.50 44.84
C ILE A 229 22.81 34.45 45.56
N ALA A 230 23.84 34.89 44.87
CA ALA A 230 24.79 35.84 45.41
C ALA A 230 24.90 37.02 44.48
N ALA A 231 25.20 38.19 45.04
CA ALA A 231 25.35 39.38 44.22
C ALA A 231 26.39 40.27 44.86
N LEU A 232 27.14 40.96 44.00
CA LEU A 232 28.13 41.94 44.41
C LEU A 232 27.74 43.27 43.79
N VAL A 233 27.64 44.30 44.62
CA VAL A 233 27.15 45.61 44.18
C VAL A 233 28.23 46.63 44.47
N HIS A 234 28.48 47.50 43.48
CA HIS A 234 29.34 48.66 43.62
C HIS A 234 28.46 49.89 43.43
N HIS A 235 28.58 50.85 44.35
CA HIS A 235 27.66 51.98 44.37
C HIS A 235 28.18 53.19 43.62
N THR A 236 29.38 53.14 43.05
CA THR A 236 29.92 54.32 42.38
C THR A 236 30.66 53.95 41.11
N PHE A 237 30.32 52.84 40.48
CA PHE A 237 31.05 52.38 39.30
C PHE A 237 31.03 53.49 38.26
N PRO A 238 32.17 54.14 37.99
CA PRO A 238 32.17 55.25 37.02
C PRO A 238 31.97 54.74 35.60
N LEU A 239 31.69 55.70 34.71
CA LEU A 239 31.48 55.42 33.30
C LEU A 239 32.30 56.33 32.39
N ASP A 240 33.19 57.15 32.94
CA ASP A 240 34.04 58.01 32.13
C ASP A 240 35.49 57.95 32.55
N LYS A 241 35.85 57.09 33.49
CA LYS A 241 37.22 56.90 33.93
C LYS A 241 37.53 55.41 33.91
N ALA A 242 38.72 55.06 34.37
CA ALA A 242 39.12 53.67 34.40
C ALA A 242 38.30 52.91 35.43
N PRO A 243 38.18 51.60 35.29
CA PRO A 243 37.41 50.83 36.26
C PRO A 243 38.02 50.95 37.65
N PRO A 244 37.19 50.98 38.68
CA PRO A 244 37.72 51.13 40.04
C PRO A 244 38.33 49.84 40.57
N GLN A 245 39.31 50.02 41.45
CA GLN A 245 39.98 48.89 42.10
C GLN A 245 39.91 49.13 43.60
N PRO A 246 39.31 48.22 44.38
CA PRO A 246 38.73 46.93 43.97
C PRO A 246 37.43 47.12 43.20
N PRO A 247 37.11 46.20 42.29
CA PRO A 247 35.92 46.39 41.44
C PRO A 247 34.62 46.47 42.23
N PHE A 248 34.50 45.74 43.33
CA PHE A 248 33.25 45.62 44.06
C PHE A 248 33.37 46.20 45.46
N GLN A 249 32.31 46.88 45.90
CA GLN A 249 32.31 47.55 47.19
C GLN A 249 31.62 46.74 48.28
N THR A 250 30.46 46.17 48.01
CA THR A 250 29.78 45.33 48.98
C THR A 250 29.06 44.20 48.26
N HIS A 251 28.36 43.37 49.01
CA HIS A 251 27.75 42.17 48.45
C HIS A 251 26.68 41.65 49.39
N PHE A 252 25.85 40.74 48.87
CA PHE A 252 24.88 40.03 49.68
C PHE A 252 24.69 38.63 49.12
N CYS A 253 24.61 37.64 50.00
CA CYS A 253 24.44 36.24 49.65
C CYS A 253 23.20 35.66 50.33
N VAL A 254 22.49 34.80 49.62
CA VAL A 254 21.30 34.14 50.15
C VAL A 254 21.32 32.68 49.69
N LEU A 255 20.97 31.78 50.61
CA LEU A 255 20.95 30.35 50.34
C LEU A 255 19.63 29.77 50.85
N SER A 256 19.02 28.92 50.04
CA SER A 256 17.73 28.30 50.35
C SER A 256 17.91 26.80 50.52
N LYS A 257 17.47 26.28 51.66
CA LYS A 257 17.52 24.85 51.89
C LYS A 257 16.63 24.12 50.89
N LEU A 258 17.07 22.95 50.44
CA LEU A 258 16.30 22.18 49.47
C LEU A 258 14.98 21.73 50.09
N ASN A 259 13.96 21.61 49.24
CA ASN A 259 12.64 21.21 49.72
C ASN A 259 12.66 19.83 50.35
N ASP A 260 13.56 18.96 49.90
CA ASP A 260 13.66 17.60 50.43
C ASP A 260 14.80 17.42 51.41
N CYS A 261 16.00 17.88 51.04
CA CYS A 261 17.15 17.72 51.91
C CYS A 261 17.03 18.66 53.12
N ILE A 262 17.80 18.34 54.18
CA ILE A 262 17.82 19.12 55.40
C ILE A 262 19.25 19.48 55.73
N PHE A 263 19.42 20.55 56.50
CA PHE A 263 20.75 21.01 56.87
C PHE A 263 21.43 19.95 57.74
N PRO A 264 22.78 19.92 57.75
CA PRO A 264 23.51 18.93 58.52
C PRO A 264 23.68 19.29 60.00
N TYR A 265 22.57 19.72 60.61
CA TYR A 265 22.52 20.00 62.05
C TYR A 265 23.62 20.97 62.50
N ASP A 266 24.25 21.68 61.56
CA ASP A 266 25.32 22.60 61.91
C ASP A 266 25.27 23.89 61.11
N TYR A 267 24.23 24.11 60.30
CA TYR A 267 24.19 25.29 59.44
C TYR A 267 24.22 26.57 60.27
N ASN A 268 23.51 26.59 61.39
CA ASN A 268 23.48 27.79 62.23
C ASN A 268 24.88 28.15 62.71
N GLU A 269 25.59 27.18 63.29
CA GLU A 269 26.93 27.46 63.81
C GLU A 269 27.88 27.84 62.68
N ALA A 270 27.80 27.15 61.55
CA ALA A 270 28.69 27.46 60.42
C ALA A 270 28.47 28.88 59.94
N VAL A 271 27.20 29.29 59.79
CA VAL A 271 26.92 30.65 59.35
C VAL A 271 27.38 31.67 60.40
N LYS A 272 27.13 31.37 61.68
CA LYS A 272 27.53 32.31 62.73
C LYS A 272 29.04 32.52 62.75
N GLN A 273 29.81 31.43 62.61
CA GLN A 273 31.26 31.55 62.60
C GLN A 273 31.80 32.08 61.28
N LYS A 274 31.03 32.01 60.20
CA LYS A 274 31.49 32.51 58.91
C LYS A 274 31.29 34.01 58.81
N ASN A 275 30.03 34.46 58.86
CA ASN A 275 29.69 35.87 58.74
C ASN A 275 28.19 36.00 58.96
N ALA A 276 27.75 37.24 59.17
CA ALA A 276 26.34 37.57 59.31
C ALA A 276 25.76 38.24 58.06
N ASN A 277 26.47 38.17 56.94
CA ASN A 277 26.04 38.82 55.71
C ASN A 277 25.28 37.87 54.79
N ILE A 278 25.00 36.65 55.24
CA ILE A 278 24.35 35.63 54.42
C ILE A 278 22.96 35.38 54.99
N GLU A 279 21.97 35.25 54.10
CA GLU A 279 20.59 35.05 54.49
C GLU A 279 20.18 33.61 54.20
N ILE A 280 19.74 32.90 55.24
CA ILE A 280 19.20 31.55 55.09
C ILE A 280 17.70 31.66 54.90
N ALA A 281 17.20 31.11 53.80
CA ALA A 281 15.78 31.13 53.46
C ALA A 281 15.23 29.72 53.53
N LEU A 282 14.06 29.56 54.15
CA LEU A 282 13.48 28.25 54.32
C LEU A 282 12.91 27.70 53.01
N THR A 283 12.60 28.57 52.05
CA THR A 283 12.01 28.13 50.79
C THR A 283 12.53 29.01 49.67
N GLU A 284 12.17 28.66 48.44
CA GLU A 284 12.47 29.52 47.31
C GLU A 284 11.62 30.78 47.35
N ARG A 285 10.43 30.70 47.96
CA ARG A 285 9.58 31.88 48.05
C ARG A 285 10.25 32.97 48.87
N THR A 286 10.72 32.62 50.07
CA THR A 286 11.40 33.60 50.91
C THR A 286 12.66 34.10 50.24
N LEU A 287 13.38 33.22 49.57
CA LEU A 287 14.59 33.64 48.86
C LEU A 287 14.25 34.70 47.81
N LEU A 288 13.21 34.45 47.02
CA LEU A 288 12.86 35.41 45.97
C LEU A 288 12.35 36.71 46.56
N GLY A 289 11.58 36.64 47.65
CA GLY A 289 11.14 37.87 48.31
C GLY A 289 12.31 38.69 48.81
N PHE A 290 13.29 38.03 49.43
CA PHE A 290 14.46 38.74 49.89
C PHE A 290 15.21 39.34 48.72
N PHE A 291 15.30 38.61 47.61
CA PHE A 291 15.98 39.15 46.44
C PHE A 291 15.29 40.39 45.92
N LEU A 292 13.96 40.36 45.84
CA LEU A 292 13.25 41.54 45.37
C LEU A 292 13.43 42.71 46.32
N ALA A 293 13.38 42.47 47.63
CA ALA A 293 13.57 43.55 48.57
C ALA A 293 14.97 44.16 48.45
N LYS A 294 15.99 43.31 48.31
CA LYS A 294 17.35 43.81 48.18
C LYS A 294 17.53 44.58 46.88
N ILE A 295 16.92 44.11 45.79
CA ILE A 295 17.02 44.82 44.52
C ILE A 295 16.39 46.20 44.64
N HIS A 296 15.23 46.27 45.30
CA HIS A 296 14.59 47.57 45.48
C HIS A 296 15.47 48.49 46.31
N LYS A 297 15.98 48.00 47.43
CA LYS A 297 16.78 48.86 48.31
C LYS A 297 18.05 49.35 47.62
N ILE A 298 18.77 48.44 46.94
CA ILE A 298 19.95 48.86 46.21
C ILE A 298 19.58 49.70 45.00
N ASP A 299 18.50 49.33 44.33
CA ASP A 299 18.08 50.05 43.12
C ASP A 299 19.22 50.04 42.12
N PRO A 300 19.68 48.87 41.68
CA PRO A 300 20.79 48.82 40.73
C PRO A 300 20.41 49.43 39.39
N ASP A 301 21.41 49.99 38.73
CA ASP A 301 21.24 50.54 37.39
C ASP A 301 21.79 49.65 36.29
N VAL A 302 22.76 48.78 36.61
CA VAL A 302 23.30 47.84 35.64
C VAL A 302 23.42 46.48 36.30
N ILE A 303 22.49 45.58 36.02
CA ILE A 303 22.54 44.22 36.51
C ILE A 303 23.25 43.35 35.49
N VAL A 304 24.29 42.65 35.93
CA VAL A 304 25.20 41.93 35.05
C VAL A 304 25.28 40.48 35.50
N GLY A 305 25.54 39.61 34.53
CA GLY A 305 25.68 38.19 34.81
C GLY A 305 26.10 37.44 33.55
N HIS A 306 26.19 36.12 33.70
CA HIS A 306 26.53 35.24 32.59
C HIS A 306 25.28 34.58 32.05
N ASP A 307 25.03 34.74 30.74
CA ASP A 307 23.82 34.23 30.11
C ASP A 307 22.59 34.76 30.83
N ILE A 308 22.68 36.00 31.33
CA ILE A 308 21.56 36.55 32.09
C ILE A 308 20.34 36.68 31.20
N TYR A 309 20.52 37.15 29.97
CA TYR A 309 19.39 37.22 29.06
C TYR A 309 18.84 35.84 28.76
N GLY A 310 19.74 34.87 28.59
CA GLY A 310 19.33 33.55 28.14
C GLY A 310 18.72 32.68 29.22
N PHE A 311 19.42 32.53 30.35
CA PHE A 311 19.06 31.53 31.34
C PHE A 311 18.83 32.08 32.73
N ASP A 312 19.41 33.23 33.09
CA ASP A 312 19.32 33.71 34.46
C ASP A 312 18.05 34.53 34.69
N LEU A 313 17.88 35.61 33.94
CA LEU A 313 16.69 36.44 34.12
C LEU A 313 15.43 35.65 33.79
N GLU A 314 15.47 34.84 32.74
CA GLU A 314 14.31 34.02 32.40
C GLU A 314 13.97 33.05 33.51
N VAL A 315 14.99 32.41 34.09
CA VAL A 315 14.74 31.49 35.20
C VAL A 315 14.15 32.23 36.37
N LEU A 316 14.68 33.41 36.69
CA LEU A 316 14.17 34.16 37.84
C LEU A 316 12.71 34.55 37.63
N LEU A 317 12.38 35.08 36.46
CA LEU A 317 11.00 35.47 36.21
C LEU A 317 10.06 34.26 36.24
N GLN A 318 10.48 33.15 35.63
CA GLN A 318 9.65 31.96 35.62
C GLN A 318 9.45 31.43 37.02
N ARG A 319 10.49 31.48 37.85
CA ARG A 319 10.36 31.00 39.22
C ARG A 319 9.46 31.91 40.04
N ILE A 320 9.52 33.22 39.79
CA ILE A 320 8.61 34.13 40.45
C ILE A 320 7.17 33.80 40.08
N ASN A 321 6.93 33.57 38.79
CA ASN A 321 5.57 33.21 38.36
C ASN A 321 5.11 31.91 39.00
N SER A 322 5.99 30.91 39.01
CA SER A 322 5.62 29.59 39.51
C SER A 322 5.34 29.61 41.00
N CYS A 323 6.19 30.27 41.78
CA CYS A 323 5.98 30.36 43.22
C CYS A 323 5.06 31.50 43.62
N LYS A 324 4.68 32.35 42.67
CA LYS A 324 3.80 33.48 42.95
C LYS A 324 4.34 34.31 44.11
N VAL A 325 5.52 34.87 43.85
CA VAL A 325 6.17 35.80 44.78
C VAL A 325 5.53 37.18 44.56
N PRO A 326 4.96 37.80 45.59
CA PRO A 326 4.24 39.05 45.36
C PRO A 326 5.18 40.16 44.94
N PHE A 327 4.62 41.16 44.27
CA PHE A 327 5.35 42.35 43.88
C PHE A 327 6.46 42.01 42.89
N TRP A 328 6.09 41.31 41.82
CA TRP A 328 7.08 40.98 40.79
C TRP A 328 7.63 42.25 40.14
N SER A 329 6.83 43.31 40.08
CA SER A 329 7.23 44.50 39.34
C SER A 329 8.56 45.05 39.84
N LYS A 330 8.90 44.78 41.10
CA LYS A 330 10.15 45.30 41.65
C LYS A 330 11.36 44.85 40.85
N ILE A 331 11.27 43.70 40.19
CA ILE A 331 12.36 43.23 39.35
C ILE A 331 12.69 44.20 38.23
N GLY A 332 11.82 45.17 37.97
CA GLY A 332 12.12 46.25 37.07
C GLY A 332 12.28 47.55 37.80
N ARG A 333 11.68 48.62 37.28
CA ARG A 333 11.67 49.91 37.97
C ARG A 333 10.25 50.45 38.01
N LEU A 334 9.44 50.10 37.02
CA LEU A 334 8.06 50.56 36.96
C LEU A 334 7.18 49.69 37.84
N ARG A 335 5.93 50.11 38.00
CA ARG A 335 4.97 49.40 38.82
C ARG A 335 3.90 48.83 37.88
N ARG A 336 3.74 47.51 37.90
CA ARG A 336 2.79 46.81 37.04
C ARG A 336 2.19 45.65 37.82
N SER A 337 1.26 44.94 37.18
CA SER A 337 0.61 43.81 37.83
C SER A 337 0.60 42.57 36.93
N VAL A 338 0.63 42.77 35.61
CA VAL A 338 0.58 41.68 34.65
C VAL A 338 1.98 41.48 34.08
N MET A 339 2.60 40.36 34.44
CA MET A 339 3.94 40.10 33.95
C MET A 339 3.90 39.83 32.44
N PRO A 340 4.89 40.29 31.68
CA PRO A 340 4.92 39.97 30.25
C PRO A 340 4.97 38.47 30.00
N LYS A 341 4.30 38.04 28.94
CA LYS A 341 4.29 36.64 28.57
C LYS A 341 5.71 36.13 28.36
N LEU A 342 6.03 34.98 28.94
CA LEU A 342 7.37 34.44 28.89
C LEU A 342 7.62 33.81 27.53
N GLY A 343 8.72 33.06 27.41
CA GLY A 343 9.03 32.40 26.17
C GLY A 343 9.40 33.40 25.08
N GLY A 344 9.14 33.01 23.84
CA GLY A 344 9.43 33.85 22.70
C GLY A 344 10.90 33.77 22.31
N ARG A 345 11.21 34.31 21.14
CA ARG A 345 12.58 34.29 20.65
C ARG A 345 13.38 35.45 21.21
N SER A 346 14.67 35.20 21.42
CA SER A 346 15.57 36.20 21.99
C SER A 346 15.21 36.47 23.44
N GLY A 347 15.56 37.66 23.93
CA GLY A 347 15.27 38.03 25.30
C GLY A 347 14.56 39.37 25.40
N PHE A 348 13.82 39.73 24.35
CA PHE A 348 13.10 41.00 24.38
C PHE A 348 12.06 41.00 25.49
N ALA A 349 11.34 39.88 25.63
CA ALA A 349 10.40 39.76 26.74
C ALA A 349 11.12 39.83 28.06
N GLU A 350 12.25 39.14 28.18
CA GLU A 350 13.03 39.21 29.40
C GLU A 350 13.58 40.62 29.62
N ARG A 351 13.95 41.31 28.55
CA ARG A 351 14.42 42.68 28.69
C ARG A 351 13.34 43.57 29.27
N ASN A 352 12.13 43.52 28.70
CA ASN A 352 11.05 44.32 29.23
C ASN A 352 10.62 43.87 30.61
N ALA A 353 10.91 42.63 30.99
CA ALA A 353 10.55 42.15 32.31
C ALA A 353 11.32 42.86 33.41
N ALA A 354 12.37 43.60 33.09
CA ALA A 354 13.14 44.37 34.06
C ALA A 354 13.41 45.75 33.49
N CYS A 355 12.36 46.39 32.99
CA CYS A 355 12.51 47.66 32.31
C CYS A 355 13.13 48.69 33.24
N GLY A 356 13.98 49.54 32.69
CA GLY A 356 14.64 50.58 33.45
C GLY A 356 15.95 50.18 34.07
N ARG A 357 16.32 48.90 33.99
CA ARG A 357 17.57 48.41 34.55
C ARG A 357 18.38 47.79 33.42
N ILE A 358 19.48 48.45 33.06
CA ILE A 358 20.33 47.91 32.00
C ILE A 358 20.80 46.53 32.39
N ILE A 359 20.91 45.65 31.40
CA ILE A 359 21.27 44.25 31.64
C ILE A 359 22.53 43.96 30.83
N CYS A 360 23.51 43.37 31.48
CA CYS A 360 24.81 43.07 30.87
C CYS A 360 25.02 41.57 30.93
N ASP A 361 24.88 40.91 29.77
CA ASP A 361 25.19 39.50 29.63
C ASP A 361 26.64 39.41 29.16
N ILE A 362 27.55 39.05 30.07
CA ILE A 362 28.95 39.04 29.70
C ILE A 362 29.19 38.13 28.52
N GLU A 363 28.34 37.12 28.34
CA GLU A 363 28.48 36.23 27.19
C GLU A 363 28.34 37.01 25.89
N ILE A 364 27.28 37.83 25.79
CA ILE A 364 27.03 38.56 24.56
C ILE A 364 28.10 39.62 24.34
N SER A 365 28.49 40.31 25.41
CA SER A 365 29.55 41.31 25.28
C SER A 365 30.85 40.68 24.82
N ALA A 366 31.20 39.52 25.41
CA ALA A 366 32.42 38.84 25.00
C ALA A 366 32.35 38.40 23.54
N LYS A 367 31.21 37.90 23.11
CA LYS A 367 31.05 37.55 21.70
C LYS A 367 31.26 38.77 20.82
N GLU A 368 30.68 39.90 21.21
CA GLU A 368 30.81 41.10 20.40
C GLU A 368 32.25 41.60 20.33
N LEU A 369 32.97 41.57 21.45
CA LEU A 369 34.29 42.20 21.49
C LEU A 369 35.43 41.23 21.19
N ILE A 370 35.57 40.18 21.99
CA ILE A 370 36.70 39.29 21.89
C ILE A 370 36.29 38.02 21.16
N ARG A 371 37.30 37.28 20.69
CA ARG A 371 37.11 36.01 19.99
C ARG A 371 37.84 34.93 20.75
N CYS A 372 37.10 33.90 21.16
CA CYS A 372 37.66 32.82 21.95
C CYS A 372 37.13 31.48 21.43
N LYS A 373 37.85 30.41 21.74
CA LYS A 373 37.43 29.10 21.29
C LYS A 373 36.11 28.69 21.92
N SER A 374 35.94 28.98 23.21
CA SER A 374 34.71 28.66 23.91
C SER A 374 34.28 29.85 24.75
N TYR A 375 32.97 29.94 25.01
CA TYR A 375 32.39 31.05 25.75
C TYR A 375 31.80 30.64 27.08
N HIS A 376 31.97 29.38 27.48
CA HIS A 376 31.60 29.01 28.83
C HIS A 376 32.37 29.88 29.83
N LEU A 377 31.90 29.89 31.07
CA LEU A 377 32.53 30.72 32.08
C LEU A 377 33.98 30.32 32.29
N SER A 378 34.26 29.02 32.27
CA SER A 378 35.63 28.56 32.51
C SER A 378 36.58 29.11 31.46
N GLU A 379 36.21 29.02 30.18
CA GLU A 379 37.10 29.47 29.12
C GLU A 379 37.34 30.98 29.21
N LEU A 380 36.27 31.75 29.44
CA LEU A 380 36.44 33.19 29.54
C LEU A 380 37.36 33.55 30.70
N VAL A 381 37.17 32.89 31.85
CA VAL A 381 38.01 33.15 33.00
C VAL A 381 39.46 32.81 32.69
N HIS A 382 39.69 31.68 32.04
CA HIS A 382 41.03 31.24 31.71
C HIS A 382 41.71 32.06 30.61
N GLN A 383 40.95 32.82 29.83
CA GLN A 383 41.55 33.53 28.70
C GLN A 383 41.83 35.00 28.95
N ILE A 384 41.12 35.64 29.88
CA ILE A 384 41.27 37.07 30.14
C ILE A 384 42.01 37.31 31.46
N LEU A 385 41.43 36.86 32.57
CA LEU A 385 42.06 37.06 33.87
C LEU A 385 43.20 36.07 34.12
N LYS A 386 43.29 34.99 33.35
CA LYS A 386 44.31 33.97 33.54
C LYS A 386 44.23 33.38 34.95
N ALA A 387 43.09 32.75 35.23
CA ALA A 387 42.88 32.05 36.50
C ALA A 387 42.43 30.62 36.24
N GLU A 388 42.01 29.93 37.31
CA GLU A 388 41.46 28.57 37.19
C GLU A 388 40.09 28.54 37.85
N ARG A 389 39.09 28.13 37.07
CA ARG A 389 37.71 28.09 37.54
C ARG A 389 37.33 26.66 37.89
N VAL A 390 36.86 26.46 39.11
CA VAL A 390 36.44 25.16 39.59
C VAL A 390 34.97 24.95 39.22
N VAL A 391 34.67 23.84 38.56
CA VAL A 391 33.30 23.52 38.14
C VAL A 391 32.80 22.39 39.02
N ILE A 392 31.77 22.68 39.80
CA ILE A 392 31.16 21.66 40.66
C ILE A 392 30.30 20.72 39.79
N PRO A 393 30.49 19.41 39.87
CA PRO A 393 29.65 18.49 39.10
C PRO A 393 28.20 18.65 39.48
N PRO A 394 27.27 18.52 38.53
CA PRO A 394 25.85 18.72 38.88
C PRO A 394 25.37 17.77 39.98
N GLU A 395 25.92 16.57 40.07
CA GLU A 395 25.50 15.68 41.15
C GLU A 395 25.99 16.21 42.48
N ASN A 396 27.18 16.81 42.47
CA ASN A 396 27.77 17.29 43.71
C ASN A 396 26.94 18.40 44.33
N ILE A 397 26.10 19.08 43.54
CA ILE A 397 25.33 20.18 44.09
C ILE A 397 24.15 19.63 44.87
N ARG A 398 23.45 18.67 44.26
CA ARG A 398 22.35 18.00 44.94
C ARG A 398 22.83 17.30 46.20
N ASN A 399 24.05 16.77 46.18
CA ASN A 399 24.62 16.14 47.35
C ASN A 399 25.45 17.09 48.21
N ALA A 400 25.53 18.37 47.85
CA ALA A 400 26.29 19.32 48.64
C ALA A 400 25.66 19.56 50.01
N TYR A 401 24.33 19.46 50.12
CA TYR A 401 23.69 19.68 51.40
C TYR A 401 23.73 18.42 52.27
N ASN A 402 24.93 17.87 52.43
CA ASN A 402 25.17 16.77 53.35
C ASN A 402 26.24 17.09 54.39
N ASP A 403 27.16 18.01 54.08
CA ASP A 403 28.14 18.52 55.02
C ASP A 403 28.20 20.03 54.93
N SER A 404 28.10 20.70 56.08
CA SER A 404 28.16 22.17 56.08
C SER A 404 29.42 22.66 55.40
N VAL A 405 30.50 21.91 55.48
CA VAL A 405 31.74 22.28 54.81
C VAL A 405 31.50 22.38 53.31
N HIS A 406 30.82 21.39 52.74
CA HIS A 406 30.58 21.41 51.31
C HIS A 406 29.53 22.45 50.93
N LEU A 407 28.59 22.73 51.82
CA LEU A 407 27.64 23.81 51.56
C LEU A 407 28.35 25.14 51.46
N LEU A 408 29.21 25.44 52.44
CA LEU A 408 30.01 26.66 52.35
C LEU A 408 30.93 26.63 51.13
N TYR A 409 31.43 25.45 50.75
CA TYR A 409 32.26 25.38 49.55
C TYR A 409 31.47 25.77 48.31
N MET A 410 30.23 25.31 48.20
CA MET A 410 29.39 25.68 47.08
C MET A 410 29.11 27.17 47.08
N LEU A 411 28.77 27.72 48.26
CA LEU A 411 28.52 29.15 48.34
C LEU A 411 29.75 29.95 47.93
N GLU A 412 30.93 29.54 48.39
CA GLU A 412 32.14 30.24 48.02
C GLU A 412 32.44 30.10 46.53
N ASN A 413 32.08 28.96 45.93
CA ASN A 413 32.25 28.82 44.49
C ASN A 413 31.35 29.80 43.74
N THR A 414 30.11 29.95 44.21
CA THR A 414 29.23 30.94 43.61
C THR A 414 29.79 32.35 43.76
N TRP A 415 30.32 32.66 44.94
CA TRP A 415 30.92 33.98 45.16
C TRP A 415 32.10 34.20 44.23
N ILE A 416 32.93 33.18 44.04
CA ILE A 416 34.08 33.31 43.18
C ILE A 416 33.65 33.49 41.73
N ASP A 417 32.59 32.80 41.32
CA ASP A 417 32.05 33.02 39.98
C ASP A 417 31.56 34.45 39.82
N ALA A 418 30.89 34.99 40.83
CA ALA A 418 30.44 36.37 40.77
C ALA A 418 31.61 37.32 40.62
N LYS A 419 32.65 37.11 41.42
CA LYS A 419 33.82 37.98 41.34
C LYS A 419 34.48 37.86 39.98
N PHE A 420 34.55 36.64 39.44
CA PHE A 420 35.11 36.46 38.12
C PHE A 420 34.32 37.23 37.09
N ILE A 421 32.98 37.18 37.18
CA ILE A 421 32.16 37.89 36.21
C ILE A 421 32.42 39.39 36.30
N LEU A 422 32.49 39.91 37.53
CA LEU A 422 32.72 41.35 37.68
C LEU A 422 34.09 41.75 37.15
N GLN A 423 35.11 40.94 37.43
CA GLN A 423 36.44 41.25 36.92
C GLN A 423 36.47 41.18 35.40
N ILE A 424 35.79 40.20 34.81
CA ILE A 424 35.72 40.13 33.36
C ILE A 424 35.07 41.39 32.80
N MET A 425 33.98 41.83 33.41
CA MET A 425 33.33 43.05 32.94
C MET A 425 34.30 44.22 32.99
N CYS A 426 35.02 44.36 34.10
CA CYS A 426 35.93 45.48 34.23
C CYS A 426 37.05 45.38 33.20
N GLU A 427 37.62 44.18 33.05
CA GLU A 427 38.79 44.01 32.18
C GLU A 427 38.44 44.32 30.74
N LEU A 428 37.30 43.81 30.27
CA LEU A 428 36.91 44.11 28.90
C LEU A 428 36.43 45.55 28.74
N ASN A 429 36.24 46.29 29.83
CA ASN A 429 35.68 47.63 29.79
C ASN A 429 34.37 47.61 29.01
N VAL A 430 33.44 46.78 29.50
CA VAL A 430 32.17 46.60 28.82
C VAL A 430 31.31 47.86 28.94
N LEU A 431 31.24 48.42 30.16
CA LEU A 431 30.30 49.51 30.38
C LEU A 431 30.76 50.81 29.73
N PRO A 432 31.99 51.28 29.95
CA PRO A 432 32.42 52.50 29.25
C PRO A 432 32.37 52.37 27.74
N LEU A 433 32.77 51.21 27.21
CA LEU A 433 32.74 51.03 25.77
C LEU A 433 31.31 51.03 25.26
N ALA A 434 30.40 50.41 25.99
CA ALA A 434 29.00 50.43 25.60
C ALA A 434 28.46 51.85 25.62
N LEU A 435 28.80 52.63 26.65
CA LEU A 435 28.33 54.01 26.71
C LEU A 435 28.87 54.83 25.55
N GLN A 436 30.15 54.66 25.22
CA GLN A 436 30.71 55.42 24.12
C GLN A 436 30.06 55.05 22.80
N ILE A 437 29.85 53.74 22.58
CA ILE A 437 29.21 53.30 21.35
C ILE A 437 27.78 53.80 21.28
N THR A 438 27.06 53.78 22.41
CA THR A 438 25.70 54.28 22.43
C THR A 438 25.66 55.77 22.10
N ASN A 439 26.56 56.56 22.67
CA ASN A 439 26.59 57.97 22.37
C ASN A 439 26.88 58.20 20.90
N ILE A 440 27.79 57.41 20.34
CA ILE A 440 28.12 57.56 18.93
C ILE A 440 26.90 57.22 18.07
N ALA A 441 26.22 56.13 18.39
CA ALA A 441 25.12 55.67 17.55
C ALA A 441 23.83 56.43 17.81
N GLY A 442 23.29 56.33 19.02
CA GLY A 442 22.10 57.09 19.38
C GLY A 442 20.97 56.28 19.96
N ASN A 443 21.09 54.96 19.97
CA ASN A 443 20.03 54.09 20.48
C ASN A 443 20.04 54.14 22.00
N VAL A 444 19.25 53.29 22.62
CA VAL A 444 19.21 53.21 24.07
C VAL A 444 20.26 52.23 24.54
N MET A 445 20.82 52.50 25.72
CA MET A 445 21.94 51.69 26.21
C MET A 445 21.51 50.25 26.42
N SER A 446 20.29 50.03 26.94
CA SER A 446 19.83 48.67 27.17
C SER A 446 19.86 47.86 25.90
N ARG A 447 19.55 48.48 24.77
CA ARG A 447 19.58 47.79 23.49
C ARG A 447 21.01 47.59 23.00
N THR A 448 21.88 48.57 23.22
CA THR A 448 23.27 48.43 22.79
C THR A 448 23.94 47.28 23.49
N LEU A 449 23.69 47.11 24.80
CA LEU A 449 24.31 46.02 25.51
C LEU A 449 23.75 44.66 25.12
N MET A 450 22.68 44.61 24.33
CA MET A 450 22.08 43.35 23.91
C MET A 450 22.70 42.80 22.64
N GLY A 451 23.73 43.44 22.10
CA GLY A 451 24.37 42.94 20.91
C GLY A 451 23.67 43.37 19.64
N GLY A 452 24.19 42.88 18.52
CA GLY A 452 23.63 43.21 17.23
C GLY A 452 24.00 44.60 16.77
N ARG A 453 24.25 44.77 15.47
CA ARG A 453 24.70 46.05 14.95
C ARG A 453 23.67 46.77 14.10
N SER A 454 22.63 46.08 13.64
CA SER A 454 21.63 46.73 12.79
C SER A 454 20.89 47.83 13.54
N GLU A 455 20.55 47.59 14.81
CA GLU A 455 19.82 48.59 15.57
C GLU A 455 20.64 49.87 15.72
N ARG A 456 21.92 49.73 16.07
CA ARG A 456 22.75 50.91 16.29
C ARG A 456 22.90 51.71 15.01
N ASN A 457 23.19 51.04 13.90
CA ASN A 457 23.34 51.76 12.64
C ASN A 457 22.03 52.40 12.22
N GLU A 458 20.92 51.70 12.42
CA GLU A 458 19.62 52.27 12.10
C GLU A 458 19.40 53.57 12.86
N TYR A 459 19.65 53.55 14.17
CA TYR A 459 19.43 54.77 14.95
C TYR A 459 20.42 55.87 14.57
N LEU A 460 21.66 55.49 14.24
CA LEU A 460 22.64 56.50 13.85
C LEU A 460 22.19 57.23 12.59
N LEU A 461 21.83 56.48 11.56
CA LEU A 461 21.35 57.12 10.34
C LEU A 461 20.03 57.85 10.59
N LEU A 462 19.20 57.32 11.49
CA LEU A 462 17.96 58.00 11.84
C LEU A 462 18.25 59.40 12.35
N HIS A 463 19.16 59.51 13.31
CA HIS A 463 19.53 60.82 13.83
C HIS A 463 20.12 61.68 12.72
N ALA A 464 21.04 61.12 11.95
CA ALA A 464 21.72 61.91 10.93
C ALA A 464 20.73 62.48 9.93
N PHE A 465 19.65 61.75 9.62
CA PHE A 465 18.69 62.22 8.64
C PHE A 465 17.60 63.10 9.23
N THR A 466 17.18 62.83 10.47
CA THR A 466 16.17 63.66 11.10
C THR A 466 16.71 65.06 11.37
N GLU A 467 17.90 65.15 11.95
CA GLU A 467 18.47 66.45 12.28
C GLU A 467 18.76 67.28 11.04
N ASN A 468 18.77 66.66 9.86
CA ASN A 468 19.12 67.36 8.63
C ASN A 468 17.92 67.58 7.71
N ASN A 469 16.71 67.56 8.27
CA ASN A 469 15.49 67.91 7.54
C ASN A 469 15.19 66.91 6.42
N PHE A 470 15.14 65.63 6.80
CA PHE A 470 14.73 64.57 5.89
C PHE A 470 13.60 63.78 6.52
N ILE A 471 12.87 63.04 5.70
CA ILE A 471 11.78 62.17 6.16
C ILE A 471 12.26 60.73 6.07
N VAL A 472 12.39 60.09 7.23
CA VAL A 472 12.95 58.75 7.32
C VAL A 472 11.91 57.71 6.92
N PRO A 473 12.32 56.58 6.37
CA PRO A 473 11.33 55.56 5.97
C PRO A 473 10.69 54.92 7.19
N ASP A 474 9.47 54.44 7.01
CA ASP A 474 8.76 53.78 8.10
C ASP A 474 9.46 52.49 8.49
N LYS A 475 9.40 52.18 9.78
CA LYS A 475 10.01 50.95 10.26
C LYS A 475 9.39 49.75 9.55
N PRO A 476 10.17 48.73 9.22
CA PRO A 476 9.60 47.60 8.48
C PRO A 476 8.83 46.67 9.40
N VAL A 477 7.68 46.20 8.91
CA VAL A 477 6.82 45.33 9.68
C VAL A 477 7.29 43.88 9.56
N ALA A 505 24.49 34.38 -0.93
CA ALA A 505 25.13 35.38 -1.78
C ALA A 505 24.08 36.17 -2.56
N ALA A 506 24.17 37.50 -2.48
CA ALA A 506 23.23 38.37 -3.17
C ALA A 506 23.89 39.26 -4.20
N TYR A 507 25.04 39.86 -3.88
CA TYR A 507 25.70 40.78 -4.79
C TYR A 507 27.20 40.49 -4.84
N ALA A 508 27.83 40.94 -5.91
CA ALA A 508 29.26 40.76 -6.08
C ALA A 508 30.01 41.41 -4.92
N GLY A 509 31.01 40.70 -4.41
CA GLY A 509 31.73 41.12 -3.23
C GLY A 509 33.23 41.24 -3.44
N GLY A 510 34.00 40.78 -2.45
CA GLY A 510 35.43 40.95 -2.50
C GLY A 510 36.09 40.09 -3.55
N LEU A 511 37.28 40.50 -3.94
CA LEU A 511 38.09 39.80 -4.93
C LEU A 511 39.37 39.31 -4.26
N VAL A 512 39.69 38.04 -4.46
CA VAL A 512 40.91 37.44 -3.95
C VAL A 512 41.75 37.01 -5.14
N LEU A 513 42.97 37.52 -5.19
CA LEU A 513 43.87 37.22 -6.31
C LEU A 513 44.28 35.76 -6.27
N GLU A 514 44.57 35.22 -7.45
CA GLU A 514 45.04 33.85 -7.52
C GLU A 514 46.45 33.79 -6.93
N PRO A 515 46.68 33.03 -5.86
CA PRO A 515 47.99 33.06 -5.21
C PRO A 515 48.96 32.06 -5.80
N LYS A 516 50.23 32.47 -5.85
CA LYS A 516 51.30 31.58 -6.31
C LYS A 516 51.80 30.81 -5.09
N VAL A 517 51.08 29.76 -4.75
CA VAL A 517 51.32 28.99 -3.53
C VAL A 517 52.78 28.58 -3.48
N GLY A 518 53.35 28.54 -2.28
CA GLY A 518 54.70 28.07 -2.11
C GLY A 518 55.35 28.69 -0.89
N PHE A 519 56.64 28.43 -0.75
CA PHE A 519 57.44 28.95 0.35
C PHE A 519 58.42 29.98 -0.19
N TYR A 520 58.60 31.05 0.56
CA TYR A 520 59.49 32.15 0.18
C TYR A 520 60.40 32.46 1.35
N ASP A 521 61.69 32.61 1.05
CA ASP A 521 62.70 32.89 2.08
C ASP A 521 63.15 34.34 2.11
N LYS A 522 63.02 35.07 1.01
CA LYS A 522 63.39 36.48 1.02
C LYS A 522 62.32 37.28 1.74
N PHE A 523 62.41 38.61 1.66
CA PHE A 523 61.49 39.48 2.38
C PHE A 523 60.26 39.79 1.54
N ILE A 524 59.09 39.52 2.11
CA ILE A 524 57.81 39.77 1.45
C ILE A 524 57.11 40.93 2.15
N LEU A 525 56.76 41.96 1.40
CA LEU A 525 56.20 43.17 1.97
C LEU A 525 54.69 43.17 1.77
N LEU A 526 53.93 43.29 2.86
CA LEU A 526 52.48 43.27 2.84
C LEU A 526 51.96 44.69 3.03
N LEU A 527 51.33 45.23 2.00
CA LEU A 527 50.67 46.52 2.06
C LEU A 527 49.17 46.30 2.21
N ASP A 528 48.51 47.19 2.96
CA ASP A 528 47.09 47.05 3.22
C ASP A 528 46.47 48.43 3.30
N PHE A 529 45.17 48.49 3.02
CA PHE A 529 44.44 49.74 3.06
C PHE A 529 43.75 49.95 4.40
N ASN A 530 43.55 51.22 4.74
CA ASN A 530 42.99 51.63 6.02
C ASN A 530 41.49 51.85 5.84
N SER A 531 40.69 50.94 6.40
CA SER A 531 39.23 51.04 6.34
C SER A 531 38.75 51.28 4.91
N LEU A 532 38.99 50.27 4.07
CA LEU A 532 38.82 50.45 2.64
C LEU A 532 37.40 50.88 2.30
N TYR A 533 36.40 50.23 2.88
CA TYR A 533 35.03 50.51 2.49
C TYR A 533 34.58 51.89 2.94
N PRO A 534 34.72 52.27 4.20
CA PRO A 534 34.37 53.66 4.57
C PRO A 534 35.15 54.67 3.76
N SER A 535 36.41 54.40 3.47
CA SER A 535 37.20 55.32 2.67
C SER A 535 36.61 55.44 1.26
N ILE A 536 36.17 54.33 0.69
CA ILE A 536 35.55 54.39 -0.63
C ILE A 536 34.29 55.22 -0.58
N ILE A 537 33.48 55.00 0.46
CA ILE A 537 32.25 55.78 0.61
C ILE A 537 32.59 57.27 0.65
N GLN A 538 33.59 57.62 1.45
CA GLN A 538 33.96 59.03 1.56
C GLN A 538 34.45 59.58 0.24
N GLU A 539 35.28 58.82 -0.47
CA GLU A 539 35.94 59.34 -1.66
C GLU A 539 34.95 59.51 -2.80
N TYR A 540 34.09 58.52 -3.03
CA TYR A 540 33.22 58.54 -4.20
C TYR A 540 31.82 59.05 -3.88
N ASN A 541 31.64 59.68 -2.73
CA ASN A 541 30.37 60.34 -2.39
C ASN A 541 29.20 59.38 -2.51
N ILE A 542 29.39 58.15 -2.06
CA ILE A 542 28.33 57.15 -2.11
C ILE A 542 27.36 57.42 -0.96
N CYS A 543 26.33 58.22 -1.22
CA CYS A 543 25.41 58.66 -0.20
C CYS A 543 23.97 58.37 -0.59
N PHE A 544 23.11 58.26 0.42
CA PHE A 544 21.70 58.00 0.18
C PHE A 544 21.10 59.08 -0.70
N THR A 545 21.62 60.30 -0.61
CA THR A 545 21.05 61.45 -1.27
C THR A 545 21.72 61.74 -2.60
N THR A 546 22.65 60.90 -3.03
CA THR A 546 23.42 61.12 -4.25
C THR A 546 23.32 59.98 -5.23
N VAL A 547 23.19 58.74 -4.75
CA VAL A 547 23.12 57.57 -5.62
C VAL A 547 21.74 57.55 -6.23
N HIS A 548 21.65 57.80 -7.54
CA HIS A 548 20.36 57.84 -8.23
C HIS A 548 19.92 56.41 -8.49
N ARG A 549 19.13 55.91 -7.54
CA ARG A 549 18.63 54.54 -7.57
C ARG A 549 17.49 54.40 -8.56
N GLU A 550 17.08 53.15 -8.78
CA GLU A 550 15.95 52.86 -9.66
C GLU A 550 15.44 51.47 -9.30
N ALA A 551 14.24 51.40 -8.73
CA ALA A 551 13.67 50.13 -8.34
C ALA A 551 12.89 49.50 -9.49
N ASP A 561 19.94 43.56 -11.16
CA ASP A 561 21.06 43.60 -10.23
C ASP A 561 22.23 44.37 -10.84
N GLU A 562 21.94 45.53 -11.42
CA GLU A 562 22.96 46.34 -12.03
C GLU A 562 23.73 47.13 -10.98
N ILE A 563 24.82 47.75 -11.41
CA ILE A 563 25.67 48.56 -10.55
C ILE A 563 25.34 50.04 -10.84
N PRO A 564 24.75 50.77 -9.90
CA PRO A 564 24.37 52.16 -10.19
C PRO A 564 25.58 53.03 -10.48
N GLU A 565 25.36 54.04 -11.31
CA GLU A 565 26.44 54.93 -11.73
C GLU A 565 26.98 55.73 -10.54
N LEU A 566 28.24 56.12 -10.66
CA LEU A 566 28.88 56.90 -9.61
C LEU A 566 28.26 58.29 -9.53
N PRO A 567 28.14 58.86 -8.34
CA PRO A 567 27.55 60.19 -8.22
C PRO A 567 28.44 61.26 -8.81
N HIS A 568 27.82 62.36 -9.22
CA HIS A 568 28.58 63.48 -9.75
C HIS A 568 29.48 64.06 -8.68
N SER A 569 30.67 64.48 -9.07
CA SER A 569 31.64 65.00 -8.11
C SER A 569 31.16 66.29 -7.47
N ASP A 570 30.54 67.17 -8.27
CA ASP A 570 30.17 68.50 -7.78
C ASP A 570 29.19 68.46 -6.60
N LEU A 571 28.48 67.36 -6.40
CA LEU A 571 27.53 67.32 -5.29
C LEU A 571 28.26 67.49 -3.96
N GLU A 572 27.63 68.22 -3.05
CA GLU A 572 28.19 68.42 -1.73
C GLU A 572 28.12 67.11 -0.94
N MET A 573 28.91 67.04 0.13
CA MET A 573 28.95 65.82 0.92
C MET A 573 27.56 65.50 1.47
N GLY A 574 27.23 64.21 1.46
CA GLY A 574 25.93 63.75 1.89
C GLY A 574 25.87 63.48 3.38
N ILE A 575 24.84 62.74 3.78
CA ILE A 575 24.62 62.45 5.20
C ILE A 575 25.46 61.27 5.62
N LEU A 576 25.34 60.15 4.88
CA LEU A 576 26.10 58.95 5.24
C LEU A 576 27.59 59.22 5.18
N PRO A 577 28.14 59.89 4.17
CA PRO A 577 29.58 60.15 4.20
C PRO A 577 29.98 60.93 5.42
N ARG A 578 29.14 61.87 5.84
CA ARG A 578 29.47 62.67 7.01
C ARG A 578 29.55 61.80 8.26
N GLU A 579 28.56 60.94 8.47
CA GLU A 579 28.60 60.08 9.64
C GLU A 579 29.77 59.10 9.59
N ILE A 580 30.02 58.52 8.42
CA ILE A 580 31.14 57.58 8.29
C ILE A 580 32.45 58.30 8.55
N ARG A 581 32.55 59.54 8.09
CA ARG A 581 33.77 60.32 8.32
C ARG A 581 33.94 60.64 9.79
N LYS A 582 32.85 60.95 10.49
CA LYS A 582 32.98 61.19 11.92
C LYS A 582 33.49 59.95 12.63
N LEU A 583 32.93 58.79 12.29
CA LEU A 583 33.39 57.55 12.92
C LEU A 583 34.85 57.25 12.57
N VAL A 584 35.22 57.44 11.31
CA VAL A 584 36.61 57.22 10.89
C VAL A 584 37.55 58.16 11.62
N GLU A 585 37.13 59.42 11.81
CA GLU A 585 37.98 60.36 12.53
C GLU A 585 38.17 59.94 13.97
N ARG A 586 37.10 59.47 14.62
CA ARG A 586 37.26 59.01 15.99
C ARG A 586 38.20 57.82 16.05
N ARG A 587 38.06 56.87 15.12
CA ARG A 587 38.96 55.72 15.11
C ARG A 587 40.40 56.14 14.88
N ARG A 588 40.63 57.07 13.95
CA ARG A 588 42.00 57.52 13.68
C ARG A 588 42.60 58.21 14.89
N HIS A 589 41.80 59.03 15.58
CA HIS A 589 42.29 59.69 16.77
C HIS A 589 42.64 58.68 17.86
N VAL A 590 41.80 57.67 18.04
CA VAL A 590 42.10 56.64 19.03
C VAL A 590 43.39 55.91 18.66
N LYS A 591 43.56 55.57 17.38
CA LYS A 591 44.78 54.91 16.96
C LYS A 591 46.00 55.77 17.24
N GLN A 592 45.93 57.06 16.89
CA GLN A 592 47.07 57.95 17.11
C GLN A 592 47.39 58.06 18.59
N LEU A 593 46.36 58.14 19.43
CA LEU A 593 46.58 58.15 20.87
C LEU A 593 47.26 56.87 21.33
N MET A 594 46.88 55.73 20.77
CA MET A 594 47.57 54.48 21.07
C MET A 594 49.05 54.56 20.74
N LYS A 595 49.42 55.31 19.71
CA LYS A 595 50.81 55.44 19.29
C LYS A 595 51.70 56.13 20.31
N GLN A 596 51.12 56.76 21.33
CA GLN A 596 51.93 57.46 22.32
C GLN A 596 52.90 56.50 23.01
N PRO A 597 54.19 56.79 23.03
CA PRO A 597 55.16 55.87 23.64
C PRO A 597 55.00 55.78 25.14
N ASP A 598 55.44 54.65 25.68
CA ASP A 598 55.43 54.38 27.12
C ASP A 598 54.01 54.37 27.66
N LEU A 599 53.24 53.41 27.14
CA LEU A 599 51.87 53.17 27.59
C LEU A 599 51.78 51.83 28.31
N ASN A 600 50.95 51.78 29.34
CA ASN A 600 50.82 50.56 30.11
C ASN A 600 50.25 49.44 29.23
N PRO A 601 50.69 48.19 29.41
CA PRO A 601 50.14 47.12 28.57
C PRO A 601 48.62 47.00 28.68
N ASP A 602 48.08 47.18 29.89
CA ASP A 602 46.63 47.06 30.07
C ASP A 602 45.91 48.17 29.33
N LEU A 603 46.41 49.40 29.42
CA LEU A 603 45.81 50.49 28.66
C LEU A 603 45.96 50.24 27.16
N TYR A 604 47.05 49.61 26.73
CA TYR A 604 47.18 49.25 25.33
C TYR A 604 46.11 48.26 24.92
N LEU A 605 45.83 47.27 25.77
CA LEU A 605 44.77 46.32 25.46
C LEU A 605 43.43 47.02 25.38
N GLN A 606 43.15 47.94 26.29
CA GLN A 606 41.90 48.67 26.24
C GLN A 606 41.79 49.46 24.95
N TYR A 607 42.86 50.15 24.56
CA TYR A 607 42.83 50.90 23.32
C TYR A 607 42.65 49.99 22.12
N ASP A 608 43.28 48.83 22.12
CA ASP A 608 43.11 47.89 21.02
C ASP A 608 41.66 47.43 20.90
N ILE A 609 41.04 47.11 22.03
CA ILE A 609 39.65 46.68 22.00
C ILE A 609 38.76 47.80 21.49
N ARG A 610 38.99 49.02 21.96
CA ARG A 610 38.16 50.14 21.53
C ARG A 610 38.33 50.39 20.03
N GLN A 611 39.55 50.34 19.54
CA GLN A 611 39.78 50.56 18.12
C GLN A 611 39.12 49.47 17.28
N LYS A 612 39.22 48.22 17.74
CA LYS A 612 38.53 47.15 17.02
C LYS A 612 37.03 47.39 17.00
N ALA A 613 36.48 47.84 18.12
CA ALA A 613 35.05 48.11 18.17
C ALA A 613 34.67 49.22 17.19
N LEU A 614 35.47 50.27 17.12
CA LEU A 614 35.15 51.36 16.20
C LEU A 614 35.24 50.89 14.75
N LYS A 615 36.25 50.10 14.41
CA LYS A 615 36.33 49.58 13.05
C LYS A 615 35.13 48.72 12.74
N LEU A 616 34.73 47.86 13.68
CA LEU A 616 33.55 47.03 13.46
C LEU A 616 32.30 47.87 13.32
N THR A 617 32.22 48.98 14.05
CA THR A 617 31.05 49.83 13.92
C THR A 617 30.98 50.47 12.54
N ALA A 618 32.11 50.94 12.02
CA ALA A 618 32.11 51.48 10.67
C ALA A 618 31.76 50.42 9.64
N ASN A 619 32.35 49.23 9.79
CA ASN A 619 32.07 48.14 8.87
C ASN A 619 30.60 47.74 8.92
N SER A 620 30.02 47.74 10.12
CA SER A 620 28.60 47.40 10.26
C SER A 620 27.74 48.49 9.66
N MET A 621 28.17 49.75 9.75
CA MET A 621 27.42 50.81 9.07
C MET A 621 27.40 50.56 7.58
N TYR A 622 28.53 50.11 7.01
CA TYR A 622 28.49 49.70 5.61
C TYR A 622 27.57 48.51 5.41
N GLY A 623 27.64 47.52 6.30
CA GLY A 623 26.94 46.27 6.07
C GLY A 623 25.43 46.42 6.12
N CYS A 624 24.93 47.28 7.00
CA CYS A 624 23.48 47.45 7.12
C CYS A 624 22.88 47.89 5.79
N LEU A 625 23.68 48.46 4.90
CA LEU A 625 23.21 48.76 3.55
C LEU A 625 22.86 47.50 2.77
N GLY A 626 23.32 46.33 3.23
CA GLY A 626 23.07 45.09 2.52
C GLY A 626 22.06 44.18 3.20
N PHE A 627 21.70 44.51 4.44
CA PHE A 627 20.73 43.71 5.17
C PHE A 627 19.37 43.84 4.50
N SER A 628 18.75 42.72 4.16
CA SER A 628 17.45 42.75 3.50
C SER A 628 16.32 43.12 4.44
N TYR A 629 16.53 42.98 5.75
CA TYR A 629 15.51 43.35 6.72
C TYR A 629 15.81 44.66 7.42
N SER A 630 16.69 45.47 6.85
CA SER A 630 17.13 46.70 7.47
C SER A 630 16.18 47.84 7.10
N ARG A 631 16.07 48.81 8.00
CA ARG A 631 15.24 49.97 7.73
C ARG A 631 15.74 50.71 6.51
N PHE A 632 17.03 50.60 6.23
CA PHE A 632 17.69 51.33 5.14
C PHE A 632 18.33 50.35 4.16
N TYR A 633 17.59 49.31 3.80
CA TYR A 633 18.11 48.36 2.82
C TYR A 633 18.38 49.09 1.52
N ALA A 634 19.62 49.03 1.07
CA ALA A 634 20.05 49.76 -0.11
C ALA A 634 20.98 48.90 -0.95
N LYS A 635 20.55 47.67 -1.21
CA LYS A 635 21.36 46.71 -1.98
C LYS A 635 22.15 47.38 -3.09
N PRO A 636 21.58 48.29 -3.90
CA PRO A 636 22.42 48.97 -4.90
C PRO A 636 23.59 49.73 -4.27
N LEU A 637 23.40 50.32 -3.09
CA LEU A 637 24.50 51.05 -2.47
C LEU A 637 25.62 50.11 -2.04
N ALA A 638 25.27 48.98 -1.44
CA ALA A 638 26.30 48.00 -1.08
C ALA A 638 26.99 47.45 -2.31
N ALA A 639 26.23 47.22 -3.38
CA ALA A 639 26.83 46.75 -4.62
C ALA A 639 27.81 47.78 -5.17
N LEU A 640 27.45 49.06 -5.11
CA LEU A 640 28.36 50.10 -5.58
C LEU A 640 29.63 50.13 -4.75
N VAL A 641 29.49 50.03 -3.43
CA VAL A 641 30.66 50.04 -2.55
C VAL A 641 31.59 48.88 -2.89
N THR A 642 31.04 47.67 -2.97
CA THR A 642 31.87 46.51 -3.26
C THR A 642 32.49 46.60 -4.64
N HIS A 643 31.74 47.10 -5.62
CA HIS A 643 32.28 47.21 -6.97
C HIS A 643 33.45 48.18 -7.01
N GLN A 644 33.33 49.32 -6.33
CA GLN A 644 34.45 50.24 -6.28
C GLN A 644 35.63 49.65 -5.53
N GLY A 645 35.38 48.85 -4.49
CA GLY A 645 36.48 48.19 -3.83
C GLY A 645 37.22 47.22 -4.75
N ARG A 646 36.47 46.42 -5.50
CA ARG A 646 37.12 45.53 -6.46
C ARG A 646 37.90 46.31 -7.51
N GLU A 647 37.33 47.41 -8.01
CA GLU A 647 38.03 48.20 -9.01
C GLU A 647 39.32 48.77 -8.44
N ILE A 648 39.28 49.28 -7.21
CA ILE A 648 40.47 49.87 -6.62
C ILE A 648 41.54 48.81 -6.41
N LEU A 649 41.13 47.61 -5.96
CA LEU A 649 42.11 46.54 -5.78
C LEU A 649 42.74 46.15 -7.09
N LEU A 650 41.93 46.00 -8.15
CA LEU A 650 42.49 45.64 -9.45
C LEU A 650 43.44 46.70 -9.95
N HIS A 651 43.08 47.97 -9.78
CA HIS A 651 43.95 49.04 -10.23
C HIS A 651 45.25 49.08 -9.44
N THR A 652 45.17 48.83 -8.13
CA THR A 652 46.38 48.78 -7.32
C THR A 652 47.29 47.64 -7.77
N LYS A 653 46.70 46.47 -8.06
CA LYS A 653 47.51 45.37 -8.58
C LYS A 653 48.18 45.76 -9.89
N GLU A 654 47.43 46.42 -10.78
CA GLU A 654 48.00 46.83 -12.05
C GLU A 654 49.18 47.77 -11.84
N MET A 655 49.03 48.74 -10.95
CA MET A 655 50.12 49.69 -10.69
C MET A 655 51.33 48.99 -10.12
N VAL A 656 51.13 48.14 -9.12
CA VAL A 656 52.26 47.43 -8.51
C VAL A 656 52.98 46.59 -9.55
N GLN A 657 52.22 45.92 -10.42
CA GLN A 657 52.84 45.11 -11.45
C GLN A 657 53.65 45.98 -12.41
N LYS A 658 53.11 47.13 -12.81
CA LYS A 658 53.84 48.02 -13.69
C LYS A 658 55.14 48.51 -13.06
N MET A 659 55.24 48.51 -11.73
CA MET A 659 56.49 48.89 -11.09
C MET A 659 57.57 47.83 -11.20
N ASN A 660 57.31 46.73 -11.90
CA ASN A 660 58.32 45.68 -12.14
C ASN A 660 58.64 44.90 -10.86
N LEU A 661 57.62 44.56 -10.09
CA LEU A 661 57.74 43.66 -8.95
C LEU A 661 56.80 42.48 -9.15
N GLU A 662 56.74 41.62 -8.14
CA GLU A 662 55.93 40.40 -8.20
C GLU A 662 54.84 40.47 -7.14
N VAL A 663 53.60 40.25 -7.58
CA VAL A 663 52.44 40.19 -6.69
C VAL A 663 52.08 38.75 -6.44
N ILE A 664 51.66 38.44 -5.22
CA ILE A 664 51.44 37.05 -4.83
C ILE A 664 50.11 36.80 -4.14
N TYR A 665 49.40 37.82 -3.66
CA TYR A 665 48.19 37.60 -2.88
C TYR A 665 47.48 38.93 -2.68
N GLY A 666 46.23 38.84 -2.23
CA GLY A 666 45.46 40.01 -1.86
C GLY A 666 44.02 39.66 -1.55
N ASP A 667 43.44 40.22 -0.49
CA ASP A 667 42.05 39.92 -0.10
C ASP A 667 41.30 41.23 0.03
N THR A 668 40.88 41.77 -1.11
CA THR A 668 39.90 42.84 -1.22
C THR A 668 40.41 44.20 -0.74
N ASP A 669 41.51 44.24 0.01
CA ASP A 669 42.17 45.51 0.26
C ASP A 669 43.68 45.42 0.47
N SER A 670 44.30 44.25 0.32
CA SER A 670 45.70 44.06 0.64
C SER A 670 46.44 43.49 -0.55
N ILE A 671 47.75 43.74 -0.60
CA ILE A 671 48.61 43.21 -1.65
C ILE A 671 49.94 42.79 -1.05
N MET A 672 50.43 41.62 -1.44
CA MET A 672 51.72 41.13 -1.01
C MET A 672 52.69 41.21 -2.18
N ILE A 673 53.87 41.77 -1.92
CA ILE A 673 54.87 42.02 -2.95
C ILE A 673 56.14 41.26 -2.59
N ASN A 674 56.75 40.65 -3.59
CA ASN A 674 58.02 39.97 -3.43
C ASN A 674 59.15 40.98 -3.61
N THR A 675 60.12 40.95 -2.70
CA THR A 675 61.19 41.95 -2.75
C THR A 675 62.41 41.49 -3.53
N ASN A 676 62.83 40.24 -3.32
CA ASN A 676 64.09 39.74 -3.88
C ASN A 676 65.29 40.43 -3.26
N CYS A 677 65.21 40.71 -1.95
CA CYS A 677 66.30 41.36 -1.25
C CYS A 677 66.42 40.80 0.15
N ASN A 678 67.48 41.17 0.83
CA ASN A 678 67.76 40.68 2.18
C ASN A 678 67.97 41.79 3.18
N ASN A 679 68.57 42.90 2.78
CA ASN A 679 68.81 44.00 3.70
C ASN A 679 67.50 44.68 4.07
N LEU A 680 67.31 44.93 5.37
CA LEU A 680 66.06 45.51 5.85
C LEU A 680 65.88 46.93 5.36
N GLU A 681 66.96 47.72 5.33
CA GLU A 681 66.85 49.11 4.92
C GLU A 681 66.34 49.22 3.49
N GLU A 682 66.83 48.35 2.60
CA GLU A 682 66.33 48.36 1.23
C GLU A 682 64.85 48.02 1.20
N VAL A 683 64.43 47.07 2.05
CA VAL A 683 63.01 46.70 2.10
C VAL A 683 62.18 47.91 2.49
N PHE A 684 62.61 48.62 3.53
CA PHE A 684 61.86 49.78 3.99
C PHE A 684 61.84 50.88 2.94
N LYS A 685 62.96 51.10 2.26
CA LYS A 685 62.99 52.14 1.23
C LYS A 685 62.03 51.80 0.10
N LEU A 686 62.02 50.55 -0.34
CA LEU A 686 61.08 50.15 -1.38
C LEU A 686 59.65 50.30 -0.90
N GLY A 687 59.39 49.93 0.35
CA GLY A 687 58.04 50.07 0.89
C GLY A 687 57.57 51.51 0.89
N ASN A 688 58.42 52.42 1.33
CA ASN A 688 58.06 53.84 1.34
C ASN A 688 57.83 54.34 -0.08
N ARG A 689 58.70 53.93 -1.01
CA ARG A 689 58.55 54.37 -2.40
C ARG A 689 57.20 53.93 -2.95
N VAL A 690 56.87 52.64 -2.79
CA VAL A 690 55.63 52.12 -3.34
C VAL A 690 54.43 52.74 -2.64
N LYS A 691 54.54 52.95 -1.33
CA LYS A 691 53.44 53.58 -0.59
C LYS A 691 53.14 54.96 -1.15
N SER A 692 54.18 55.77 -1.34
CA SER A 692 53.95 57.11 -1.88
C SER A 692 53.37 57.05 -3.29
N GLU A 693 53.93 56.18 -4.13
CA GLU A 693 53.45 56.09 -5.50
C GLU A 693 51.98 55.70 -5.56
N ILE A 694 51.57 54.74 -4.73
CA ILE A 694 50.18 54.31 -4.73
C ILE A 694 49.28 55.42 -4.18
N ASN A 695 49.66 56.02 -3.05
CA ASN A 695 48.81 57.03 -2.44
C ASN A 695 48.70 58.29 -3.28
N LYS A 696 49.60 58.47 -4.26
CA LYS A 696 49.54 59.69 -5.06
C LYS A 696 48.25 59.81 -5.86
N SER A 697 47.49 58.73 -6.03
CA SER A 697 46.35 58.73 -6.93
C SER A 697 44.99 58.76 -6.25
N TYR A 698 44.92 58.86 -4.92
CA TYR A 698 43.66 58.85 -4.20
C TYR A 698 43.55 60.09 -3.32
N LYS A 699 42.35 60.68 -3.29
CA LYS A 699 42.14 61.91 -2.53
C LYS A 699 42.09 61.67 -1.03
N LEU A 700 41.56 60.53 -0.59
CA LEU A 700 41.43 60.27 0.84
C LEU A 700 42.03 58.93 1.22
N LEU A 701 41.94 57.94 0.33
CA LEU A 701 42.38 56.60 0.66
C LEU A 701 43.87 56.58 0.98
N GLU A 702 44.24 55.80 2.00
CA GLU A 702 45.61 55.72 2.47
C GLU A 702 46.08 54.27 2.44
N ILE A 703 47.28 54.04 1.90
CA ILE A 703 47.92 52.73 1.93
C ILE A 703 49.07 52.79 2.91
N ASP A 704 49.20 51.74 3.73
CA ASP A 704 50.21 51.69 4.77
C ASP A 704 50.98 50.38 4.66
N ILE A 705 52.13 50.33 5.34
CA ILE A 705 52.95 49.13 5.36
C ILE A 705 52.38 48.17 6.38
N ASP A 706 51.50 47.28 5.93
CA ASP A 706 50.87 46.36 6.87
C ASP A 706 51.88 45.46 7.56
N GLY A 707 52.98 45.14 6.90
CA GLY A 707 54.00 44.35 7.56
C GLY A 707 55.11 43.94 6.61
N ILE A 708 56.16 43.38 7.23
CA ILE A 708 57.30 42.81 6.52
C ILE A 708 57.48 41.38 7.01
N PHE A 709 57.66 40.45 6.08
CA PHE A 709 57.76 39.03 6.39
C PHE A 709 59.14 38.53 6.00
N LYS A 710 59.80 37.85 6.95
CA LYS A 710 61.09 37.24 6.66
C LYS A 710 60.93 35.94 5.88
N SER A 711 60.02 35.07 6.32
CA SER A 711 59.75 33.82 5.64
C SER A 711 58.24 33.65 5.51
N LEU A 712 57.80 33.23 4.33
CA LEU A 712 56.39 33.10 4.02
C LEU A 712 56.10 31.66 3.61
N LEU A 713 54.94 31.15 4.05
CA LEU A 713 54.45 29.84 3.65
C LEU A 713 53.00 30.04 3.24
N LEU A 714 52.77 30.15 1.92
CA LEU A 714 51.44 30.41 1.38
C LEU A 714 50.87 29.10 0.85
N LEU A 715 49.88 28.54 1.58
CA LEU A 715 49.36 27.24 1.22
C LEU A 715 48.30 27.37 0.13
N LYS A 716 47.24 28.13 0.40
CA LYS A 716 46.19 28.37 -0.57
C LYS A 716 45.64 29.77 -0.34
N LYS A 717 44.49 30.06 -0.92
CA LYS A 717 43.84 31.33 -0.65
C LYS A 717 43.42 31.38 0.81
N LYS A 718 43.68 32.51 1.46
CA LYS A 718 43.30 32.72 2.84
C LYS A 718 43.91 31.68 3.76
N LYS A 719 45.15 31.30 3.48
CA LYS A 719 45.86 30.34 4.33
C LYS A 719 47.36 30.53 4.15
N TYR A 720 48.01 31.05 5.18
CA TYR A 720 49.46 31.20 5.14
C TYR A 720 50.00 31.36 6.56
N ALA A 721 51.31 31.26 6.66
CA ALA A 721 52.05 31.57 7.88
C ALA A 721 53.26 32.42 7.52
N ALA A 722 53.75 33.17 8.50
CA ALA A 722 54.86 34.07 8.22
C ALA A 722 55.54 34.43 9.53
N LEU A 723 56.70 35.06 9.39
CA LEU A 723 57.49 35.57 10.51
C LEU A 723 57.51 37.09 10.39
N THR A 724 56.58 37.73 11.10
CA THR A 724 56.54 39.19 11.12
C THR A 724 57.82 39.72 11.75
N VAL A 725 58.31 40.84 11.23
CA VAL A 725 59.54 41.46 11.66
C VAL A 725 59.20 42.80 12.30
N GLU A 726 59.53 42.95 13.58
CA GLU A 726 59.31 44.20 14.29
C GLU A 726 60.65 44.86 14.57
N PRO A 727 60.92 46.05 14.01
CA PRO A 727 62.19 46.72 14.32
C PRO A 727 62.23 47.17 15.77
N THR A 728 63.44 47.27 16.29
CA THR A 728 63.67 47.73 17.66
C THR A 728 64.56 48.95 17.74
N GLY A 729 65.51 49.11 16.83
CA GLY A 729 66.40 50.25 16.82
C GLY A 729 67.80 49.82 16.40
N ASP A 730 68.52 50.75 15.75
CA ASP A 730 69.88 50.51 15.31
C ASP A 730 69.97 49.30 14.37
N GLY A 731 68.90 49.07 13.61
CA GLY A 731 68.87 47.95 12.67
C GLY A 731 68.47 46.63 13.28
N LYS A 732 68.26 46.55 14.59
CA LYS A 732 67.84 45.31 15.21
C LYS A 732 66.38 45.02 14.87
N TYR A 733 66.08 43.75 14.62
CA TYR A 733 64.74 43.34 14.23
C TYR A 733 64.37 42.03 14.92
N VAL A 734 63.34 42.07 15.74
CA VAL A 734 62.84 40.87 16.40
C VAL A 734 61.80 40.22 15.49
N THR A 735 61.54 38.94 15.74
CA THR A 735 60.64 38.16 14.90
C THR A 735 59.50 37.59 15.74
N LYS A 736 58.30 37.58 15.16
CA LYS A 736 57.12 37.02 15.81
C LYS A 736 56.34 36.18 14.80
N GLN A 737 55.95 34.98 15.19
CA GLN A 737 55.29 34.05 14.28
C GLN A 737 53.81 34.39 14.18
N GLU A 738 53.33 34.64 12.96
CA GLU A 738 51.94 34.98 12.72
C GLU A 738 51.34 34.00 11.72
N LEU A 739 50.23 33.38 12.10
CA LEU A 739 49.51 32.44 11.25
C LEU A 739 48.17 33.05 10.90
N LYS A 740 47.81 33.00 9.62
CA LYS A 740 46.55 33.57 9.13
C LYS A 740 45.86 32.52 8.29
N GLY A 741 44.85 31.87 8.84
CA GLY A 741 44.01 30.96 8.10
C GLY A 741 44.33 29.50 8.25
N LEU A 742 45.47 29.16 8.86
CA LEU A 742 45.88 27.77 8.94
C LEU A 742 44.83 26.95 9.69
N ASP A 743 44.97 25.63 9.57
CA ASP A 743 44.08 24.72 10.28
C ASP A 743 44.44 24.60 11.74
N ILE A 744 45.58 25.15 12.16
CA ILE A 744 45.95 25.15 13.57
C ILE A 744 45.27 26.26 14.35
N VAL A 745 44.62 27.19 13.66
CA VAL A 745 43.99 28.35 14.29
C VAL A 745 42.48 28.25 14.21
N ARG A 746 41.95 27.03 14.17
CA ARG A 746 40.53 26.79 14.11
C ARG A 746 40.14 25.79 15.18
N ARG A 747 38.95 25.98 15.75
CA ARG A 747 38.51 25.17 16.89
C ARG A 747 37.90 23.84 16.48
N ASP A 748 38.06 23.42 15.23
CA ASP A 748 37.51 22.17 14.73
C ASP A 748 38.58 21.11 14.52
N TRP A 749 39.74 21.25 15.16
CA TRP A 749 40.81 20.27 15.06
C TRP A 749 41.34 19.97 16.46
N CYS A 750 41.77 18.73 16.66
CA CYS A 750 42.19 18.31 18.00
C CYS A 750 43.44 19.07 18.43
N GLU A 751 43.61 19.17 19.75
CA GLU A 751 44.80 19.83 20.29
C GLU A 751 46.08 19.09 19.94
N LEU A 752 46.00 17.77 19.78
CA LEU A 752 47.18 17.04 19.32
C LEU A 752 47.64 17.57 17.97
N ALA A 753 46.72 17.65 17.01
CA ALA A 753 47.06 18.19 15.70
C ALA A 753 47.49 19.65 15.80
N LYS A 754 46.86 20.41 16.69
CA LYS A 754 47.22 21.82 16.84
C LYS A 754 48.68 21.96 17.24
N GLN A 755 49.09 21.25 18.28
CA GLN A 755 50.46 21.34 18.74
C GLN A 755 51.43 20.81 17.69
N ALA A 756 51.08 19.70 17.05
CA ALA A 756 51.97 19.14 16.03
C ALA A 756 52.17 20.13 14.90
N GLY A 757 51.09 20.72 14.41
CA GLY A 757 51.22 21.70 13.34
C GLY A 757 51.98 22.94 13.77
N ASN A 758 51.79 23.35 15.03
CA ASN A 758 52.53 24.50 15.52
C ASN A 758 54.03 24.24 15.46
N TYR A 759 54.46 23.07 15.96
CA TYR A 759 55.87 22.74 15.91
C TYR A 759 56.37 22.63 14.48
N VAL A 760 55.58 21.99 13.61
CA VAL A 760 56.00 21.79 12.23
C VAL A 760 56.19 23.13 11.53
N ILE A 761 55.25 24.05 11.73
CA ILE A 761 55.37 25.37 11.12
C ILE A 761 56.56 26.12 11.70
N SER A 762 56.75 26.01 13.02
CA SER A 762 57.91 26.66 13.64
C SER A 762 59.19 26.22 12.97
N GLN A 763 59.34 24.92 12.74
CA GLN A 763 60.53 24.43 12.07
C GLN A 763 60.59 24.93 10.63
N ILE A 764 59.50 24.77 9.88
CA ILE A 764 59.50 25.10 8.46
C ILE A 764 59.79 26.57 8.22
N LEU A 765 59.56 27.41 9.22
CA LEU A 765 59.76 28.84 9.06
C LEU A 765 61.13 29.31 9.51
N SER A 766 61.84 28.52 10.32
CA SER A 766 63.12 28.97 10.87
C SER A 766 64.16 29.04 9.76
N ASP A 767 65.37 29.44 10.14
CA ASP A 767 66.49 29.63 9.22
C ASP A 767 67.42 28.44 9.12
N GLN A 768 67.13 27.33 9.80
CA GLN A 768 68.01 26.19 9.77
C GLN A 768 68.05 25.56 8.37
N PRO A 769 69.13 24.84 8.06
CA PRO A 769 69.22 24.20 6.75
C PRO A 769 68.16 23.13 6.53
N ARG A 770 67.85 22.88 5.25
CA ARG A 770 66.72 22.04 4.92
C ARG A 770 66.87 20.64 5.50
N ASP A 771 68.07 20.07 5.40
CA ASP A 771 68.27 18.70 5.84
C ASP A 771 67.98 18.54 7.32
N SER A 772 68.49 19.45 8.14
CA SER A 772 68.22 19.37 9.58
C SER A 772 66.76 19.57 9.88
N ILE A 773 66.09 20.43 9.12
CA ILE A 773 64.66 20.64 9.31
C ILE A 773 63.90 19.35 9.05
N VAL A 774 64.25 18.67 7.94
CA VAL A 774 63.58 17.42 7.59
C VAL A 774 63.84 16.37 8.66
N GLU A 775 65.08 16.27 9.13
CA GLU A 775 65.39 15.27 10.15
C GLU A 775 64.62 15.54 11.44
N ASN A 776 64.55 16.81 11.83
CA ASN A 776 63.78 17.18 13.03
C ASN A 776 62.31 16.86 12.86
N ILE A 777 61.75 17.16 11.69
CA ILE A 777 60.36 16.84 11.43
C ILE A 777 60.12 15.34 11.56
N GLN A 778 61.01 14.55 10.96
CA GLN A 778 60.87 13.11 11.04
C GLN A 778 60.91 12.63 12.47
N LYS A 779 61.89 13.11 13.23
CA LYS A 779 62.02 12.68 14.62
C LYS A 779 60.80 13.04 15.43
N LYS A 780 60.30 14.27 15.27
CA LYS A 780 59.14 14.70 16.05
C LYS A 780 57.90 13.92 15.67
N LEU A 781 57.71 13.66 14.38
CA LEU A 781 56.53 12.89 13.96
C LEU A 781 56.60 11.48 14.50
N THR A 782 57.77 10.86 14.47
CA THR A 782 57.89 9.53 15.06
C THR A 782 57.63 9.58 16.56
N GLU A 783 58.12 10.61 17.23
CA GLU A 783 57.92 10.73 18.67
C GLU A 783 56.44 10.86 19.01
N ILE A 784 55.72 11.71 18.28
CA ILE A 784 54.30 11.88 18.56
C ILE A 784 53.52 10.62 18.23
N GLY A 785 53.90 9.93 17.15
CA GLY A 785 53.25 8.67 16.86
C GLY A 785 53.43 7.66 17.97
N GLU A 786 54.66 7.53 18.47
CA GLU A 786 54.90 6.61 19.58
C GLU A 786 54.13 7.02 20.82
N ASN A 787 54.09 8.33 21.11
CA ASN A 787 53.37 8.80 22.29
C ASN A 787 51.89 8.45 22.18
N VAL A 788 51.29 8.70 21.02
CA VAL A 788 49.87 8.44 20.85
C VAL A 788 49.61 6.95 20.96
N THR A 789 50.42 6.13 20.31
CA THR A 789 50.21 4.70 20.37
C THR A 789 50.36 4.17 21.80
N ASN A 790 51.23 4.78 22.59
CA ASN A 790 51.41 4.37 23.97
C ASN A 790 50.48 5.10 24.94
N GLY A 791 49.65 6.02 24.45
CA GLY A 791 48.74 6.73 25.32
C GLY A 791 49.39 7.74 26.23
N THR A 792 50.59 8.22 25.90
CA THR A 792 51.22 9.22 26.75
C THR A 792 50.50 10.55 26.68
N VAL A 793 49.91 10.86 25.53
CA VAL A 793 49.23 12.15 25.37
C VAL A 793 48.06 12.20 26.35
N PRO A 794 47.74 13.35 26.96
CA PRO A 794 46.64 13.39 27.91
C PRO A 794 45.29 13.46 27.20
N ILE A 795 44.23 13.26 27.97
CA ILE A 795 42.88 13.23 27.41
C ILE A 795 42.52 14.58 26.83
N THR A 796 42.83 15.65 27.55
CA THR A 796 42.35 16.98 27.17
C THR A 796 42.81 17.39 25.78
N GLN A 797 43.88 16.80 25.27
CA GLN A 797 44.39 17.19 23.96
C GLN A 797 43.60 16.57 22.81
N TYR A 798 42.57 15.79 23.10
CA TYR A 798 41.78 15.14 22.06
C TYR A 798 40.51 15.90 21.69
N GLU A 799 40.06 16.83 22.53
CA GLU A 799 38.76 17.45 22.28
C GLU A 799 38.75 18.21 20.96
N ILE A 800 37.61 18.15 20.28
CA ILE A 800 37.34 18.93 19.09
C ILE A 800 36.06 19.72 19.34
N ASN A 801 36.11 21.03 19.10
CA ASN A 801 35.02 21.93 19.44
C ASN A 801 34.25 22.36 18.19
N LYS A 802 32.93 22.38 18.30
CA LYS A 802 32.07 22.87 17.24
C LYS A 802 30.90 23.63 17.86
N ALA A 803 30.49 24.71 17.21
CA ALA A 803 29.45 25.59 17.74
C ALA A 803 28.14 25.35 17.00
N LEU A 804 27.07 25.10 17.75
CA LEU A 804 25.76 24.88 17.16
C LEU A 804 25.19 26.17 16.60
N THR A 805 24.35 26.04 15.58
CA THR A 805 23.66 27.18 15.01
C THR A 805 22.21 27.29 15.47
N LYS A 806 21.51 26.17 15.59
CA LYS A 806 20.14 26.14 16.10
C LYS A 806 20.11 25.28 17.36
N ASP A 807 18.91 25.05 17.87
CA ASP A 807 18.75 24.16 18.99
C ASP A 807 19.00 22.72 18.53
N PRO A 808 19.32 21.81 19.46
CA PRO A 808 19.53 20.43 19.05
C PRO A 808 18.34 19.82 18.33
N GLN A 809 17.13 20.14 18.78
CA GLN A 809 15.95 19.53 18.17
C GLN A 809 15.70 20.11 16.78
N ASP A 810 15.80 21.42 16.63
CA ASP A 810 15.44 22.03 15.35
C ASP A 810 16.34 21.56 14.23
N TYR A 811 17.49 20.99 14.54
CA TYR A 811 18.40 20.50 13.52
C TYR A 811 17.76 19.33 12.77
N PRO A 812 17.64 19.39 11.44
CA PRO A 812 17.04 18.28 10.72
C PRO A 812 17.81 16.99 10.99
N ASP A 813 17.09 15.88 11.09
CA ASP A 813 17.71 14.61 11.41
C ASP A 813 18.51 14.12 10.21
N LYS A 814 19.54 14.87 9.84
CA LYS A 814 20.44 14.50 8.75
C LYS A 814 21.65 13.79 9.37
N LYS A 815 21.51 12.48 9.55
CA LYS A 815 22.51 11.67 10.26
C LYS A 815 22.64 12.22 11.69
N SER A 816 23.83 12.10 12.27
CA SER A 816 24.05 12.48 13.66
C SER A 816 25.34 13.29 13.79
N LEU A 817 25.46 14.35 12.99
CA LEU A 817 26.64 15.20 12.94
C LEU A 817 27.23 15.37 14.34
N PRO A 818 28.55 15.12 14.50
CA PRO A 818 29.08 14.84 15.85
C PRO A 818 28.51 15.78 16.88
N HIS A 819 28.74 17.08 16.66
CA HIS A 819 28.35 18.08 17.64
C HIS A 819 26.88 17.92 18.00
N VAL A 820 26.01 17.88 16.98
CA VAL A 820 24.58 17.75 17.22
C VAL A 820 24.29 16.53 18.09
N HIS A 821 24.86 15.39 17.70
CA HIS A 821 24.72 14.17 18.50
C HIS A 821 25.03 14.44 19.97
N VAL A 822 26.24 14.91 20.23
CA VAL A 822 26.65 15.14 21.62
C VAL A 822 25.69 16.09 22.29
N ALA A 823 25.28 17.15 21.60
CA ALA A 823 24.33 18.09 22.18
C ALA A 823 23.11 17.35 22.68
N LEU A 824 22.54 16.51 21.81
CA LEU A 824 21.35 15.77 22.20
C LEU A 824 21.62 14.97 23.45
N TRP A 825 22.78 14.29 23.51
CA TRP A 825 23.11 13.51 24.69
C TRP A 825 23.10 14.38 25.94
N ILE A 826 23.75 15.55 25.84
CA ILE A 826 23.84 16.48 26.97
C ILE A 826 22.45 16.92 27.42
N ASN A 827 21.56 17.16 26.47
CA ASN A 827 20.19 17.52 26.83
C ASN A 827 19.50 16.35 27.51
N SER A 828 19.77 15.12 27.07
CA SER A 828 19.12 13.97 27.66
C SER A 828 19.49 13.85 29.14
N GLN A 829 20.77 14.05 29.47
CA GLN A 829 21.20 13.95 30.85
C GLN A 829 20.68 15.13 31.65
N GLY A 830 20.72 14.97 32.98
CA GLY A 830 20.22 15.98 33.90
C GLY A 830 21.17 17.11 34.20
N GLY A 831 21.36 18.03 33.26
CA GLY A 831 22.25 19.15 33.48
C GLY A 831 21.74 20.39 32.77
N ARG A 832 22.47 21.49 32.97
CA ARG A 832 22.11 22.75 32.32
C ARG A 832 22.09 22.58 30.81
N LYS A 833 21.04 23.07 30.17
CA LYS A 833 20.86 22.80 28.76
C LYS A 833 21.90 23.53 27.93
N VAL A 834 22.12 23.02 26.72
CA VAL A 834 23.00 23.63 25.74
C VAL A 834 22.16 24.19 24.60
N LYS A 835 21.81 25.45 24.67
CA LYS A 835 20.95 26.06 23.66
C LYS A 835 21.80 26.46 22.46
N ALA A 836 21.21 27.23 21.55
CA ALA A 836 21.89 27.63 20.33
C ALA A 836 23.05 28.58 20.65
N GLY A 837 23.94 28.73 19.67
CA GLY A 837 25.09 29.61 19.86
C GLY A 837 25.96 29.18 21.02
N ASP A 838 26.22 27.88 21.13
CA ASP A 838 27.03 27.34 22.22
C ASP A 838 28.08 26.41 21.64
N THR A 839 29.28 26.47 22.21
CA THR A 839 30.40 25.64 21.80
C THR A 839 30.34 24.30 22.54
N ILE A 840 30.34 23.21 21.78
CA ILE A 840 30.26 21.87 22.33
C ILE A 840 31.54 21.13 21.95
N SER A 841 32.15 20.49 22.95
CA SER A 841 33.40 19.76 22.79
C SER A 841 33.11 18.28 22.78
N TYR A 842 33.64 17.57 21.78
CA TYR A 842 33.44 16.14 21.66
C TYR A 842 34.76 15.45 21.34
N VAL A 843 34.87 14.21 21.77
CA VAL A 843 36.04 13.37 21.51
C VAL A 843 35.58 12.11 20.81
N ILE A 844 36.24 11.78 19.70
CA ILE A 844 35.93 10.57 18.94
C ILE A 844 36.57 9.38 19.64
N CYS A 845 35.76 8.36 19.92
CA CYS A 845 36.21 7.22 20.70
C CYS A 845 35.88 5.91 19.99
N GLN A 846 36.13 4.78 20.65
CA GLN A 846 35.87 3.46 20.09
C GLN A 846 35.05 2.66 21.09
N ASP A 847 33.99 2.00 20.60
CA ASP A 847 33.19 1.14 21.46
C ASP A 847 32.77 -0.15 20.75
N GLY A 848 33.41 -0.51 19.64
CA GLY A 848 32.95 -1.64 18.87
C GLY A 848 31.73 -1.40 18.02
N SER A 849 31.32 -0.14 17.87
CA SER A 849 30.09 0.14 17.12
C SER A 849 30.19 -0.33 15.68
N ASN A 850 31.39 -0.36 15.11
CA ASN A 850 31.60 -0.74 13.73
C ASN A 850 30.79 0.12 12.76
N LEU A 851 30.28 1.24 13.23
CA LEU A 851 29.55 2.19 12.39
C LEU A 851 30.55 3.19 11.82
N SER A 852 30.08 4.07 10.95
CA SER A 852 30.99 5.06 10.41
C SER A 852 31.52 5.93 11.55
N ALA A 853 32.79 6.31 11.44
CA ALA A 853 33.45 6.96 12.57
C ALA A 853 32.70 8.20 13.04
N SER A 854 32.05 8.92 12.12
CA SER A 854 31.36 10.13 12.53
C SER A 854 30.28 9.81 13.55
N GLN A 855 29.58 8.70 13.36
CA GLN A 855 28.44 8.42 14.23
C GLN A 855 28.88 8.08 15.64
N ARG A 856 30.18 7.84 15.87
CA ARG A 856 30.65 7.39 17.16
C ARG A 856 31.06 8.54 18.08
N ALA A 857 30.85 9.78 17.67
CA ALA A 857 31.25 10.91 18.50
C ALA A 857 30.59 10.79 19.87
N TYR A 858 31.38 10.99 20.92
CA TYR A 858 30.93 10.87 22.29
C TYR A 858 31.43 12.07 23.08
N ALA A 859 31.06 12.13 24.35
CA ALA A 859 31.46 13.23 25.22
C ALA A 859 32.65 12.84 26.09
N GLN A 860 33.50 13.81 26.37
CA GLN A 860 34.70 13.54 27.16
C GLN A 860 34.33 13.02 28.54
N GLU A 861 33.32 13.63 29.16
CA GLU A 861 32.88 13.14 30.46
C GLU A 861 32.41 11.71 30.34
N GLN A 862 31.69 11.40 29.27
CA GLN A 862 31.25 10.03 29.03
C GLN A 862 32.42 9.08 28.98
N LEU A 863 33.44 9.41 28.17
CA LEU A 863 34.59 8.53 28.04
C LEU A 863 35.29 8.35 29.38
N GLN A 864 35.48 9.44 30.13
CA GLN A 864 36.10 9.31 31.43
C GLN A 864 35.21 8.52 32.40
N LYS A 865 33.91 8.44 32.12
CA LYS A 865 32.98 7.73 32.99
C LYS A 865 32.75 6.29 32.53
N GLN A 866 32.32 6.11 31.28
CA GLN A 866 32.04 4.78 30.78
C GLN A 866 33.31 3.93 30.76
N GLU A 867 33.14 2.64 31.08
CA GLU A 867 34.25 1.69 31.12
C GLU A 867 34.29 0.83 29.86
N ASN A 868 33.53 1.18 28.83
CA ASN A 868 33.46 0.40 27.59
C ASN A 868 33.80 1.25 26.38
N LEU A 869 34.35 2.45 26.58
CA LEU A 869 34.74 3.33 25.50
C LEU A 869 36.22 3.67 25.62
N SER A 870 36.86 3.86 24.47
CA SER A 870 38.27 4.17 24.44
C SER A 870 38.56 5.07 23.24
N ILE A 871 39.68 5.78 23.29
CA ILE A 871 39.97 6.75 22.25
C ILE A 871 40.18 6.03 20.94
N ASP A 872 39.90 6.71 19.83
CA ASP A 872 40.05 6.14 18.50
C ASP A 872 41.43 6.53 18.00
N THR A 873 42.40 5.67 18.29
CA THR A 873 43.79 5.97 17.98
C THR A 873 44.00 6.12 16.48
N GLN A 874 43.48 5.16 15.71
CA GLN A 874 43.69 5.20 14.27
C GLN A 874 43.01 6.41 13.64
N TYR A 875 41.82 6.78 14.12
CA TYR A 875 41.19 7.99 13.58
C TYR A 875 42.05 9.21 13.82
N TYR A 876 42.52 9.39 15.06
CA TYR A 876 43.30 10.57 15.38
C TYR A 876 44.60 10.62 14.59
N LEU A 877 45.24 9.47 14.42
CA LEU A 877 46.51 9.44 13.71
C LEU A 877 46.35 9.33 12.20
N SER A 878 45.13 9.22 11.69
CA SER A 878 44.90 9.09 10.26
C SER A 878 44.18 10.30 9.67
N GLN A 879 43.04 10.66 10.24
CA GLN A 879 42.19 11.71 9.67
C GLN A 879 42.29 13.04 10.39
N GLN A 880 42.98 13.09 11.54
CA GLN A 880 43.11 14.32 12.31
C GLN A 880 44.49 14.93 12.24
N VAL A 881 45.54 14.12 12.17
CA VAL A 881 46.90 14.61 12.11
C VAL A 881 47.43 14.62 10.69
N HIS A 882 47.31 13.50 9.98
CA HIS A 882 47.91 13.41 8.66
C HIS A 882 47.40 14.48 7.71
N PRO A 883 46.10 14.75 7.62
CA PRO A 883 45.67 15.83 6.71
C PRO A 883 46.24 17.19 7.06
N VAL A 884 46.33 17.52 8.34
CA VAL A 884 46.85 18.83 8.74
C VAL A 884 48.30 18.98 8.30
N VAL A 885 49.14 17.99 8.64
CA VAL A 885 50.54 18.09 8.30
C VAL A 885 50.73 18.02 6.79
N ALA A 886 49.88 17.26 6.10
CA ALA A 886 50.02 17.16 4.65
C ALA A 886 49.71 18.49 3.99
N ARG A 887 48.66 19.17 4.44
CA ARG A 887 48.37 20.49 3.91
C ARG A 887 49.49 21.47 4.26
N ILE A 888 50.02 21.36 5.48
CA ILE A 888 51.07 22.28 5.90
C ILE A 888 52.30 22.11 5.03
N CYS A 889 52.69 20.86 4.76
CA CYS A 889 53.93 20.57 4.06
C CYS A 889 53.69 20.33 2.57
N GLU A 890 52.59 20.81 2.03
CA GLU A 890 52.28 20.55 0.62
C GLU A 890 53.35 21.10 -0.31
N PRO A 891 53.79 22.35 -0.19
CA PRO A 891 54.77 22.89 -1.14
C PRO A 891 56.22 22.67 -0.73
N ILE A 892 56.48 22.02 0.40
CA ILE A 892 57.84 21.80 0.86
C ILE A 892 58.36 20.51 0.25
N ASP A 893 59.44 20.61 -0.50
CA ASP A 893 60.05 19.45 -1.13
C ASP A 893 60.66 18.54 -0.07
N GLY A 894 60.60 17.23 -0.31
CA GLY A 894 61.19 16.26 0.56
C GLY A 894 60.19 15.52 1.45
N ILE A 895 58.98 16.05 1.58
CA ILE A 895 57.93 15.42 2.39
C ILE A 895 56.70 15.26 1.53
N ASP A 896 56.15 14.04 1.52
CA ASP A 896 54.90 13.75 0.84
C ASP A 896 54.02 12.91 1.75
N SER A 897 52.74 12.79 1.35
CA SER A 897 51.76 12.14 2.20
C SER A 897 52.25 10.77 2.67
N ALA A 898 52.86 10.00 1.76
CA ALA A 898 53.33 8.68 2.14
C ALA A 898 54.35 8.77 3.25
N LEU A 899 55.30 9.69 3.14
CA LEU A 899 56.33 9.82 4.16
C LEU A 899 55.72 10.19 5.51
N ILE A 900 54.77 11.11 5.51
CA ILE A 900 54.12 11.51 6.76
C ILE A 900 53.39 10.32 7.38
N ALA A 901 52.66 9.58 6.55
CA ALA A 901 51.94 8.42 7.08
C ALA A 901 52.90 7.41 7.67
N MET A 902 54.01 7.15 6.97
CA MET A 902 54.98 6.18 7.46
C MET A 902 55.59 6.64 8.77
N TRP A 903 56.01 7.91 8.84
CA TRP A 903 56.66 8.41 10.04
C TRP A 903 55.72 8.36 11.22
N LEU A 904 54.45 8.73 11.01
CA LEU A 904 53.51 8.78 12.12
C LEU A 904 53.30 7.41 12.74
N GLY A 905 53.64 6.35 12.02
CA GLY A 905 53.35 5.00 12.45
C GLY A 905 52.14 4.37 11.78
N LEU A 906 51.41 5.13 10.98
CA LEU A 906 50.27 4.60 10.25
C LEU A 906 50.72 3.65 9.15
N ASP A 907 49.79 2.79 8.74
CA ASP A 907 50.04 1.91 7.61
C ASP A 907 49.91 2.71 6.31
N PRO A 908 50.93 2.73 5.45
CA PRO A 908 50.85 3.51 4.22
C PRO A 908 50.00 2.88 3.13
N SER A 909 49.24 1.83 3.44
CA SER A 909 48.41 1.18 2.43
C SER A 909 47.44 2.16 1.79
N GLN A 910 46.52 2.71 2.58
CA GLN A 910 45.50 3.62 2.08
C GLN A 910 45.95 5.08 2.18
N PHE A 911 47.12 5.37 1.62
CA PHE A 911 47.64 6.74 1.62
C PHE A 911 48.71 6.89 0.55
N ARG A 940 5.61 -7.83 -1.48
CA ARG A 940 6.85 -7.06 -1.47
C ARG A 940 6.63 -5.57 -1.70
N ASP A 941 5.49 -5.17 -2.24
CA ASP A 941 5.18 -3.77 -2.46
C ASP A 941 4.20 -3.22 -1.43
N CYS A 942 3.92 -3.98 -0.38
CA CYS A 942 2.95 -3.57 0.64
C CYS A 942 3.66 -2.91 1.81
N GLU A 943 3.04 -1.85 2.33
CA GLU A 943 3.57 -1.19 3.52
C GLU A 943 3.44 -2.10 4.73
N ARG A 944 4.46 -2.08 5.58
CA ARG A 944 4.47 -2.91 6.78
C ARG A 944 3.81 -2.14 7.93
N PHE A 945 3.43 -2.88 8.96
CA PHE A 945 2.64 -2.27 10.03
C PHE A 945 3.57 -1.51 10.98
N LYS A 946 3.39 -0.19 11.03
CA LYS A 946 4.20 0.66 11.88
C LYS A 946 3.41 0.99 13.13
N PHE A 947 3.98 0.70 14.30
CA PHE A 947 3.35 1.02 15.58
C PHE A 947 4.38 1.68 16.50
N PHE A 948 4.05 2.86 17.01
CA PHE A 948 4.95 3.57 17.90
C PHE A 948 4.70 3.12 19.33
N CYS A 949 5.76 2.70 20.01
CA CYS A 949 5.63 2.24 21.38
C CYS A 949 5.10 3.37 22.26
N PRO A 950 4.04 3.15 23.02
CA PRO A 950 3.56 4.22 23.92
C PRO A 950 4.60 4.64 24.94
N LYS A 951 5.44 3.72 25.40
CA LYS A 951 6.39 4.06 26.46
C LYS A 951 7.59 4.79 25.91
N CYS A 952 8.34 4.14 25.01
CA CYS A 952 9.57 4.73 24.49
C CYS A 952 9.36 5.56 23.23
N GLY A 953 8.29 5.31 22.49
CA GLY A 953 8.03 6.08 21.28
C GLY A 953 8.82 5.64 20.07
N THR A 954 9.50 4.50 20.12
CA THR A 954 10.25 4.02 18.98
C THR A 954 9.35 3.25 18.03
N GLU A 955 9.56 3.43 16.74
CA GLU A 955 8.74 2.75 15.75
C GLU A 955 9.05 1.26 15.76
N ASN A 956 8.00 0.45 15.67
CA ASN A 956 8.10 -0.99 15.52
C ASN A 956 7.50 -1.36 14.18
N ILE A 957 8.29 -2.02 13.35
CA ILE A 957 7.85 -2.48 12.03
C ILE A 957 7.50 -3.94 12.14
N TYR A 958 6.28 -4.29 11.80
CA TYR A 958 5.81 -5.66 11.82
C TYR A 958 5.54 -6.11 10.40
N ASP A 959 6.17 -7.22 10.02
CA ASP A 959 6.03 -7.82 8.71
C ASP A 959 5.78 -9.31 8.79
N ASN A 960 5.76 -9.89 9.98
CA ASN A 960 5.52 -11.31 10.16
C ASN A 960 4.91 -11.52 11.53
N VAL A 961 4.26 -12.67 11.71
CA VAL A 961 3.67 -12.96 13.01
C VAL A 961 4.76 -13.17 14.06
N PHE A 962 5.86 -13.79 13.66
CA PHE A 962 6.90 -14.21 14.59
C PHE A 962 8.22 -13.55 14.23
N ASP A 963 9.01 -13.26 15.26
CA ASP A 963 10.32 -12.63 15.10
C ASP A 963 11.36 -13.47 15.82
N GLY A 964 12.51 -13.64 15.18
CA GLY A 964 13.60 -14.41 15.76
C GLY A 964 13.66 -15.81 15.18
N SER A 965 14.68 -16.54 15.63
CA SER A 965 14.93 -17.89 15.16
C SER A 965 15.14 -18.83 16.34
N GLY A 966 14.76 -20.09 16.14
CA GLY A 966 14.96 -21.09 17.17
C GLY A 966 14.10 -20.83 18.39
N LEU A 967 14.60 -21.26 19.55
CA LEU A 967 13.88 -21.08 20.79
C LEU A 967 13.78 -19.62 21.20
N GLN A 968 14.53 -18.73 20.54
CA GLN A 968 14.45 -17.30 20.79
C GLN A 968 13.34 -16.63 19.99
N ILE A 969 12.52 -17.40 19.29
CA ILE A 969 11.45 -16.85 18.46
C ILE A 969 10.22 -16.61 19.33
N GLU A 970 9.62 -15.43 19.18
CA GLU A 970 8.41 -15.09 19.91
C GLU A 970 7.55 -14.22 19.02
N PRO A 971 6.26 -14.10 19.33
CA PRO A 971 5.40 -13.22 18.53
C PRO A 971 5.92 -11.79 18.53
N GLY A 972 5.75 -11.11 17.39
CA GLY A 972 6.33 -9.80 17.23
C GLY A 972 5.86 -8.81 18.28
N LEU A 973 4.59 -8.91 18.67
CA LEU A 973 4.00 -7.97 19.60
C LEU A 973 4.26 -8.35 21.06
N LYS A 974 5.27 -9.16 21.34
CA LYS A 974 5.59 -9.53 22.71
C LYS A 974 6.59 -8.59 23.34
N ARG A 975 7.60 -8.16 22.59
CA ARG A 975 8.65 -7.29 23.10
C ARG A 975 8.88 -6.13 22.14
N CYS A 976 9.25 -4.99 22.72
CA CYS A 976 9.54 -3.81 21.92
C CYS A 976 10.86 -3.98 21.16
N SER A 977 10.99 -3.24 20.06
CA SER A 977 12.19 -3.31 19.25
C SER A 977 13.39 -2.67 19.94
N LYS A 978 13.16 -1.87 20.98
CA LYS A 978 14.26 -1.21 21.69
C LYS A 978 14.71 -2.08 22.85
N PRO A 979 15.95 -2.57 22.86
CA PRO A 979 16.36 -3.43 23.98
C PRO A 979 16.20 -2.79 25.34
N GLU A 980 16.48 -1.49 25.45
CA GLU A 980 16.31 -0.79 26.72
C GLU A 980 14.86 -0.64 27.12
N CYS A 981 13.91 -0.89 26.22
CA CYS A 981 12.49 -0.74 26.51
C CYS A 981 11.91 -2.09 26.91
N ASP A 982 11.27 -2.13 28.07
CA ASP A 982 10.63 -3.34 28.57
C ASP A 982 9.14 -3.40 28.24
N ALA A 983 8.61 -2.37 27.59
CA ALA A 983 7.18 -2.33 27.30
C ALA A 983 6.81 -3.41 26.29
N SER A 984 5.70 -4.10 26.54
CA SER A 984 5.21 -5.11 25.63
C SER A 984 4.06 -4.54 24.82
N PRO A 985 4.17 -4.46 23.48
CA PRO A 985 3.03 -3.94 22.71
C PRO A 985 1.76 -4.74 22.92
N LEU A 986 1.88 -6.02 23.29
CA LEU A 986 0.69 -6.82 23.57
C LEU A 986 -0.11 -6.24 24.73
N ASP A 987 0.52 -5.42 25.57
CA ASP A 987 -0.23 -4.76 26.63
C ASP A 987 -1.16 -3.70 26.07
N TYR A 988 -0.70 -2.94 25.08
CA TYR A 988 -1.51 -1.89 24.45
C TYR A 988 -2.16 -2.41 23.17
N VAL A 989 -2.95 -3.49 23.30
CA VAL A 989 -3.61 -4.05 22.14
C VAL A 989 -4.81 -3.20 21.70
N ILE A 990 -5.40 -2.42 22.59
CA ILE A 990 -6.43 -1.48 22.16
C ILE A 990 -5.82 -0.44 21.22
N GLN A 991 -4.64 0.07 21.57
CA GLN A 991 -3.97 1.02 20.70
C GLN A 991 -3.58 0.38 19.36
N VAL A 992 -3.14 -0.88 19.39
CA VAL A 992 -2.81 -1.57 18.16
C VAL A 992 -4.05 -1.71 17.28
N HIS A 993 -5.18 -2.05 17.89
CA HIS A 993 -6.44 -2.15 17.16
C HIS A 993 -6.79 -0.81 16.52
N ASN A 994 -6.68 0.27 17.29
CA ASN A 994 -7.03 1.59 16.76
C ASN A 994 -6.11 1.98 15.61
N LYS A 995 -4.81 1.72 15.76
CA LYS A 995 -3.88 2.04 14.68
C LYS A 995 -4.17 1.21 13.45
N LEU A 996 -4.54 -0.06 13.64
CA LEU A 996 -4.90 -0.90 12.50
C LEU A 996 -6.11 -0.33 11.77
N LEU A 997 -7.14 0.08 12.51
CA LEU A 997 -8.30 0.66 11.86
C LEU A 997 -7.95 1.96 11.13
N LEU A 998 -7.11 2.79 11.74
CA LEU A 998 -6.70 4.02 11.08
C LEU A 998 -5.93 3.73 9.80
N ASP A 999 -5.05 2.74 9.82
CA ASP A 999 -4.30 2.38 8.63
C ASP A 999 -5.22 1.85 7.54
N ILE A 1000 -6.20 1.03 7.91
CA ILE A 1000 -7.16 0.53 6.93
C ILE A 1000 -7.93 1.68 6.31
N ARG A 1001 -8.34 2.65 7.13
CA ARG A 1001 -9.02 3.82 6.60
C ARG A 1001 -8.11 4.59 5.64
N ARG A 1002 -6.83 4.71 5.99
CA ARG A 1002 -5.88 5.41 5.12
C ARG A 1002 -5.77 4.73 3.76
N TYR A 1003 -5.67 3.40 3.75
CA TYR A 1003 -5.54 2.69 2.49
C TYR A 1003 -6.82 2.77 1.67
N ILE A 1004 -7.98 2.66 2.32
CA ILE A 1004 -9.23 2.78 1.58
C ILE A 1004 -9.36 4.17 0.97
N LYS A 1005 -8.97 5.20 1.73
CA LYS A 1005 -9.00 6.55 1.18
C LYS A 1005 -8.06 6.68 0.00
N LYS A 1006 -6.87 6.08 0.10
CA LYS A 1006 -5.94 6.12 -1.02
C LYS A 1006 -6.57 5.47 -2.25
N TYR A 1007 -7.23 4.34 -2.09
CA TYR A 1007 -7.85 3.68 -3.23
C TYR A 1007 -8.96 4.53 -3.83
N TYR A 1008 -9.83 5.09 -3.00
CA TYR A 1008 -10.96 5.83 -3.51
C TYR A 1008 -10.60 7.24 -3.95
N SER A 1009 -9.36 7.67 -3.73
CA SER A 1009 -8.91 8.94 -4.29
C SER A 1009 -8.98 8.91 -5.81
N GLY A 1010 -8.81 7.73 -6.41
CA GLY A 1010 -8.95 7.59 -7.84
C GLY A 1010 -7.93 8.36 -8.64
N TRP A 1011 -6.66 8.27 -8.25
CA TRP A 1011 -5.59 8.94 -8.97
C TRP A 1011 -5.20 8.13 -10.19
N LEU A 1012 -5.08 8.80 -11.33
CA LEU A 1012 -4.72 8.17 -12.58
C LEU A 1012 -3.44 8.82 -13.11
N VAL A 1013 -2.54 8.01 -13.65
CA VAL A 1013 -1.30 8.48 -14.24
C VAL A 1013 -1.21 7.95 -15.67
N CYS A 1014 -0.75 8.79 -16.58
CA CYS A 1014 -0.55 8.35 -17.95
C CYS A 1014 0.60 7.35 -18.02
N GLU A 1015 0.40 6.27 -18.78
CA GLU A 1015 1.42 5.24 -18.90
C GLU A 1015 2.60 5.68 -19.76
N GLU A 1016 2.45 6.76 -20.53
CA GLU A 1016 3.54 7.26 -21.35
C GLU A 1016 4.58 7.94 -20.48
N LYS A 1017 5.84 7.54 -20.64
CA LYS A 1017 6.91 8.12 -19.84
C LYS A 1017 7.05 9.61 -20.12
N THR A 1018 6.87 10.01 -21.37
CA THR A 1018 7.05 11.39 -21.78
C THR A 1018 5.85 12.26 -21.44
N CYS A 1019 4.77 11.68 -20.91
CA CYS A 1019 3.62 12.45 -20.47
C CYS A 1019 3.42 12.39 -18.96
N GLN A 1020 3.27 11.20 -18.40
CA GLN A 1020 3.14 11.03 -16.94
C GLN A 1020 2.15 12.05 -16.37
N ASN A 1021 1.05 12.25 -17.08
CA ASN A 1021 0.01 13.15 -16.60
C ASN A 1021 -0.74 12.52 -15.45
N ARG A 1022 -0.90 13.28 -14.37
CA ARG A 1022 -1.53 12.81 -13.14
C ARG A 1022 -2.82 13.58 -12.92
N THR A 1023 -3.94 12.87 -12.93
CA THR A 1023 -5.25 13.51 -12.78
C THR A 1023 -6.14 12.67 -11.89
N ARG A 1024 -7.05 13.36 -11.21
CA ARG A 1024 -8.10 12.72 -10.44
C ARG A 1024 -9.34 12.45 -11.28
N ARG A 1025 -9.49 13.17 -12.39
CA ARG A 1025 -10.69 13.09 -13.21
C ARG A 1025 -10.57 11.94 -14.19
N LEU A 1026 -11.57 11.06 -14.19
CA LEU A 1026 -11.64 9.99 -15.16
C LEU A 1026 -12.41 10.47 -16.38
N PRO A 1027 -11.80 10.54 -17.56
CA PRO A 1027 -12.55 11.00 -18.74
C PRO A 1027 -13.37 9.88 -19.34
N LEU A 1028 -14.52 10.26 -19.91
CA LEU A 1028 -15.40 9.30 -20.56
C LEU A 1028 -14.88 8.81 -21.89
N SER A 1029 -13.81 9.41 -22.43
CA SER A 1029 -13.24 9.01 -23.70
C SER A 1029 -12.33 7.81 -23.47
N PHE A 1030 -12.70 6.66 -23.99
CA PHE A 1030 -11.99 5.41 -23.76
C PHE A 1030 -11.49 4.82 -25.06
N SER A 1031 -10.28 4.26 -25.01
CA SER A 1031 -9.80 3.38 -26.05
C SER A 1031 -10.11 1.94 -25.67
N ARG A 1032 -9.64 0.99 -26.48
CA ARG A 1032 -9.82 -0.42 -26.13
C ARG A 1032 -9.11 -0.80 -24.84
N ASN A 1033 -8.07 -0.07 -24.46
CA ASN A 1033 -7.30 -0.42 -23.27
C ASN A 1033 -7.75 0.32 -22.02
N GLY A 1034 -8.53 1.38 -22.14
CA GLY A 1034 -8.99 2.12 -20.99
C GLY A 1034 -9.08 3.61 -21.27
N PRO A 1035 -9.17 4.42 -20.21
CA PRO A 1035 -9.31 5.86 -20.41
C PRO A 1035 -8.14 6.45 -21.19
N ILE A 1036 -8.47 7.36 -22.09
CA ILE A 1036 -7.49 8.03 -22.93
C ILE A 1036 -7.02 9.29 -22.22
N CYS A 1037 -5.70 9.42 -22.06
CA CYS A 1037 -5.15 10.60 -21.40
C CYS A 1037 -5.46 11.86 -22.20
N GLN A 1038 -6.04 12.85 -21.54
CA GLN A 1038 -6.45 14.08 -22.21
C GLN A 1038 -5.32 15.09 -22.34
N ALA A 1039 -4.14 14.80 -21.80
CA ALA A 1039 -3.00 15.67 -22.00
C ALA A 1039 -2.30 15.40 -23.33
N CYS A 1040 -2.10 14.12 -23.66
CA CYS A 1040 -1.45 13.75 -24.91
C CYS A 1040 -2.40 13.12 -25.92
N SER A 1041 -3.54 12.59 -25.48
CA SER A 1041 -4.56 12.02 -26.36
C SER A 1041 -4.07 10.77 -27.08
N LYS A 1042 -3.02 10.13 -26.58
CA LYS A 1042 -2.43 8.99 -27.27
C LYS A 1042 -2.03 7.85 -26.34
N ALA A 1043 -2.31 7.93 -25.05
CA ALA A 1043 -1.90 6.91 -24.10
C ALA A 1043 -3.00 6.69 -23.08
N THR A 1044 -2.91 5.57 -22.38
CA THR A 1044 -3.95 5.15 -21.45
C THR A 1044 -3.62 5.61 -20.04
N LEU A 1045 -4.66 5.97 -19.30
CA LEU A 1045 -4.54 6.34 -17.90
C LEU A 1045 -4.67 5.08 -17.04
N ARG A 1046 -3.70 4.86 -16.17
CA ARG A 1046 -3.69 3.71 -15.28
C ARG A 1046 -3.88 4.19 -13.85
N SER A 1047 -4.60 3.40 -13.05
CA SER A 1047 -4.83 3.76 -11.67
C SER A 1047 -3.50 3.75 -10.91
N GLU A 1048 -3.28 4.79 -10.12
CA GLU A 1048 -2.08 4.84 -9.30
C GLU A 1048 -2.12 3.81 -8.18
N TYR A 1049 -3.31 3.56 -7.63
CA TYR A 1049 -3.51 2.59 -6.56
C TYR A 1049 -4.66 1.68 -6.96
N PRO A 1050 -4.39 0.66 -7.78
CA PRO A 1050 -5.47 -0.19 -8.28
C PRO A 1050 -6.09 -1.03 -7.17
N GLU A 1051 -7.20 -1.70 -7.52
CA GLU A 1051 -7.90 -2.53 -6.55
C GLU A 1051 -7.01 -3.66 -6.04
N LYS A 1052 -6.18 -4.23 -6.92
CA LYS A 1052 -5.29 -5.30 -6.50
C LYS A 1052 -4.34 -4.83 -5.41
N ALA A 1053 -3.87 -3.57 -5.51
CA ALA A 1053 -2.96 -3.05 -4.49
C ALA A 1053 -3.65 -3.02 -3.12
N LEU A 1054 -4.86 -2.50 -3.06
CA LEU A 1054 -5.57 -2.45 -1.78
C LEU A 1054 -5.87 -3.85 -1.26
N TYR A 1055 -6.29 -4.75 -2.15
CA TYR A 1055 -6.56 -6.12 -1.74
C TYR A 1055 -5.31 -6.77 -1.16
N THR A 1056 -4.17 -6.57 -1.80
CA THR A 1056 -2.93 -7.17 -1.33
C THR A 1056 -2.51 -6.54 -0.01
N GLN A 1057 -2.75 -5.25 0.16
CA GLN A 1057 -2.42 -4.61 1.44
C GLN A 1057 -3.24 -5.20 2.58
N LEU A 1058 -4.55 -5.36 2.35
CA LEU A 1058 -5.39 -5.95 3.39
C LEU A 1058 -4.99 -7.40 3.64
N CYS A 1059 -4.67 -8.14 2.58
CA CYS A 1059 -4.21 -9.51 2.76
C CYS A 1059 -2.91 -9.57 3.54
N PHE A 1060 -2.01 -8.62 3.32
CA PHE A 1060 -0.77 -8.58 4.08
C PHE A 1060 -1.02 -8.28 5.55
N TYR A 1061 -1.92 -7.34 5.82
CA TYR A 1061 -2.25 -7.06 7.21
C TYR A 1061 -2.87 -8.28 7.88
N ARG A 1062 -3.65 -9.06 7.14
CA ARG A 1062 -4.13 -10.33 7.67
C ARG A 1062 -2.98 -11.31 7.87
N PHE A 1063 -2.02 -11.32 6.95
CA PHE A 1063 -0.90 -12.25 7.02
C PHE A 1063 -0.04 -12.00 8.25
N ILE A 1064 0.21 -10.74 8.58
CA ILE A 1064 1.08 -10.40 9.70
C ILE A 1064 0.38 -10.66 11.03
N PHE A 1065 -0.85 -11.18 10.99
CA PHE A 1065 -1.56 -11.58 12.20
C PHE A 1065 -2.13 -12.99 12.12
N ASP A 1066 -1.72 -13.78 11.14
CA ASP A 1066 -2.25 -15.14 10.95
C ASP A 1066 -1.36 -16.11 11.74
N TRP A 1067 -1.77 -16.43 12.96
CA TRP A 1067 -1.00 -17.34 13.80
C TRP A 1067 -0.91 -18.72 13.17
N ASP A 1068 -2.06 -19.29 12.78
CA ASP A 1068 -2.07 -20.65 12.26
C ASP A 1068 -1.27 -20.77 10.98
N TYR A 1069 -1.44 -19.83 10.06
CA TYR A 1069 -0.70 -19.90 8.81
C TYR A 1069 0.79 -19.79 9.06
N ALA A 1070 1.20 -18.88 9.94
CA ALA A 1070 2.61 -18.73 10.23
C ALA A 1070 3.16 -20.03 10.82
N LEU A 1071 2.42 -20.64 11.73
CA LEU A 1071 2.88 -21.89 12.33
C LEU A 1071 3.05 -22.97 11.28
N GLU A 1072 2.09 -23.08 10.35
CA GLU A 1072 2.16 -24.16 9.38
C GLU A 1072 3.24 -23.90 8.33
N LYS A 1073 3.24 -22.71 7.73
CA LYS A 1073 4.12 -22.42 6.60
C LYS A 1073 5.43 -21.76 7.00
N VAL A 1074 5.35 -20.59 7.63
CA VAL A 1074 6.56 -19.79 7.85
C VAL A 1074 7.49 -20.47 8.85
N VAL A 1075 6.95 -20.95 9.95
CA VAL A 1075 7.78 -21.41 11.07
C VAL A 1075 8.37 -22.78 10.74
N SER A 1076 9.54 -23.05 11.31
CA SER A 1076 10.24 -24.31 11.12
C SER A 1076 9.64 -25.37 12.07
N GLU A 1077 10.32 -26.51 12.19
CA GLU A 1077 9.82 -27.60 13.02
C GLU A 1077 10.08 -27.35 14.51
N GLN A 1078 11.35 -27.12 14.88
CA GLN A 1078 11.66 -26.85 16.28
C GLN A 1078 10.99 -25.56 16.74
N GLU A 1079 10.99 -24.53 15.90
CA GLU A 1079 10.31 -23.30 16.24
C GLU A 1079 8.81 -23.53 16.41
N ARG A 1080 8.22 -24.34 15.54
CA ARG A 1080 6.79 -24.66 15.68
C ARG A 1080 6.53 -25.35 17.00
N GLY A 1081 7.39 -26.30 17.37
CA GLY A 1081 7.22 -26.97 18.66
C GLY A 1081 7.31 -26.00 19.82
N HIS A 1082 8.29 -25.08 19.76
CA HIS A 1082 8.45 -24.12 20.84
C HIS A 1082 7.27 -23.15 20.91
N LEU A 1083 6.62 -22.87 19.79
CA LEU A 1083 5.51 -21.94 19.77
C LEU A 1083 4.16 -22.59 19.98
N LYS A 1084 4.08 -23.92 19.92
CA LYS A 1084 2.82 -24.63 20.05
C LYS A 1084 2.59 -25.11 21.48
N LYS A 1085 3.06 -24.37 22.46
CA LYS A 1085 2.91 -24.69 23.87
C LYS A 1085 2.14 -23.57 24.56
N LYS A 1086 1.95 -23.72 25.87
CA LYS A 1086 1.48 -22.62 26.69
C LYS A 1086 2.57 -21.56 26.80
N LEU A 1087 2.28 -20.50 27.53
CA LEU A 1087 3.05 -19.28 27.64
C LEU A 1087 2.83 -18.39 26.41
N PHE A 1088 2.10 -18.86 25.39
CA PHE A 1088 1.78 -18.06 24.23
C PHE A 1088 0.29 -18.07 23.90
N GLN A 1089 -0.53 -18.72 24.72
CA GLN A 1089 -1.96 -18.79 24.45
C GLN A 1089 -2.59 -17.40 24.45
N GLU A 1090 -2.23 -16.56 25.43
CA GLU A 1090 -2.77 -15.21 25.46
C GLU A 1090 -2.37 -14.42 24.23
N SER A 1091 -1.11 -14.53 23.81
CA SER A 1091 -0.67 -13.88 22.58
C SER A 1091 -1.44 -14.42 21.39
N GLU A 1092 -1.69 -15.72 21.36
CA GLU A 1092 -2.46 -16.31 20.27
C GLU A 1092 -3.86 -15.73 20.23
N ASN A 1093 -4.51 -15.59 21.39
CA ASN A 1093 -5.86 -15.04 21.43
C ASN A 1093 -5.87 -13.60 20.96
N GLN A 1094 -4.89 -12.81 21.39
CA GLN A 1094 -4.85 -11.41 20.98
C GLN A 1094 -4.60 -11.31 19.48
N TYR A 1095 -3.72 -12.16 18.94
CA TYR A 1095 -3.48 -12.16 17.50
C TYR A 1095 -4.73 -12.57 16.73
N LYS A 1096 -5.49 -13.54 17.25
CA LYS A 1096 -6.75 -13.91 16.61
C LYS A 1096 -7.72 -12.74 16.60
N LYS A 1097 -7.81 -12.02 17.72
CA LYS A 1097 -8.68 -10.86 17.77
C LYS A 1097 -8.24 -9.80 16.76
N LEU A 1098 -6.94 -9.57 16.65
CA LEU A 1098 -6.46 -8.56 15.71
C LEU A 1098 -6.70 -8.98 14.26
N LYS A 1099 -6.54 -10.26 13.96
CA LYS A 1099 -6.83 -10.75 12.62
C LYS A 1099 -8.32 -10.66 12.31
N SER A 1100 -9.16 -10.77 13.33
CA SER A 1100 -10.60 -10.64 13.11
C SER A 1100 -10.95 -9.30 12.48
N THR A 1101 -10.22 -8.24 12.83
CA THR A 1101 -10.50 -6.92 12.27
C THR A 1101 -10.25 -6.91 10.76
N VAL A 1102 -9.09 -7.40 10.34
CA VAL A 1102 -8.77 -7.41 8.92
C VAL A 1102 -9.69 -8.36 8.17
N ASP A 1103 -10.06 -9.47 8.81
CA ASP A 1103 -11.03 -10.38 8.19
C ASP A 1103 -12.37 -9.70 7.99
N GLN A 1104 -12.82 -8.94 8.99
CA GLN A 1104 -14.07 -8.22 8.86
C GLN A 1104 -14.01 -7.23 7.72
N VAL A 1105 -12.91 -6.50 7.61
CA VAL A 1105 -12.79 -5.53 6.52
C VAL A 1105 -12.81 -6.24 5.18
N LEU A 1106 -12.07 -7.35 5.06
CA LEU A 1106 -12.01 -8.06 3.79
C LEU A 1106 -13.34 -8.68 3.42
N SER A 1107 -14.15 -9.05 4.41
CA SER A 1107 -15.47 -9.59 4.13
C SER A 1107 -16.36 -8.59 3.43
N ARG A 1108 -16.05 -7.30 3.54
CA ARG A 1108 -16.84 -6.24 2.91
C ARG A 1108 -16.23 -5.77 1.60
N SER A 1109 -15.24 -6.49 1.07
CA SER A 1109 -14.56 -6.12 -0.16
C SER A 1109 -15.10 -6.96 -1.31
N GLY A 1110 -15.42 -6.29 -2.42
CA GLY A 1110 -15.86 -7.01 -3.61
C GLY A 1110 -14.77 -7.68 -4.39
N TYR A 1111 -13.52 -7.26 -4.19
CA TYR A 1111 -12.40 -7.87 -4.89
C TYR A 1111 -12.08 -9.26 -4.38
N SER A 1112 -14.22 -12.23 5.25
CA SER A 1112 -14.19 -13.36 6.17
C SER A 1112 -15.26 -14.40 5.88
N GLU A 1113 -16.07 -14.22 4.85
CA GLU A 1113 -17.15 -15.13 4.51
C GLU A 1113 -16.98 -15.64 3.10
N VAL A 1114 -17.19 -16.94 2.92
CA VAL A 1114 -17.17 -17.57 1.60
C VAL A 1114 -18.57 -18.08 1.32
N ASN A 1115 -19.17 -17.60 0.25
CA ASN A 1115 -20.51 -18.00 -0.16
C ASN A 1115 -20.37 -19.24 -1.05
N LEU A 1116 -20.63 -20.41 -0.47
CA LEU A 1116 -20.49 -21.65 -1.21
C LEU A 1116 -21.52 -21.78 -2.32
N SER A 1117 -22.65 -21.07 -2.21
CA SER A 1117 -23.64 -21.08 -3.28
C SER A 1117 -23.05 -20.49 -4.56
N LYS A 1118 -22.26 -19.42 -4.44
CA LYS A 1118 -21.68 -18.81 -5.63
C LYS A 1118 -20.64 -19.72 -6.26
N LEU A 1119 -19.91 -20.49 -5.44
CA LEU A 1119 -18.87 -21.36 -5.97
C LEU A 1119 -19.48 -22.57 -6.67
N PHE A 1120 -20.28 -23.35 -5.94
CA PHE A 1120 -20.92 -24.54 -6.47
C PHE A 1120 -22.33 -24.18 -6.91
N GLN A 1121 -22.65 -24.44 -8.16
CA GLN A 1121 -23.95 -24.11 -8.72
C GLN A 1121 -24.56 -25.30 -9.45
N GLN B 162 -13.65 23.79 29.88
CA GLN B 162 -13.61 25.02 30.66
C GLN B 162 -14.34 26.14 29.95
N LYS B 163 -13.91 26.46 28.73
CA LYS B 163 -14.55 27.52 27.98
C LYS B 163 -16.01 27.19 27.68
N TYR B 164 -16.28 25.95 27.28
CA TYR B 164 -17.64 25.56 26.94
C TYR B 164 -18.57 25.64 28.14
N GLY B 165 -18.10 25.16 29.30
CA GLY B 165 -18.95 25.10 30.48
C GLY B 165 -19.35 26.44 31.05
N SER B 166 -18.58 27.49 30.76
CA SER B 166 -18.82 28.82 31.30
C SER B 166 -19.42 29.77 30.27
N ARG B 167 -19.99 29.24 29.20
CA ARG B 167 -20.57 30.10 28.18
C ARG B 167 -21.78 30.85 28.72
N THR B 168 -22.03 32.02 28.15
CA THR B 168 -23.08 32.92 28.64
C THR B 168 -24.24 33.09 27.66
N ASN B 169 -24.08 32.68 26.40
CA ASN B 169 -25.12 32.84 25.39
C ASN B 169 -25.96 31.57 25.22
N ARG B 170 -26.16 30.83 26.30
CA ARG B 170 -26.97 29.62 26.25
C ARG B 170 -28.39 29.95 25.79
N GLY B 171 -28.89 29.17 24.83
CA GLY B 171 -30.26 29.29 24.37
C GLY B 171 -30.52 30.46 23.44
N GLU B 172 -29.51 31.23 23.07
CA GLU B 172 -29.74 32.38 22.21
C GLU B 172 -30.18 31.92 20.83
N VAL B 173 -31.21 32.58 20.30
CA VAL B 173 -31.70 32.28 18.96
C VAL B 173 -30.85 33.09 17.99
N VAL B 174 -29.94 32.42 17.30
CA VAL B 174 -29.04 33.13 16.40
C VAL B 174 -29.67 33.35 15.04
N THR B 175 -30.67 32.57 14.65
CA THR B 175 -31.34 32.82 13.38
C THR B 175 -32.78 32.36 13.48
N THR B 176 -33.67 33.06 12.77
CA THR B 176 -35.09 32.76 12.80
C THR B 176 -35.68 32.86 11.40
N TYR B 177 -36.75 32.08 11.18
CA TYR B 177 -37.48 32.11 9.93
C TYR B 177 -38.91 31.65 10.18
N GLY B 178 -39.85 32.27 9.49
CA GLY B 178 -41.24 31.84 9.53
C GLY B 178 -42.05 32.49 10.63
N GLU B 179 -43.15 31.82 10.98
CA GLU B 179 -44.06 32.36 11.98
C GLU B 179 -43.37 32.50 13.33
N LEU B 180 -43.56 33.63 13.98
CA LEU B 180 -43.00 33.84 15.30
C LEU B 180 -43.67 32.92 16.31
N GLN B 181 -42.86 32.33 17.17
CA GLN B 181 -43.34 31.42 18.20
C GLN B 181 -42.89 31.92 19.57
N GLY B 182 -43.44 31.31 20.61
CA GLY B 182 -43.11 31.71 21.96
C GLY B 182 -41.67 31.39 22.30
N THR B 183 -41.22 31.95 23.44
CA THR B 183 -39.85 31.73 23.87
C THR B 183 -39.59 30.26 24.19
N THR B 184 -40.62 29.47 24.41
CA THR B 184 -40.49 28.05 24.70
C THR B 184 -41.20 27.24 23.64
N TRP B 185 -40.54 26.16 23.19
CA TRP B 185 -41.09 25.26 22.18
C TRP B 185 -41.44 23.94 22.84
N ASN B 186 -42.60 23.40 22.49
CA ASN B 186 -43.06 22.12 23.01
C ASN B 186 -43.55 21.26 21.86
N GLY B 187 -43.34 19.95 21.99
CA GLY B 187 -43.73 18.98 21.00
C GLY B 187 -44.65 17.91 21.58
N GLY B 188 -45.07 17.03 20.69
CA GLY B 188 -45.99 15.96 21.03
C GLY B 188 -45.33 14.72 21.57
N SER B 189 -44.01 14.74 21.81
CA SER B 189 -43.28 13.58 22.32
C SER B 189 -43.39 12.39 21.37
N GLY B 190 -43.54 12.66 20.08
CA GLY B 190 -43.66 11.58 19.11
C GLY B 190 -44.88 10.70 19.33
N SER B 191 -46.00 11.30 19.72
CA SER B 191 -47.21 10.52 19.98
C SER B 191 -47.93 10.23 18.66
N ASN B 192 -48.43 11.27 18.01
CA ASN B 192 -49.05 11.13 16.69
C ASN B 192 -48.04 11.46 15.59
N THR B 193 -47.00 10.63 15.51
CA THR B 193 -45.90 10.81 14.58
C THR B 193 -45.65 9.53 13.80
N ASN B 194 -45.46 9.67 12.49
CA ASN B 194 -45.16 8.55 11.61
C ASN B 194 -43.93 8.88 10.79
N VAL B 195 -42.81 8.24 11.12
CA VAL B 195 -41.52 8.50 10.48
C VAL B 195 -41.15 7.26 9.67
N GLU B 196 -40.83 7.47 8.40
CA GLU B 196 -40.42 6.38 7.53
C GLU B 196 -39.44 6.93 6.50
N LEU B 197 -38.91 6.05 5.66
CA LEU B 197 -38.10 6.47 4.52
C LEU B 197 -39.00 6.74 3.33
N PHE B 198 -38.70 7.82 2.60
CA PHE B 198 -39.54 8.21 1.49
C PHE B 198 -39.67 7.08 0.49
N THR B 199 -40.90 6.62 0.28
CA THR B 199 -41.19 5.50 -0.61
C THR B 199 -41.20 6.02 -2.05
N SER B 200 -40.08 5.86 -2.73
CA SER B 200 -39.95 6.23 -4.13
C SER B 200 -39.76 4.97 -4.96
N LEU B 201 -39.53 5.16 -6.26
CA LEU B 201 -39.31 4.00 -7.13
C LEU B 201 -38.06 3.24 -6.72
N ASP B 202 -36.99 3.95 -6.41
CA ASP B 202 -35.72 3.31 -6.07
C ASP B 202 -35.70 2.83 -4.63
N GLU B 203 -35.15 1.63 -4.43
CA GLU B 203 -35.03 1.10 -3.08
C GLU B 203 -33.97 1.88 -2.30
N PRO B 204 -34.15 2.02 -0.99
CA PRO B 204 -33.18 2.80 -0.20
C PRO B 204 -31.98 1.97 0.21
N LEU B 205 -30.93 2.66 0.60
CA LEU B 205 -29.73 2.00 1.11
C LEU B 205 -29.96 1.70 2.59
N THR B 206 -30.10 0.42 2.92
CA THR B 206 -30.39 0.00 4.28
C THR B 206 -29.42 -1.03 4.82
N LYS B 207 -28.45 -1.47 4.02
CA LYS B 207 -27.50 -2.48 4.48
C LYS B 207 -26.19 -2.28 3.74
N MET B 208 -25.14 -2.86 4.29
CA MET B 208 -23.82 -2.71 3.70
C MET B 208 -23.78 -3.32 2.31
N TYR B 209 -23.04 -2.67 1.42
CA TYR B 209 -22.79 -3.18 0.08
C TYR B 209 -21.30 -3.36 -0.10
N LYS B 210 -20.89 -4.45 -0.72
CA LYS B 210 -19.48 -4.71 -0.94
C LYS B 210 -18.87 -3.60 -1.78
N PHE B 211 -17.71 -3.11 -1.35
CA PHE B 211 -17.07 -1.97 -1.99
C PHE B 211 -15.58 -2.28 -2.09
N MET B 212 -14.80 -1.26 -2.45
CA MET B 212 -13.36 -1.36 -2.71
C MET B 212 -13.06 -2.04 -4.04
N PHE B 213 -14.04 -2.23 -4.91
CA PHE B 213 -13.84 -2.85 -6.21
C PHE B 213 -14.63 -2.04 -7.24
N GLN B 214 -13.98 -1.06 -7.84
CA GLN B 214 -14.56 -0.20 -8.86
C GLN B 214 -13.82 -0.40 -10.16
N LYS B 215 -14.52 -0.81 -11.21
CA LYS B 215 -13.94 -0.87 -12.54
C LYS B 215 -14.10 0.48 -13.21
N LEU B 216 -13.03 0.93 -13.87
CA LEU B 216 -13.08 2.22 -14.54
C LEU B 216 -14.22 2.25 -15.56
N MET B 217 -14.52 1.12 -16.17
CA MET B 217 -15.64 1.05 -17.11
C MET B 217 -16.95 1.33 -16.39
N ASP B 218 -17.11 0.80 -15.17
CA ASP B 218 -18.34 1.05 -14.41
C ASP B 218 -18.48 2.52 -14.05
N ILE B 219 -17.39 3.17 -13.65
CA ILE B 219 -17.44 4.59 -13.35
C ILE B 219 -17.83 5.37 -14.61
N ARG B 220 -17.23 5.02 -15.74
CA ARG B 220 -17.57 5.67 -17.00
C ARG B 220 -19.06 5.52 -17.29
N GLU B 221 -19.58 4.30 -17.15
CA GLU B 221 -20.99 4.07 -17.44
C GLU B 221 -21.89 4.87 -16.52
N VAL B 222 -21.56 4.91 -15.22
CA VAL B 222 -22.42 5.61 -14.27
C VAL B 222 -22.44 7.11 -14.57
N VAL B 223 -21.27 7.70 -14.81
CA VAL B 223 -21.21 9.12 -15.11
C VAL B 223 -21.97 9.41 -16.41
N SER B 224 -21.76 8.58 -17.43
CA SER B 224 -22.41 8.81 -18.71
C SER B 224 -23.91 8.72 -18.59
N ILE B 225 -24.42 7.73 -17.84
CA ILE B 225 -25.87 7.60 -17.71
C ILE B 225 -26.43 8.75 -16.88
N LYS B 226 -25.68 9.24 -15.90
CA LYS B 226 -26.13 10.44 -15.18
C LYS B 226 -26.35 11.59 -16.15
N ILE B 227 -25.33 11.87 -16.97
CA ILE B 227 -25.45 12.97 -17.93
C ILE B 227 -26.63 12.71 -18.87
N GLU B 228 -26.74 11.48 -19.39
CA GLU B 228 -27.77 11.18 -20.36
C GLU B 228 -29.17 11.34 -19.78
N GLU B 229 -29.38 10.84 -18.56
CA GLU B 229 -30.71 10.90 -17.95
C GLU B 229 -31.11 12.33 -17.65
N LEU B 230 -30.21 13.11 -17.03
CA LEU B 230 -30.55 14.49 -16.76
C LEU B 230 -30.79 15.25 -18.06
N GLY B 231 -29.98 14.98 -19.08
CA GLY B 231 -30.17 15.66 -20.35
C GLY B 231 -31.49 15.29 -21.01
N ALA B 232 -31.90 14.04 -20.87
CA ALA B 232 -33.20 13.62 -21.43
C ALA B 232 -34.34 14.34 -20.74
N SER B 233 -34.30 14.42 -19.41
CA SER B 233 -35.35 15.16 -18.70
C SER B 233 -35.37 16.62 -19.13
N LEU B 234 -34.19 17.25 -19.22
CA LEU B 234 -34.14 18.65 -19.58
C LEU B 234 -34.57 18.87 -21.02
N LYS B 235 -34.25 17.94 -21.92
CA LYS B 235 -34.67 18.05 -23.31
C LYS B 235 -36.18 17.96 -23.42
N ASP B 236 -36.80 17.05 -22.68
CA ASP B 236 -38.25 16.99 -22.69
C ASP B 236 -38.85 18.28 -22.14
N HIS B 237 -38.26 18.81 -21.07
CA HIS B 237 -38.80 20.02 -20.46
C HIS B 237 -38.67 21.24 -21.36
N PHE B 238 -37.53 21.39 -22.03
CA PHE B 238 -37.25 22.56 -22.85
C PHE B 238 -37.67 22.42 -24.30
N GLN B 239 -38.18 21.25 -24.70
CA GLN B 239 -38.54 20.99 -26.08
C GLN B 239 -37.37 21.26 -27.02
N ILE B 240 -36.18 20.80 -26.63
CA ILE B 240 -35.01 20.87 -27.49
C ILE B 240 -35.11 19.80 -28.56
N ASP B 241 -34.78 20.16 -29.80
CA ASP B 241 -34.95 19.24 -30.92
C ASP B 241 -33.85 18.17 -30.94
N GLU B 242 -32.59 18.60 -31.07
CA GLU B 242 -31.49 17.66 -31.23
C GLU B 242 -30.27 18.17 -30.50
N PHE B 243 -29.56 17.25 -29.84
CA PHE B 243 -28.26 17.52 -29.28
C PHE B 243 -27.16 17.20 -30.29
N THR B 244 -26.08 17.94 -30.22
CA THR B 244 -24.96 17.81 -31.14
C THR B 244 -23.72 17.39 -30.39
N SER B 245 -22.84 16.67 -31.07
CA SER B 245 -21.59 16.23 -30.46
C SER B 245 -20.79 17.44 -30.03
N VAL B 246 -20.26 17.40 -28.81
CA VAL B 246 -19.52 18.55 -28.28
C VAL B 246 -18.26 18.80 -29.08
N SER B 247 -17.58 17.72 -29.48
CA SER B 247 -16.25 17.89 -30.07
C SER B 247 -16.31 18.42 -31.51
N LEU B 248 -17.36 18.10 -32.25
CA LEU B 248 -17.41 18.46 -33.65
C LEU B 248 -17.43 19.98 -33.81
N PRO B 249 -16.85 20.51 -34.89
CA PRO B 249 -16.97 21.95 -35.15
C PRO B 249 -18.40 22.35 -35.46
N ALA B 250 -18.71 23.61 -35.14
CA ALA B 250 -20.06 24.14 -35.36
C ALA B 250 -19.93 25.62 -35.74
N GLN B 251 -20.16 25.92 -37.03
CA GLN B 251 -20.15 27.30 -37.50
C GLN B 251 -21.41 28.04 -37.10
N GLU B 252 -22.55 27.36 -37.06
CA GLU B 252 -23.81 27.94 -36.62
C GLU B 252 -24.11 27.48 -35.20
N THR B 253 -25.12 28.09 -34.60
CA THR B 253 -25.43 27.81 -33.20
C THR B 253 -26.02 26.41 -33.05
N VAL B 254 -25.47 25.66 -32.10
CA VAL B 254 -25.93 24.30 -31.81
C VAL B 254 -26.13 24.17 -30.31
N THR B 255 -27.03 23.26 -29.92
CA THR B 255 -27.29 22.93 -28.53
C THR B 255 -26.51 21.68 -28.16
N VAL B 256 -25.76 21.76 -27.06
CA VAL B 256 -24.86 20.69 -26.63
C VAL B 256 -25.14 20.38 -25.17
N LEU B 257 -25.21 19.09 -24.86
CA LEU B 257 -25.37 18.59 -23.51
C LEU B 257 -24.04 18.05 -23.00
N GLY B 258 -23.69 18.38 -21.77
CA GLY B 258 -22.44 17.87 -21.24
C GLY B 258 -22.35 18.08 -19.75
N GLN B 259 -21.15 17.85 -19.23
CA GLN B 259 -20.85 18.11 -17.83
C GLN B 259 -19.59 18.97 -17.75
N ILE B 260 -19.57 19.86 -16.77
CA ILE B 260 -18.48 20.81 -16.62
C ILE B 260 -17.31 20.15 -15.89
N GLY B 261 -16.11 20.64 -16.16
CA GLY B 261 -14.92 20.15 -15.49
C GLY B 261 -13.81 21.17 -15.63
N CYS B 262 -12.71 20.88 -14.93
CA CYS B 262 -11.53 21.72 -14.95
C CYS B 262 -10.43 21.05 -15.76
N ASP B 263 -9.77 21.84 -16.60
CA ASP B 263 -8.73 21.32 -17.48
C ASP B 263 -7.49 20.88 -16.72
N SER B 264 -7.38 21.20 -15.43
CA SER B 264 -6.23 20.84 -14.63
C SER B 264 -6.72 20.40 -13.25
N ASN B 265 -5.77 20.01 -12.40
CA ASN B 265 -6.10 19.44 -11.10
C ASN B 265 -6.45 20.49 -10.05
N GLY B 266 -6.16 21.76 -10.31
CA GLY B 266 -6.44 22.81 -9.34
C GLY B 266 -7.91 23.12 -9.19
N LYS B 267 -8.23 24.32 -8.72
CA LYS B 267 -9.61 24.74 -8.55
C LYS B 267 -10.09 25.42 -9.82
N LEU B 268 -11.36 25.19 -10.15
CA LEU B 268 -11.92 25.69 -11.40
C LEU B 268 -11.90 27.21 -11.44
N ASN B 269 -11.55 27.75 -12.60
CA ASN B 269 -11.67 29.18 -12.87
C ASN B 269 -12.22 29.36 -14.28
N SER B 270 -12.61 30.60 -14.59
CA SER B 270 -13.32 30.88 -15.83
C SER B 270 -12.49 30.54 -17.07
N LYS B 271 -11.18 30.41 -16.94
CA LYS B 271 -10.31 30.13 -18.07
C LYS B 271 -9.89 28.67 -18.13
N SER B 272 -10.42 27.82 -17.26
CA SER B 272 -10.04 26.42 -17.19
C SER B 272 -11.25 25.50 -17.27
N VAL B 273 -12.31 25.96 -17.93
CA VAL B 273 -13.55 25.19 -17.99
C VAL B 273 -13.54 24.33 -19.24
N ILE B 274 -13.89 23.06 -19.08
CA ILE B 274 -14.05 22.14 -20.20
C ILE B 274 -15.42 21.48 -20.07
N LEU B 275 -16.00 21.15 -21.21
CA LEU B 275 -17.27 20.47 -21.28
C LEU B 275 -17.03 19.08 -21.84
N GLU B 276 -17.44 18.06 -21.09
CA GLU B 276 -17.28 16.67 -21.49
C GLU B 276 -18.65 16.11 -21.82
N GLY B 277 -18.80 15.61 -23.03
CA GLY B 277 -20.07 15.07 -23.47
C GLY B 277 -20.27 13.63 -23.04
N ASP B 278 -21.50 13.17 -23.21
CA ASP B 278 -21.84 11.81 -22.89
C ASP B 278 -21.47 10.87 -24.03
N ARG B 279 -21.55 9.57 -23.75
CA ARG B 279 -21.21 8.57 -24.75
C ARG B 279 -22.20 8.55 -25.90
N GLU B 280 -23.46 8.85 -25.64
CA GLU B 280 -24.49 8.71 -26.67
C GLU B 280 -24.31 9.76 -27.76
N HIS B 281 -24.04 11.01 -27.39
CA HIS B 281 -24.03 12.10 -28.34
C HIS B 281 -22.64 12.59 -28.70
N SER B 282 -21.62 12.28 -27.89
CA SER B 282 -20.29 12.82 -28.12
C SER B 282 -19.17 11.80 -27.98
N ALA B 283 -19.46 10.54 -27.74
CA ALA B 283 -18.43 9.52 -27.55
C ALA B 283 -17.50 9.88 -26.39
N GLY B 284 -18.01 10.64 -25.43
CA GLY B 284 -17.22 11.02 -24.26
C GLY B 284 -16.17 12.07 -24.51
N MET B 285 -16.19 12.75 -25.64
CA MET B 285 -15.15 13.71 -25.96
C MET B 285 -15.33 15.00 -25.17
N GLN B 286 -14.22 15.68 -24.91
CA GLN B 286 -14.19 16.95 -24.22
C GLN B 286 -13.94 18.10 -25.19
N VAL B 287 -14.20 19.31 -24.71
CA VAL B 287 -13.91 20.52 -25.47
C VAL B 287 -13.67 21.67 -24.51
N PRO B 288 -12.65 22.50 -24.74
CA PRO B 288 -12.52 23.71 -23.93
C PRO B 288 -13.70 24.66 -24.14
N VAL B 289 -14.01 25.43 -23.12
CA VAL B 289 -15.14 26.36 -23.13
C VAL B 289 -14.61 27.77 -22.94
N ASP B 290 -15.14 28.70 -23.72
CA ASP B 290 -14.79 30.11 -23.65
C ASP B 290 -16.02 30.88 -23.16
N LEU B 291 -15.94 31.41 -21.95
CA LEU B 291 -17.08 32.05 -21.30
C LEU B 291 -17.11 33.56 -21.54
N SER B 292 -16.55 34.03 -22.65
CA SER B 292 -16.51 35.47 -22.90
C SER B 292 -17.86 36.01 -23.36
N GLU B 293 -18.64 35.20 -24.07
CA GLU B 293 -19.92 35.63 -24.62
C GLU B 293 -21.10 35.30 -23.72
N LEU B 294 -20.87 34.67 -22.57
CA LEU B 294 -21.93 34.35 -21.63
C LEU B 294 -22.03 35.47 -20.59
N LYS B 295 -23.19 36.14 -20.54
CA LYS B 295 -23.34 37.28 -19.64
C LYS B 295 -23.50 36.86 -18.19
N ASP B 296 -24.22 35.77 -17.94
CA ASP B 296 -24.46 35.30 -16.57
C ASP B 296 -24.33 33.80 -16.54
N TYR B 297 -23.62 33.28 -15.54
CA TYR B 297 -23.41 31.85 -15.43
C TYR B 297 -23.03 31.50 -14.00
N SER B 298 -23.21 30.22 -13.67
CA SER B 298 -22.77 29.67 -12.40
C SER B 298 -22.47 28.19 -12.63
N LEU B 299 -21.20 27.83 -12.61
CA LEU B 299 -20.74 26.52 -13.02
C LEU B 299 -19.88 25.89 -11.93
N PHE B 300 -20.08 24.59 -11.72
CA PHE B 300 -19.21 23.82 -10.84
C PHE B 300 -18.89 22.50 -11.53
N PRO B 301 -17.74 21.90 -11.22
CA PRO B 301 -17.38 20.63 -11.87
C PRO B 301 -18.42 19.55 -11.58
N GLY B 302 -18.68 18.73 -12.59
CA GLY B 302 -19.70 17.69 -12.47
C GLY B 302 -21.10 18.17 -12.73
N GLN B 303 -21.29 19.42 -13.13
CA GLN B 303 -22.61 19.98 -13.36
C GLN B 303 -23.08 19.62 -14.76
N VAL B 304 -24.22 18.97 -14.86
CA VAL B 304 -24.80 18.64 -16.16
C VAL B 304 -25.51 19.87 -16.69
N VAL B 305 -25.11 20.32 -17.88
CA VAL B 305 -25.60 21.56 -18.45
C VAL B 305 -25.97 21.33 -19.91
N ILE B 306 -26.87 22.19 -20.38
CA ILE B 306 -27.21 22.31 -21.79
C ILE B 306 -26.88 23.74 -22.20
N MET B 307 -26.11 23.88 -23.27
CA MET B 307 -25.68 25.19 -23.72
C MET B 307 -25.89 25.34 -25.22
N GLU B 308 -26.32 26.52 -25.63
CA GLU B 308 -26.32 26.90 -27.03
C GLU B 308 -25.04 27.68 -27.31
N GLY B 309 -24.30 27.24 -28.32
CA GLY B 309 -23.04 27.90 -28.63
C GLY B 309 -22.52 27.47 -29.99
N THR B 310 -21.37 28.01 -30.34
CA THR B 310 -20.72 27.76 -31.62
C THR B 310 -19.27 27.36 -31.40
N ASN B 311 -18.76 26.53 -32.30
CA ASN B 311 -17.38 26.06 -32.28
C ASN B 311 -16.80 26.26 -33.67
N SER B 312 -16.29 27.47 -33.93
CA SER B 312 -15.84 27.81 -35.28
C SER B 312 -14.50 27.17 -35.60
N THR B 313 -13.62 27.09 -34.61
CA THR B 313 -12.29 26.50 -34.80
C THR B 313 -12.27 25.00 -34.55
N GLY B 314 -13.36 24.42 -34.11
CA GLY B 314 -13.36 23.01 -33.78
C GLY B 314 -12.54 22.67 -32.57
N ARG B 315 -12.04 23.67 -31.85
CA ARG B 315 -11.14 23.46 -30.73
C ARG B 315 -11.57 24.20 -29.48
N ARG B 316 -12.53 25.12 -29.57
CA ARG B 316 -12.97 25.89 -28.42
C ARG B 316 -14.46 26.19 -28.57
N PHE B 317 -15.25 25.68 -27.64
CA PHE B 317 -16.68 25.92 -27.65
C PHE B 317 -16.98 27.27 -27.00
N VAL B 318 -17.80 28.07 -27.66
CA VAL B 318 -18.16 29.39 -27.15
C VAL B 318 -19.65 29.39 -26.83
N PRO B 319 -20.05 29.18 -25.57
CA PRO B 319 -21.47 29.21 -25.25
C PRO B 319 -22.05 30.61 -25.42
N THR B 320 -23.29 30.66 -25.89
CA THR B 320 -24.06 31.89 -25.91
C THR B 320 -25.29 31.84 -25.02
N LYS B 321 -25.80 30.66 -24.70
CA LYS B 321 -26.88 30.51 -23.74
C LYS B 321 -26.59 29.31 -22.85
N LEU B 322 -26.81 29.49 -21.55
CA LEU B 322 -26.72 28.41 -20.57
C LEU B 322 -28.12 28.18 -20.02
N TYR B 323 -28.70 27.04 -20.38
CA TYR B 323 -30.05 26.74 -19.94
C TYR B 323 -30.10 26.62 -18.43
N GLU B 324 -31.18 27.13 -17.83
CA GLU B 324 -31.32 27.06 -16.40
C GLU B 324 -31.67 25.64 -15.95
N GLY B 325 -31.45 25.38 -14.67
CA GLY B 325 -31.83 24.12 -14.10
C GLY B 325 -33.32 24.00 -13.90
N VAL B 326 -33.79 22.76 -13.81
CA VAL B 326 -35.20 22.45 -13.60
C VAL B 326 -35.30 21.56 -12.37
N PRO B 327 -35.73 22.10 -11.24
CA PRO B 327 -35.86 21.26 -10.05
C PRO B 327 -37.02 20.30 -10.18
N LEU B 328 -36.94 19.21 -9.42
CA LEU B 328 -38.02 18.24 -9.42
C LEU B 328 -39.26 18.84 -8.74
N PRO B 329 -40.44 18.36 -9.08
CA PRO B 329 -41.65 18.83 -8.41
C PRO B 329 -41.65 18.43 -6.95
N PHE B 330 -42.31 19.25 -6.14
CA PHE B 330 -42.47 18.93 -4.73
C PHE B 330 -43.38 17.73 -4.57
N HIS B 331 -43.49 17.24 -3.35
CA HIS B 331 -44.33 16.10 -3.04
C HIS B 331 -45.76 16.55 -2.82
N GLN B 332 -46.71 15.81 -3.38
CA GLN B 332 -48.13 16.07 -3.19
C GLN B 332 -48.61 15.14 -2.07
N PRO B 333 -48.71 15.61 -0.84
CA PRO B 333 -49.04 14.69 0.26
C PRO B 333 -50.45 14.15 0.15
N SER B 334 -50.62 12.93 0.63
CA SER B 334 -51.94 12.31 0.73
C SER B 334 -52.70 12.91 1.91
N LYS B 335 -54.02 12.70 1.90
CA LYS B 335 -54.85 13.21 2.98
C LYS B 335 -54.74 12.40 4.26
N GLU B 336 -54.03 11.27 4.26
CA GLU B 336 -53.93 10.44 5.45
C GLU B 336 -53.42 11.24 6.65
N PHE B 337 -52.57 12.23 6.41
CA PHE B 337 -51.98 13.04 7.48
C PHE B 337 -52.57 14.44 7.55
N GLU B 338 -53.76 14.64 6.99
CA GLU B 338 -54.37 15.98 7.01
C GLU B 338 -54.70 16.42 8.43
N GLU B 339 -55.11 15.48 9.28
CA GLU B 339 -55.55 15.81 10.63
C GLU B 339 -54.44 15.71 11.66
N CYS B 340 -53.22 15.35 11.26
CA CYS B 340 -52.14 15.25 12.22
C CYS B 340 -51.69 16.65 12.64
N PRO B 341 -51.22 16.81 13.87
CA PRO B 341 -50.76 18.13 14.32
C PRO B 341 -49.38 18.45 13.76
N GLN B 342 -48.96 19.70 14.01
CA GLN B 342 -47.62 20.11 13.63
C GLN B 342 -46.59 19.33 14.44
N GLN B 343 -45.49 19.00 13.78
CA GLN B 343 -44.44 18.19 14.38
C GLN B 343 -43.19 19.03 14.62
N MET B 344 -42.53 18.77 15.74
CA MET B 344 -41.32 19.49 16.13
C MET B 344 -40.11 18.61 15.86
N VAL B 345 -39.11 19.18 15.20
CA VAL B 345 -37.89 18.46 14.85
C VAL B 345 -36.70 19.27 15.35
N ILE B 346 -35.84 18.61 16.13
CA ILE B 346 -34.58 19.18 16.59
C ILE B 346 -33.47 18.46 15.86
N THR B 347 -32.66 19.20 15.12
CA THR B 347 -31.58 18.62 14.33
C THR B 347 -30.24 19.17 14.82
N ALA B 348 -29.29 18.26 15.01
CA ALA B 348 -27.93 18.63 15.40
C ALA B 348 -26.93 17.77 14.63
N CYS B 349 -25.75 18.34 14.43
CA CYS B 349 -24.68 17.69 13.67
C CYS B 349 -23.41 17.68 14.50
N GLY B 350 -22.59 16.65 14.28
CA GLY B 350 -21.34 16.52 14.99
C GLY B 350 -20.32 17.52 14.50
N PRO B 351 -19.18 17.62 15.19
CA PRO B 351 -18.77 16.85 16.38
C PRO B 351 -19.59 17.17 17.62
N PHE B 352 -19.74 16.19 18.51
CA PHE B 352 -20.55 16.33 19.71
C PHE B 352 -19.72 16.56 20.97
N THR B 353 -18.40 16.41 20.89
CA THR B 353 -17.52 16.64 22.02
C THR B 353 -16.52 17.73 21.67
N THR B 354 -16.01 18.38 22.71
CA THR B 354 -15.04 19.43 22.54
C THR B 354 -13.74 18.86 21.99
N SER B 355 -12.93 19.72 21.39
CA SER B 355 -11.71 19.26 20.73
C SER B 355 -10.78 18.56 21.70
N ASP B 356 -10.78 18.96 22.97
CA ASP B 356 -9.85 18.45 23.95
C ASP B 356 -10.49 17.50 24.96
N THR B 357 -11.71 17.04 24.69
CA THR B 357 -12.40 16.15 25.61
C THR B 357 -13.10 15.05 24.82
N ILE B 358 -13.41 13.96 25.51
CA ILE B 358 -14.10 12.82 24.92
C ILE B 358 -15.31 12.47 25.78
N THR B 359 -15.82 13.46 26.50
CA THR B 359 -16.90 13.24 27.46
C THR B 359 -18.28 13.53 26.90
N TYR B 360 -18.38 14.18 25.74
CA TYR B 360 -19.66 14.48 25.10
C TYR B 360 -20.51 15.36 26.00
N ASP B 361 -19.97 16.54 26.34
CA ASP B 361 -20.72 17.49 27.14
C ASP B 361 -21.80 18.18 26.34
N ALA B 362 -21.49 18.57 25.11
CA ALA B 362 -22.49 19.21 24.26
C ALA B 362 -23.64 18.25 23.98
N LEU B 363 -23.33 16.97 23.81
CA LEU B 363 -24.38 15.98 23.61
C LEU B 363 -25.28 15.89 24.84
N LYS B 364 -24.69 15.94 26.04
CA LYS B 364 -25.51 15.91 27.24
C LYS B 364 -26.42 17.12 27.32
N ASP B 365 -25.90 18.30 27.00
CA ASP B 365 -26.73 19.49 26.98
C ASP B 365 -27.87 19.37 25.98
N LEU B 366 -27.57 18.83 24.79
CA LEU B 366 -28.61 18.67 23.78
C LEU B 366 -29.66 17.66 24.22
N ILE B 367 -29.23 16.58 24.88
CA ILE B 367 -30.19 15.60 25.38
C ILE B 367 -31.08 16.23 26.44
N ASP B 368 -30.50 17.07 27.30
CA ASP B 368 -31.32 17.78 28.28
C ASP B 368 -32.34 18.67 27.57
N ILE B 369 -31.91 19.37 26.51
CA ILE B 369 -32.83 20.19 25.75
C ILE B 369 -33.95 19.34 25.14
N VAL B 370 -33.59 18.17 24.64
CA VAL B 370 -34.60 17.29 24.03
C VAL B 370 -35.63 16.88 25.06
N ASN B 371 -35.17 16.44 26.23
CA ASN B 371 -36.12 16.02 27.26
C ASN B 371 -36.94 17.20 27.76
N ARG B 372 -36.37 18.41 27.75
CA ARG B 372 -37.10 19.59 28.18
C ARG B 372 -38.19 19.96 27.19
N ASP B 373 -37.87 19.99 25.89
CA ASP B 373 -38.81 20.45 24.88
C ASP B 373 -39.66 19.33 24.31
N ARG B 374 -39.27 18.07 24.49
CA ARG B 374 -40.02 16.93 24.00
C ARG B 374 -40.36 17.09 22.52
N PRO B 375 -39.37 17.11 21.65
CA PRO B 375 -39.64 17.16 20.21
C PRO B 375 -40.18 15.85 19.69
N ASP B 376 -40.77 15.91 18.49
CA ASP B 376 -41.29 14.72 17.86
C ASP B 376 -40.21 13.92 17.13
N ILE B 377 -39.22 14.61 16.56
CA ILE B 377 -38.09 13.92 15.93
C ILE B 377 -36.80 14.63 16.30
N CYS B 378 -35.76 13.84 16.53
CA CYS B 378 -34.41 14.35 16.76
C CYS B 378 -33.49 13.74 15.70
N ILE B 379 -32.98 14.58 14.81
CA ILE B 379 -32.11 14.16 13.73
C ILE B 379 -30.68 14.46 14.14
N LEU B 380 -29.90 13.41 14.39
CA LEU B 380 -28.51 13.55 14.79
C LEU B 380 -27.63 13.09 13.62
N LEU B 381 -26.79 13.99 13.13
CA LEU B 381 -25.88 13.72 12.03
C LEU B 381 -24.46 13.62 12.55
N GLY B 382 -23.68 12.73 11.94
CA GLY B 382 -22.34 12.49 12.40
C GLY B 382 -21.42 13.66 12.12
N PRO B 383 -20.16 13.53 12.53
CA PRO B 383 -19.55 12.36 13.18
C PRO B 383 -19.92 12.22 14.64
N PHE B 384 -19.97 10.99 15.13
CA PHE B 384 -20.17 10.72 16.54
C PHE B 384 -18.88 10.36 17.25
N LEU B 385 -17.91 9.83 16.51
CA LEU B 385 -16.53 9.63 16.97
C LEU B 385 -15.65 10.18 15.85
N ASP B 386 -15.34 11.46 15.93
CA ASP B 386 -14.67 12.15 14.83
C ASP B 386 -13.28 11.57 14.60
N ALA B 387 -12.94 11.39 13.32
CA ALA B 387 -11.60 10.90 12.98
C ALA B 387 -10.55 11.98 13.13
N LYS B 388 -10.94 13.24 13.03
CA LYS B 388 -10.02 14.38 13.14
C LYS B 388 -9.85 14.84 14.58
N HIS B 389 -10.56 14.24 15.53
CA HIS B 389 -10.37 14.57 16.93
C HIS B 389 -8.90 14.36 17.31
N GLU B 390 -8.32 15.34 17.99
CA GLU B 390 -6.89 15.27 18.28
C GLU B 390 -6.54 14.02 19.06
N GLN B 391 -7.42 13.60 19.96
CA GLN B 391 -7.16 12.39 20.74
C GLN B 391 -7.16 11.15 19.84
N ILE B 392 -8.05 11.12 18.84
CA ILE B 392 -8.16 9.94 17.99
C ILE B 392 -6.93 9.80 17.11
N GLU B 393 -6.49 10.89 16.49
CA GLU B 393 -5.40 10.80 15.53
C GLU B 393 -4.10 10.38 16.17
N ASN B 394 -3.79 10.91 17.36
CA ASN B 394 -2.53 10.65 18.02
C ASN B 394 -2.55 9.38 18.88
N LEU B 395 -3.65 8.63 18.85
CA LEU B 395 -3.74 7.34 19.55
C LEU B 395 -3.48 7.50 21.04
N GLN B 396 -4.34 8.29 21.67
CA GLN B 396 -4.36 8.46 23.12
C GLN B 396 -5.55 7.78 23.78
N LEU B 397 -6.44 7.18 23.00
CA LEU B 397 -7.63 6.55 23.54
C LEU B 397 -7.28 5.20 24.14
N THR B 398 -7.79 4.94 25.35
CA THR B 398 -7.55 3.70 26.05
C THR B 398 -8.61 2.65 25.77
N VAL B 399 -9.63 2.97 24.98
CA VAL B 399 -10.69 2.03 24.65
C VAL B 399 -10.87 2.03 23.13
N THR B 400 -11.39 0.92 22.61
CA THR B 400 -11.57 0.77 21.18
C THR B 400 -12.60 1.78 20.66
N PHE B 401 -12.49 2.09 19.37
CA PHE B 401 -13.42 3.02 18.76
C PHE B 401 -14.86 2.53 18.90
N GLU B 402 -15.09 1.25 18.66
CA GLU B 402 -16.44 0.71 18.74
C GLU B 402 -17.01 0.91 20.15
N ASP B 403 -16.18 0.78 21.17
CA ASP B 403 -16.67 0.96 22.54
C ASP B 403 -17.11 2.39 22.79
N VAL B 404 -16.31 3.37 22.34
CA VAL B 404 -16.70 4.76 22.51
C VAL B 404 -17.99 5.05 21.77
N PHE B 405 -18.11 4.57 20.53
CA PHE B 405 -19.32 4.82 19.77
C PHE B 405 -20.53 4.16 20.42
N LYS B 406 -20.35 2.96 20.94
CA LYS B 406 -21.44 2.28 21.63
C LYS B 406 -21.87 3.06 22.86
N ARG B 407 -20.91 3.58 23.62
CA ARG B 407 -21.24 4.41 24.78
C ARG B 407 -22.02 5.66 24.36
N CYS B 408 -21.59 6.31 23.27
CA CYS B 408 -22.28 7.50 22.80
C CYS B 408 -23.72 7.18 22.40
N LEU B 409 -23.90 6.09 21.66
CA LEU B 409 -25.24 5.74 21.21
C LEU B 409 -26.13 5.34 22.39
N LYS B 410 -25.58 4.62 23.36
CA LYS B 410 -26.35 4.31 24.56
C LYS B 410 -26.76 5.58 25.28
N MET B 411 -25.83 6.52 25.44
CA MET B 411 -26.18 7.80 26.05
C MET B 411 -27.34 8.46 25.32
N ILE B 412 -27.25 8.54 24.00
CA ILE B 412 -28.29 9.21 23.23
C ILE B 412 -29.62 8.52 23.42
N ILE B 413 -29.65 7.20 23.23
CA ILE B 413 -30.93 6.48 23.21
C ILE B 413 -31.55 6.43 24.59
N GLU B 414 -30.77 6.04 25.61
CA GLU B 414 -31.31 5.95 26.96
C GLU B 414 -31.70 7.32 27.50
N GLY B 415 -30.89 8.34 27.24
CA GLY B 415 -31.19 9.67 27.74
C GLY B 415 -32.44 10.29 27.16
N THR B 416 -32.85 9.86 25.97
CA THR B 416 -34.04 10.39 25.33
C THR B 416 -35.29 9.59 25.67
N ARG B 417 -35.17 8.59 26.54
CA ARG B 417 -36.34 7.79 26.92
C ARG B 417 -37.46 8.67 27.47
N PRO B 418 -37.22 9.60 28.38
CA PRO B 418 -38.33 10.43 28.88
C PRO B 418 -39.04 11.21 27.78
N SER B 419 -38.31 11.67 26.77
CA SER B 419 -38.94 12.46 25.72
C SER B 419 -39.77 11.63 24.76
N GLY B 420 -39.48 10.34 24.63
CA GLY B 420 -40.20 9.52 23.67
C GLY B 420 -40.08 10.02 22.25
N CYS B 421 -38.90 10.50 21.87
CA CYS B 421 -38.71 11.17 20.60
C CYS B 421 -38.05 10.23 19.59
N HIS B 422 -38.61 10.19 18.39
CA HIS B 422 -38.02 9.38 17.32
C HIS B 422 -36.65 9.91 16.95
N LEU B 423 -35.63 9.07 17.11
CA LEU B 423 -34.25 9.44 16.81
C LEU B 423 -33.88 8.95 15.41
N VAL B 424 -33.34 9.85 14.60
CA VAL B 424 -32.87 9.52 13.26
C VAL B 424 -31.37 9.78 13.23
N ILE B 425 -30.58 8.71 13.17
CA ILE B 425 -29.13 8.80 13.25
C ILE B 425 -28.56 8.65 11.84
N VAL B 426 -27.79 9.65 11.42
CA VAL B 426 -27.19 9.69 10.08
C VAL B 426 -25.68 9.59 10.24
N PRO B 427 -25.01 8.63 9.61
CA PRO B 427 -23.56 8.53 9.74
C PRO B 427 -22.85 9.62 8.97
N SER B 428 -21.56 9.78 9.27
CA SER B 428 -20.71 10.78 8.64
C SER B 428 -19.44 10.10 8.14
N LEU B 429 -18.87 10.66 7.08
CA LEU B 429 -17.62 10.13 6.56
C LEU B 429 -16.48 10.29 7.55
N ARG B 430 -16.64 11.14 8.56
CA ARG B 430 -15.63 11.32 9.59
C ARG B 430 -15.79 10.34 10.76
N ASP B 431 -16.76 9.45 10.71
CA ASP B 431 -16.92 8.42 11.74
C ASP B 431 -15.79 7.41 11.63
N VAL B 432 -14.85 7.46 12.57
CA VAL B 432 -13.66 6.62 12.50
C VAL B 432 -14.00 5.15 12.63
N HIS B 433 -15.17 4.80 13.14
CA HIS B 433 -15.52 3.42 13.40
C HIS B 433 -16.36 2.79 12.28
N HIS B 434 -16.78 3.56 11.29
CA HIS B 434 -17.69 3.07 10.27
C HIS B 434 -16.98 2.94 8.92
N ASP B 435 -17.66 2.29 7.99
CA ASP B 435 -17.10 2.05 6.67
C ASP B 435 -16.91 3.37 5.93
N PRO B 436 -15.71 3.69 5.47
CA PRO B 436 -15.48 4.97 4.77
C PRO B 436 -15.81 4.92 3.28
N VAL B 437 -17.10 5.03 2.99
CA VAL B 437 -17.57 4.97 1.61
C VAL B 437 -18.86 5.75 1.50
N TYR B 438 -19.05 6.41 0.37
CA TYR B 438 -20.26 7.19 0.11
C TYR B 438 -20.93 6.66 -1.14
N PRO B 439 -22.26 6.46 -1.14
CA PRO B 439 -23.23 6.64 -0.04
C PRO B 439 -22.96 5.74 1.14
N GLN B 440 -23.02 6.28 2.35
CA GLN B 440 -22.66 5.54 3.55
C GLN B 440 -23.82 4.66 3.98
N PRO B 441 -23.61 3.36 4.21
CA PRO B 441 -24.70 2.53 4.74
C PRO B 441 -25.03 2.93 6.17
N PRO B 442 -26.19 2.53 6.67
CA PRO B 442 -26.54 2.87 8.05
C PRO B 442 -25.67 2.16 9.06
N PHE B 443 -25.63 2.71 10.27
CA PHE B 443 -24.95 2.04 11.37
C PHE B 443 -25.63 0.71 11.67
N SER B 444 -24.81 -0.30 11.97
CA SER B 444 -25.34 -1.62 12.25
C SER B 444 -24.66 -2.30 13.43
N CYS B 445 -23.85 -1.58 14.20
CA CYS B 445 -23.14 -2.18 15.33
C CYS B 445 -23.88 -2.05 16.66
N PHE B 446 -25.06 -1.43 16.67
CA PHE B 446 -25.82 -1.21 17.89
C PHE B 446 -27.21 -1.79 17.75
N GLU B 447 -27.63 -2.56 18.74
CA GLU B 447 -28.97 -3.12 18.77
C GLU B 447 -29.78 -2.43 19.86
N PRO B 448 -30.72 -1.55 19.53
CA PRO B 448 -31.50 -0.89 20.58
C PRO B 448 -32.32 -1.90 21.38
N ALA B 449 -32.52 -1.58 22.66
CA ALA B 449 -33.36 -2.42 23.50
C ALA B 449 -34.76 -2.52 22.90
N LYS B 450 -35.52 -3.51 23.39
CA LYS B 450 -36.86 -3.74 22.86
C LYS B 450 -37.77 -2.54 23.06
N GLU B 451 -37.46 -1.68 24.03
CA GLU B 451 -38.29 -0.52 24.33
C GLU B 451 -37.91 0.69 23.50
N ASP B 452 -36.88 0.59 22.66
CA ASP B 452 -36.45 1.71 21.83
C ASP B 452 -36.34 1.34 20.36
N LYS B 453 -36.75 0.13 19.98
CA LYS B 453 -36.64 -0.29 18.60
C LYS B 453 -37.47 0.58 17.67
N GLU B 454 -38.71 0.89 18.08
CA GLU B 454 -39.60 1.69 17.24
C GLU B 454 -39.24 3.17 17.22
N ARG B 455 -38.32 3.61 18.07
CA ARG B 455 -37.96 5.02 18.18
C ARG B 455 -36.70 5.37 17.41
N VAL B 456 -35.79 4.43 17.26
CA VAL B 456 -34.48 4.68 16.66
C VAL B 456 -34.52 4.25 15.20
N HIS B 457 -34.05 5.14 14.32
CA HIS B 457 -33.98 4.88 12.89
C HIS B 457 -32.55 5.10 12.45
N PHE B 458 -31.83 4.02 12.16
CA PHE B 458 -30.48 4.11 11.61
C PHE B 458 -30.64 4.22 10.10
N VAL B 459 -30.44 5.42 9.58
CA VAL B 459 -30.64 5.70 8.16
C VAL B 459 -29.29 5.88 7.49
N ALA B 460 -29.33 5.95 6.17
CA ALA B 460 -28.13 6.07 5.35
C ALA B 460 -27.87 7.53 4.99
N ASP B 461 -26.62 7.81 4.64
CA ASP B 461 -26.21 9.11 4.15
C ASP B 461 -26.10 9.06 2.64
N PRO B 462 -26.89 9.82 1.86
CA PRO B 462 -27.94 10.76 2.25
C PRO B 462 -29.25 10.08 2.60
N CYS B 463 -30.20 10.78 3.19
CA CYS B 463 -31.50 10.20 3.51
C CYS B 463 -32.62 11.14 3.11
N THR B 464 -33.69 10.55 2.59
CA THR B 464 -34.95 11.25 2.35
C THR B 464 -35.99 10.63 3.27
N LEU B 465 -36.44 11.40 4.25
CA LEU B 465 -37.34 10.92 5.29
C LEU B 465 -38.73 11.48 5.06
N SER B 466 -39.75 10.69 5.38
CA SER B 466 -41.13 11.15 5.36
C SER B 466 -41.65 11.17 6.79
N VAL B 467 -42.12 12.35 7.20
CA VAL B 467 -42.62 12.60 8.55
C VAL B 467 -44.02 13.15 8.38
N ASN B 468 -45.03 12.29 8.50
CA ASN B 468 -46.41 12.70 8.34
C ASN B 468 -46.61 13.41 7.01
N GLY B 469 -45.96 12.89 5.97
CA GLY B 469 -46.07 13.45 4.64
C GLY B 469 -45.06 14.53 4.30
N VAL B 470 -44.37 15.07 5.29
CA VAL B 470 -43.35 16.08 5.01
C VAL B 470 -42.05 15.37 4.63
N VAL B 471 -41.49 15.76 3.49
CA VAL B 471 -40.27 15.15 2.98
C VAL B 471 -39.09 15.99 3.43
N ILE B 472 -38.20 15.38 4.19
CA ILE B 472 -36.99 16.04 4.69
C ILE B 472 -35.79 15.37 4.03
N GLY B 473 -35.00 16.14 3.31
CA GLY B 473 -33.74 15.64 2.80
C GLY B 473 -32.63 16.01 3.77
N MET B 474 -31.69 15.09 3.96
CA MET B 474 -30.60 15.34 4.88
C MET B 474 -29.35 14.62 4.39
N THR B 475 -28.21 15.26 4.63
CA THR B 475 -26.91 14.66 4.35
C THR B 475 -25.92 15.17 5.38
N SER B 476 -25.07 14.25 5.87
CA SER B 476 -24.00 14.65 6.77
C SER B 476 -22.85 15.31 6.03
N THR B 477 -22.69 15.02 4.74
CA THR B 477 -21.59 15.57 3.97
C THR B 477 -21.68 17.08 3.89
N ASP B 478 -20.52 17.73 4.00
CA ASP B 478 -20.44 19.18 3.91
C ASP B 478 -20.46 19.57 2.43
N LEU B 479 -21.67 19.55 1.87
CA LEU B 479 -21.83 19.84 0.44
C LEU B 479 -21.43 21.27 0.11
N LEU B 480 -21.84 22.23 0.95
CA LEU B 480 -21.58 23.63 0.66
C LEU B 480 -20.09 23.94 0.66
N PHE B 481 -19.34 23.40 1.61
CA PHE B 481 -17.91 23.62 1.63
C PHE B 481 -17.24 22.98 0.41
N HIS B 482 -17.69 21.78 0.06
CA HIS B 482 -17.12 21.08 -1.08
C HIS B 482 -17.35 21.83 -2.39
N MET B 483 -18.55 22.37 -2.59
CA MET B 483 -18.87 23.02 -3.86
C MET B 483 -18.48 24.49 -3.89
N GLY B 484 -18.43 25.15 -2.74
CA GLY B 484 -17.98 26.53 -2.70
C GLY B 484 -16.54 26.68 -3.15
N ALA B 485 -15.72 25.65 -2.91
CA ALA B 485 -14.33 25.71 -3.33
C ALA B 485 -14.16 25.57 -4.84
N GLU B 486 -15.21 25.21 -5.56
CA GLU B 486 -15.10 24.94 -6.99
C GLU B 486 -16.10 25.72 -7.84
N GLU B 487 -17.14 26.29 -7.26
CA GLU B 487 -18.13 27.01 -8.05
C GLU B 487 -17.59 28.35 -8.54
N ILE B 488 -17.78 28.63 -9.83
CA ILE B 488 -17.41 29.89 -10.43
C ILE B 488 -18.67 30.57 -10.94
N SER B 489 -18.79 31.86 -10.69
CA SER B 489 -19.97 32.63 -11.04
C SER B 489 -19.57 33.91 -11.75
N SER B 490 -20.48 34.43 -12.57
CA SER B 490 -20.19 35.67 -13.28
C SER B 490 -20.19 36.87 -12.34
N SER B 491 -21.07 36.85 -11.35
CA SER B 491 -21.16 37.95 -10.40
C SER B 491 -21.40 37.44 -8.99
N ASP B 496 -26.74 35.45 -3.49
CA ASP B 496 -26.04 34.76 -2.41
C ASP B 496 -25.41 33.47 -2.91
N ARG B 497 -24.12 33.32 -2.61
CA ARG B 497 -23.38 32.16 -3.12
C ARG B 497 -23.97 30.86 -2.61
N PHE B 498 -24.31 30.82 -1.31
CA PHE B 498 -24.88 29.60 -0.75
C PHE B 498 -26.22 29.28 -1.39
N SER B 499 -27.04 30.29 -1.66
CA SER B 499 -28.30 30.05 -2.35
C SER B 499 -28.06 29.48 -3.74
N ARG B 500 -27.07 29.99 -4.45
CA ARG B 500 -26.74 29.45 -5.77
C ARG B 500 -26.33 27.99 -5.66
N ILE B 501 -25.49 27.66 -4.69
CA ILE B 501 -25.04 26.28 -4.55
C ILE B 501 -26.20 25.36 -4.19
N LEU B 502 -27.09 25.83 -3.30
CA LEU B 502 -28.24 25.02 -2.92
C LEU B 502 -29.17 24.80 -4.10
N ARG B 503 -29.40 25.83 -4.90
CA ARG B 503 -30.21 25.67 -6.10
C ARG B 503 -29.54 24.71 -7.07
N HIS B 504 -28.21 24.75 -7.17
CA HIS B 504 -27.50 23.80 -8.01
C HIS B 504 -27.75 22.38 -7.55
N ILE B 505 -27.67 22.15 -6.24
CA ILE B 505 -27.91 20.82 -5.71
C ILE B 505 -29.32 20.37 -6.03
N LEU B 506 -30.30 21.25 -5.83
CA LEU B 506 -31.68 20.87 -6.07
C LEU B 506 -31.95 20.61 -7.55
N THR B 507 -31.37 21.42 -8.44
CA THR B 507 -31.61 21.27 -9.87
C THR B 507 -30.89 20.08 -10.47
N GLN B 508 -29.71 19.74 -9.96
CA GLN B 508 -29.01 18.56 -10.45
C GLN B 508 -29.68 17.28 -9.98
N ARG B 509 -30.54 17.37 -8.96
CA ARG B 509 -31.32 16.24 -8.48
C ARG B 509 -30.44 15.14 -7.88
N SER B 510 -29.28 15.51 -7.36
CA SER B 510 -28.40 14.55 -6.67
C SER B 510 -27.92 15.17 -5.38
N TYR B 511 -27.77 14.33 -4.35
CA TYR B 511 -27.23 14.78 -3.08
C TYR B 511 -25.73 15.01 -3.12
N TYR B 512 -25.05 14.66 -4.21
CA TYR B 512 -23.63 14.95 -4.36
C TYR B 512 -23.33 15.04 -5.86
N PRO B 513 -23.57 16.20 -6.47
CA PRO B 513 -23.33 16.37 -7.90
C PRO B 513 -21.90 16.74 -8.28
N LEU B 514 -21.00 16.86 -7.32
CA LEU B 514 -19.65 17.33 -7.60
C LEU B 514 -18.80 16.18 -8.15
N TYR B 515 -18.16 16.42 -9.30
CA TYR B 515 -17.27 15.44 -9.89
C TYR B 515 -16.07 16.10 -10.54
N PRO B 516 -14.84 15.74 -10.14
CA PRO B 516 -14.46 14.78 -9.11
C PRO B 516 -14.83 15.27 -7.72
N PRO B 517 -15.04 14.38 -6.77
CA PRO B 517 -15.44 14.83 -5.43
C PRO B 517 -14.34 15.61 -4.73
N ASN B 518 -14.60 16.06 -3.51
CA ASN B 518 -13.55 16.64 -2.71
C ASN B 518 -12.61 15.55 -2.22
N GLU B 519 -11.45 15.97 -1.70
CA GLU B 519 -10.43 15.02 -1.28
C GLU B 519 -10.81 14.25 -0.02
N GLU B 520 -11.90 14.63 0.65
CA GLU B 520 -12.22 14.06 1.96
C GLU B 520 -13.38 13.07 1.91
N ILE B 521 -13.85 12.69 0.73
CA ILE B 521 -15.00 11.81 0.60
C ILE B 521 -14.66 10.68 -0.36
N ASN B 522 -14.97 9.45 0.03
CA ASN B 522 -14.78 8.26 -0.80
C ASN B 522 -16.11 7.90 -1.44
N ILE B 523 -16.16 7.90 -2.77
CA ILE B 523 -17.41 7.73 -3.51
C ILE B 523 -17.36 6.39 -4.25
N ASP B 524 -18.30 5.50 -3.92
CA ASP B 524 -18.56 4.31 -4.72
C ASP B 524 -19.65 4.67 -5.73
N TYR B 525 -19.28 4.67 -7.02
CA TYR B 525 -20.13 5.31 -8.01
C TYR B 525 -21.37 4.50 -8.36
N GLU B 526 -21.33 3.18 -8.25
CA GLU B 526 -22.56 2.41 -8.41
C GLU B 526 -23.55 2.71 -7.30
N ALA B 527 -23.08 2.74 -6.05
CA ALA B 527 -23.94 3.10 -4.94
C ALA B 527 -24.39 4.55 -5.06
N LEU B 528 -23.51 5.42 -5.53
CA LEU B 528 -23.89 6.82 -5.75
C LEU B 528 -25.03 6.92 -6.76
N TYR B 529 -24.94 6.16 -7.85
CA TYR B 529 -25.99 6.16 -8.85
C TYR B 529 -27.30 5.64 -8.27
N SER B 530 -27.22 4.59 -7.46
CA SER B 530 -28.42 3.95 -6.94
C SER B 530 -29.06 4.70 -5.78
N TYR B 531 -28.31 5.48 -5.00
CA TYR B 531 -28.81 5.98 -3.73
C TYR B 531 -28.63 7.48 -3.49
N THR B 532 -28.15 8.23 -4.47
CA THR B 532 -28.04 9.69 -4.36
C THR B 532 -29.04 10.48 -5.20
N PRO B 533 -29.82 9.86 -6.09
CA PRO B 533 -30.86 10.63 -6.76
C PRO B 533 -31.86 11.17 -5.75
N MET B 534 -32.20 12.45 -5.92
CA MET B 534 -33.24 13.05 -5.09
C MET B 534 -34.61 12.68 -5.62
N PRO B 535 -35.43 11.95 -4.87
CA PRO B 535 -36.73 11.54 -5.43
C PRO B 535 -37.59 12.71 -5.82
N VAL B 536 -37.78 13.65 -4.90
CA VAL B 536 -38.51 14.88 -5.15
C VAL B 536 -37.69 16.03 -4.57
N THR B 537 -38.22 17.25 -4.69
CA THR B 537 -37.60 18.39 -4.04
C THR B 537 -38.07 18.44 -2.59
N PRO B 538 -37.19 18.27 -1.61
CA PRO B 538 -37.65 18.12 -0.23
C PRO B 538 -38.25 19.42 0.32
N ASP B 539 -39.21 19.24 1.22
CA ASP B 539 -39.79 20.38 1.92
C ASP B 539 -38.76 21.04 2.84
N VAL B 540 -37.95 20.24 3.50
CA VAL B 540 -36.84 20.73 4.32
C VAL B 540 -35.59 19.98 3.91
N PHE B 541 -34.47 20.70 3.84
CA PHE B 541 -33.20 20.12 3.41
C PHE B 541 -32.15 20.47 4.46
N ILE B 542 -31.75 19.48 5.25
CA ILE B 542 -30.75 19.67 6.30
C ILE B 542 -29.37 19.49 5.69
N VAL B 543 -28.58 20.55 5.71
CA VAL B 543 -27.25 20.55 5.13
C VAL B 543 -26.26 21.16 6.12
N PRO B 544 -25.83 20.41 7.13
CA PRO B 544 -24.84 20.94 8.07
C PRO B 544 -23.55 21.29 7.35
N SER B 545 -22.89 22.35 7.81
CA SER B 545 -21.69 22.80 7.14
C SER B 545 -20.78 23.48 8.14
N GLU B 546 -19.47 23.44 7.85
CA GLU B 546 -18.52 24.25 8.59
C GLU B 546 -18.76 25.72 8.38
N LEU B 547 -19.40 26.10 7.28
CA LEU B 547 -19.78 27.48 7.05
C LEU B 547 -20.81 27.92 8.09
N ARG B 548 -21.19 29.18 8.03
CA ARG B 548 -22.08 29.74 9.04
C ARG B 548 -23.47 29.13 8.94
N TYR B 549 -24.14 29.04 10.09
CA TYR B 549 -25.50 28.54 10.14
C TYR B 549 -26.43 29.44 9.32
N PHE B 550 -27.51 28.86 8.83
CA PHE B 550 -28.47 29.66 8.08
C PHE B 550 -29.79 28.91 7.94
N ILE B 551 -30.83 29.67 7.61
CA ILE B 551 -32.11 29.13 7.19
C ILE B 551 -32.52 29.89 5.94
N LYS B 552 -32.43 29.24 4.78
CA LYS B 552 -32.69 29.88 3.50
C LYS B 552 -33.89 29.24 2.84
N ASP B 553 -34.55 30.00 1.98
CA ASP B 553 -35.66 29.50 1.17
C ASP B 553 -35.19 29.49 -0.28
N VAL B 554 -34.85 28.31 -0.77
CA VAL B 554 -34.34 28.13 -2.13
C VAL B 554 -35.40 27.41 -2.93
N THR B 555 -36.04 28.14 -3.85
CA THR B 555 -37.04 27.58 -4.74
C THR B 555 -38.12 26.83 -3.97
N GLY B 556 -38.53 27.41 -2.84
CA GLY B 556 -39.60 26.84 -2.05
C GLY B 556 -39.18 25.74 -1.10
N CYS B 557 -37.89 25.41 -1.03
CA CYS B 557 -37.37 24.41 -0.10
C CYS B 557 -36.64 25.14 1.02
N ILE B 558 -36.92 24.75 2.26
CA ILE B 558 -36.31 25.38 3.42
C ILE B 558 -35.01 24.62 3.71
N CYS B 559 -33.89 25.23 3.31
CA CYS B 559 -32.58 24.67 3.54
C CYS B 559 -32.05 25.17 4.88
N ILE B 560 -31.76 24.25 5.79
CA ILE B 560 -31.33 24.58 7.13
C ILE B 560 -29.91 24.09 7.32
N ASN B 561 -29.01 24.99 7.66
CA ASN B 561 -27.67 24.64 8.15
C ASN B 561 -27.64 24.97 9.62
N PRO B 562 -27.77 23.99 10.51
CA PRO B 562 -27.68 24.26 11.95
C PRO B 562 -26.26 24.41 12.48
N GLY B 563 -25.28 24.53 11.59
CA GLY B 563 -23.91 24.51 12.04
C GLY B 563 -23.56 23.16 12.61
N ARG B 564 -22.58 23.16 13.51
CA ARG B 564 -22.17 21.96 14.22
C ARG B 564 -22.29 22.21 15.72
N LEU B 565 -22.69 21.19 16.45
CA LEU B 565 -22.98 21.37 17.87
C LEU B 565 -21.77 21.93 18.61
N THR B 566 -20.56 21.56 18.19
CA THR B 566 -19.34 22.07 18.81
C THR B 566 -18.41 22.63 17.73
N LYS B 567 -17.90 23.83 17.98
CA LYS B 567 -16.98 24.52 17.08
C LYS B 567 -15.64 24.65 17.80
N GLY B 568 -14.81 23.62 17.67
CA GLY B 568 -13.53 23.62 18.35
C GLY B 568 -13.66 23.48 19.85
N LEU B 569 -13.16 24.48 20.58
CA LEU B 569 -13.25 24.49 22.04
C LEU B 569 -14.56 25.09 22.55
N VAL B 570 -15.31 25.78 21.71
CA VAL B 570 -16.51 26.51 22.13
C VAL B 570 -17.74 25.75 21.65
N GLY B 571 -18.84 25.96 22.36
CA GLY B 571 -20.09 25.33 21.98
C GLY B 571 -20.64 25.88 20.68
N GLY B 572 -21.44 25.05 20.01
CA GLY B 572 -21.98 25.39 18.72
C GLY B 572 -23.46 25.69 18.74
N THR B 573 -24.19 25.12 17.79
CA THR B 573 -25.61 25.43 17.62
C THR B 573 -26.34 24.20 17.11
N TYR B 574 -27.66 24.23 17.30
CA TYR B 574 -28.57 23.25 16.72
C TYR B 574 -29.73 24.00 16.08
N ALA B 575 -30.67 23.26 15.51
CA ALA B 575 -31.83 23.88 14.90
C ALA B 575 -33.10 23.18 15.34
N ARG B 576 -34.19 23.94 15.38
CA ARG B 576 -35.51 23.40 15.69
C ARG B 576 -36.49 23.98 14.70
N PHE B 577 -37.33 23.14 14.12
CA PHE B 577 -38.32 23.61 13.16
C PHE B 577 -39.63 22.85 13.33
N LEU B 578 -40.70 23.47 12.84
CA LEU B 578 -42.03 22.92 12.91
C LEU B 578 -42.53 22.62 11.50
N VAL B 579 -43.01 21.40 11.29
CA VAL B 579 -43.44 20.94 9.97
C VAL B 579 -44.86 20.41 10.08
N LYS B 580 -45.73 20.82 9.17
CA LYS B 580 -47.07 20.27 9.06
C LYS B 580 -47.42 20.14 7.59
N SER B 581 -47.96 18.98 7.21
CA SER B 581 -48.28 18.74 5.82
C SER B 581 -49.54 19.49 5.44
N GLY B 582 -49.47 20.23 4.33
CA GLY B 582 -50.62 20.98 3.84
C GLY B 582 -50.82 22.33 4.48
N ALA B 583 -49.87 22.79 5.30
CA ALA B 583 -50.01 24.11 5.91
C ALA B 583 -50.04 25.19 4.85
N MET B 584 -51.00 26.11 4.97
CA MET B 584 -51.17 27.20 4.01
C MET B 584 -51.12 26.70 2.58
N ARG B 590 -47.42 27.28 -0.34
CA ARG B 590 -46.70 26.15 0.24
C ARG B 590 -45.88 26.60 1.43
N SER B 591 -46.37 26.31 2.63
CA SER B 591 -45.72 26.70 3.88
C SER B 591 -45.58 25.49 4.80
N THR B 592 -45.07 24.39 4.25
CA THR B 592 -44.91 23.18 5.04
C THR B 592 -44.01 23.39 6.24
N CYS B 593 -43.14 24.40 6.21
CA CYS B 593 -42.31 24.75 7.35
C CYS B 593 -42.92 25.97 8.01
N ILE B 594 -43.58 25.76 9.15
CA ILE B 594 -44.24 26.85 9.85
C ILE B 594 -43.21 27.83 10.39
N SER B 595 -42.20 27.32 11.08
CA SER B 595 -41.18 28.13 11.70
C SER B 595 -39.91 27.32 11.83
N ALA B 596 -38.78 28.02 11.92
CA ALA B 596 -37.48 27.39 12.04
C ALA B 596 -36.56 28.35 12.76
N GLN B 597 -35.65 27.79 13.54
CA GLN B 597 -34.76 28.62 14.34
C GLN B 597 -33.44 27.89 14.54
N VAL B 598 -32.35 28.62 14.30
CA VAL B 598 -31.01 28.17 14.69
C VAL B 598 -30.72 28.76 16.06
N VAL B 599 -30.49 27.88 17.03
CA VAL B 599 -30.37 28.24 18.44
C VAL B 599 -29.02 27.75 18.93
N ARG B 600 -28.52 28.40 19.97
CA ARG B 600 -27.24 28.06 20.57
C ARG B 600 -27.41 26.98 21.64
N VAL B 601 -26.36 26.18 21.80
CA VAL B 601 -26.37 25.10 22.78
C VAL B 601 -25.91 25.61 24.14
N THR C 16 -28.93 -32.42 17.12
CA THR C 16 -29.63 -31.30 16.49
C THR C 16 -29.78 -30.14 17.46
N GLY C 17 -28.67 -29.46 17.73
CA GLY C 17 -28.68 -28.37 18.69
C GLY C 17 -29.38 -27.11 18.23
N ASP C 18 -28.75 -26.36 17.33
CA ASP C 18 -29.24 -25.03 16.96
C ASP C 18 -29.68 -24.94 15.51
N ARG C 19 -28.82 -25.32 14.56
CA ARG C 19 -29.05 -25.09 13.14
C ARG C 19 -28.75 -26.35 12.34
N LYS C 20 -29.29 -27.47 12.79
CA LYS C 20 -29.09 -28.77 12.16
C LYS C 20 -30.34 -29.18 11.41
N GLY C 21 -30.25 -30.33 10.75
CA GLY C 21 -31.37 -30.84 10.00
C GLY C 21 -31.12 -32.26 9.55
N ASP C 22 -32.00 -32.74 8.67
CA ASP C 22 -31.87 -34.07 8.08
C ASP C 22 -30.98 -34.06 6.83
N LEU C 23 -30.14 -33.04 6.67
CA LEU C 23 -29.30 -32.92 5.48
C LEU C 23 -28.25 -34.00 5.38
N TYR C 24 -27.89 -34.64 6.49
CA TYR C 24 -26.82 -35.64 6.53
C TYR C 24 -27.34 -36.91 7.18
N PRO C 25 -28.17 -37.68 6.48
CA PRO C 25 -28.72 -38.90 7.07
C PRO C 25 -27.67 -39.95 7.40
N SER C 26 -26.88 -40.34 6.40
CA SER C 26 -25.94 -41.43 6.54
C SER C 26 -24.50 -40.93 6.46
N SER C 27 -23.59 -41.76 6.97
CA SER C 27 -22.17 -41.40 6.94
C SER C 27 -21.67 -41.33 5.50
N LEU C 28 -21.74 -42.45 4.79
CA LEU C 28 -21.34 -42.46 3.40
C LEU C 28 -22.33 -41.67 2.56
N GLN C 29 -21.82 -41.00 1.53
CA GLN C 29 -22.68 -40.29 0.59
C GLN C 29 -21.98 -40.26 -0.77
N PHE C 30 -22.77 -40.05 -1.81
CA PHE C 30 -22.26 -39.94 -3.16
C PHE C 30 -21.81 -38.54 -3.52
N TYR C 31 -21.97 -37.58 -2.59
CA TYR C 31 -21.59 -36.20 -2.84
C TYR C 31 -22.26 -35.67 -4.09
N GLN C 32 -23.60 -35.69 -4.07
CA GLN C 32 -24.39 -35.27 -5.22
C GLN C 32 -24.81 -33.82 -5.16
N HIS C 33 -25.23 -33.35 -3.98
CA HIS C 33 -25.78 -32.01 -3.85
C HIS C 33 -24.73 -31.07 -3.26
N PRO C 34 -24.35 -30.01 -3.98
CA PRO C 34 -23.34 -29.11 -3.44
C PRO C 34 -23.84 -28.42 -2.18
N PRO C 35 -22.94 -28.02 -1.30
CA PRO C 35 -23.35 -27.26 -0.11
C PRO C 35 -23.83 -25.87 -0.49
N THR C 36 -24.72 -25.34 0.34
CA THR C 36 -25.32 -24.03 0.11
C THR C 36 -25.03 -23.04 1.23
N GLU C 37 -24.26 -23.44 2.23
CA GLU C 37 -24.04 -22.62 3.40
C GLU C 37 -23.04 -21.50 3.11
N ASN C 38 -22.96 -20.56 4.04
CA ASN C 38 -21.95 -19.52 4.05
C ASN C 38 -20.96 -19.87 5.16
N ILE C 39 -19.74 -20.25 4.78
CA ILE C 39 -18.72 -20.63 5.75
C ILE C 39 -17.66 -19.54 5.80
N SER C 40 -16.79 -19.63 6.80
CA SER C 40 -15.71 -18.68 6.97
C SER C 40 -14.48 -19.11 6.18
N LEU C 41 -13.60 -18.14 5.93
CA LEU C 41 -12.37 -18.44 5.21
C LEU C 41 -11.49 -19.41 6.01
N ILE C 42 -11.45 -19.23 7.33
CA ILE C 42 -10.67 -20.13 8.18
C ILE C 42 -11.22 -21.54 8.09
N GLU C 43 -12.54 -21.69 8.16
CA GLU C 43 -13.15 -23.01 8.03
C GLU C 43 -12.84 -23.61 6.66
N PHE C 44 -12.94 -22.79 5.62
CA PHE C 44 -12.62 -23.24 4.27
C PHE C 44 -11.22 -23.84 4.21
N GLU C 45 -10.23 -23.08 4.70
CA GLU C 45 -8.85 -23.53 4.64
C GLU C 45 -8.63 -24.78 5.48
N THR C 46 -9.19 -24.80 6.69
CA THR C 46 -9.00 -25.95 7.57
C THR C 46 -9.56 -27.21 6.93
N PHE C 47 -10.78 -27.13 6.39
CA PHE C 47 -11.39 -28.30 5.78
C PHE C 47 -10.59 -28.77 4.56
N ALA C 48 -10.18 -27.83 3.71
CA ALA C 48 -9.41 -28.18 2.53
C ALA C 48 -8.13 -28.92 2.90
N ILE C 49 -7.35 -28.36 3.82
CA ILE C 49 -6.09 -28.97 4.18
C ILE C 49 -6.32 -30.32 4.84
N GLU C 50 -7.33 -30.42 5.70
CA GLU C 50 -7.58 -31.68 6.39
C GLU C 50 -7.92 -32.79 5.41
N ARG C 51 -8.79 -32.52 4.44
CA ARG C 51 -9.11 -33.56 3.48
C ARG C 51 -7.93 -33.86 2.56
N LEU C 52 -7.08 -32.86 2.27
CA LEU C 52 -5.86 -33.16 1.52
C LEU C 52 -4.99 -34.14 2.28
N LYS C 53 -4.84 -33.92 3.58
CA LYS C 53 -4.08 -34.86 4.41
C LYS C 53 -4.70 -36.25 4.36
N LEU C 54 -6.02 -36.33 4.45
CA LEU C 54 -6.69 -37.63 4.43
C LEU C 54 -6.43 -38.35 3.11
N LEU C 55 -6.55 -37.63 1.99
CA LEU C 55 -6.38 -38.27 0.69
C LEU C 55 -4.92 -38.68 0.47
N LYS C 56 -3.98 -37.85 0.91
CA LYS C 56 -2.57 -38.24 0.79
C LYS C 56 -2.27 -39.47 1.64
N ALA C 57 -2.85 -39.54 2.83
CA ALA C 57 -2.68 -40.74 3.65
C ALA C 57 -3.24 -41.97 2.94
N VAL C 58 -4.41 -41.82 2.32
CA VAL C 58 -5.00 -42.92 1.57
C VAL C 58 -4.06 -43.38 0.48
N GLU C 59 -3.51 -42.43 -0.28
CA GLU C 59 -2.61 -42.80 -1.38
C GLU C 59 -1.36 -43.50 -0.87
N ASN C 60 -0.76 -42.98 0.20
CA ASN C 60 0.45 -43.60 0.72
C ASN C 60 0.18 -45.01 1.23
N LEU C 61 -0.92 -45.20 1.95
CA LEU C 61 -1.24 -46.52 2.46
C LEU C 61 -1.57 -47.49 1.32
N GLY C 62 -2.22 -46.99 0.27
CA GLY C 62 -2.48 -47.84 -0.88
C GLY C 62 -1.21 -48.30 -1.57
N VAL C 63 -0.24 -47.39 -1.68
CA VAL C 63 1.04 -47.77 -2.28
C VAL C 63 1.77 -48.77 -1.39
N SER C 64 1.79 -48.52 -0.08
CA SER C 64 2.61 -49.33 0.81
C SER C 64 2.00 -50.70 1.08
N TYR C 65 0.69 -50.78 1.26
CA TYR C 65 0.02 -51.99 1.71
C TYR C 65 -1.05 -52.42 0.71
N VAL C 66 -1.50 -53.67 0.85
CA VAL C 66 -2.61 -54.18 0.07
C VAL C 66 -3.91 -53.71 0.71
N LYS C 67 -4.82 -53.19 -0.12
CA LYS C 67 -5.98 -52.49 0.42
C LYS C 67 -6.87 -53.39 1.24
N ASN C 68 -6.82 -54.71 1.02
CA ASN C 68 -7.55 -55.64 1.88
C ASN C 68 -6.79 -55.98 3.15
N SER C 69 -5.52 -55.58 3.26
CA SER C 69 -4.72 -55.96 4.40
C SER C 69 -5.28 -55.34 5.69
N GLU C 70 -5.00 -55.99 6.81
CA GLU C 70 -5.44 -55.45 8.10
C GLU C 70 -4.61 -54.23 8.49
N GLU C 71 -3.34 -54.18 8.09
CA GLU C 71 -2.54 -53.00 8.36
C GLU C 71 -3.13 -51.78 7.68
N TYR C 72 -3.59 -51.94 6.44
CA TYR C 72 -4.25 -50.84 5.74
C TYR C 72 -5.44 -50.34 6.53
N SER C 73 -6.29 -51.25 7.00
CA SER C 73 -7.48 -50.83 7.72
C SER C 73 -7.11 -50.11 9.02
N LYS C 74 -6.15 -50.66 9.77
CA LYS C 74 -5.77 -50.06 11.03
C LYS C 74 -5.21 -48.66 10.82
N LYS C 75 -4.30 -48.51 9.86
CA LYS C 75 -3.69 -47.20 9.64
C LYS C 75 -4.71 -46.20 9.12
N LEU C 76 -5.62 -46.63 8.25
CA LEU C 76 -6.63 -45.72 7.75
C LEU C 76 -7.59 -45.28 8.85
N GLU C 77 -7.97 -46.21 9.73
CA GLU C 77 -8.79 -45.83 10.87
C GLU C 77 -8.07 -44.84 11.76
N LEU C 78 -6.77 -45.05 11.99
CA LEU C 78 -6.01 -44.12 12.81
C LEU C 78 -5.99 -42.73 12.18
N GLU C 79 -5.77 -42.65 10.86
CA GLU C 79 -5.76 -41.35 10.19
C GLU C 79 -7.12 -40.68 10.26
N LEU C 80 -8.19 -41.44 10.03
CA LEU C 80 -9.53 -40.85 10.09
C LEU C 80 -9.84 -40.33 11.48
N ARG C 81 -9.42 -41.07 12.51
CA ARG C 81 -9.63 -40.58 13.87
C ARG C 81 -8.80 -39.33 14.14
N LYS C 82 -7.56 -39.30 13.64
CA LYS C 82 -6.69 -38.15 13.90
C LYS C 82 -7.24 -36.89 13.27
N LEU C 83 -7.75 -36.99 12.04
CA LEU C 83 -8.28 -35.83 11.34
C LEU C 83 -9.77 -35.61 11.59
N LYS C 84 -10.42 -36.49 12.34
CA LYS C 84 -11.82 -36.32 12.74
C LYS C 84 -12.74 -36.26 11.52
N PHE C 85 -12.74 -37.36 10.77
CA PHE C 85 -13.66 -37.55 9.66
C PHE C 85 -14.60 -38.69 9.97
N PRO C 86 -15.81 -38.71 9.42
CA PRO C 86 -16.73 -39.82 9.70
C PRO C 86 -16.20 -41.12 9.10
N TYR C 87 -16.01 -42.14 9.94
CA TYR C 87 -15.62 -43.43 9.38
C TYR C 87 -16.41 -44.60 9.96
N ARG C 88 -16.96 -44.45 11.16
CA ARG C 88 -17.75 -45.51 11.77
C ARG C 88 -19.19 -45.09 11.92
N PRO C 89 -20.16 -46.00 11.85
CA PRO C 89 -21.54 -45.61 12.05
C PRO C 89 -21.77 -45.40 13.54
N LEU C 90 -22.96 -44.93 13.90
CA LEU C 90 -23.36 -44.83 15.31
C LEU C 90 -24.86 -45.04 15.40
N HIS C 91 -25.26 -46.16 16.02
CA HIS C 91 -26.66 -46.53 16.20
C HIS C 91 -27.22 -45.85 17.45
N GLU C 92 -26.97 -44.55 17.56
CA GLU C 92 -27.45 -43.79 18.70
C GLU C 92 -28.47 -42.76 18.24
N GLU C 93 -28.04 -41.80 17.44
CA GLU C 93 -28.90 -40.85 16.72
C GLU C 93 -27.95 -39.91 16.00
N ILE C 94 -28.46 -38.85 15.40
CA ILE C 94 -27.60 -37.83 14.80
C ILE C 94 -27.18 -36.86 15.90
N SER C 95 -26.10 -37.22 16.61
CA SER C 95 -25.52 -36.33 17.61
C SER C 95 -24.88 -35.11 16.95
N ASP C 96 -24.93 -33.98 17.65
CA ASP C 96 -24.41 -32.74 17.09
C ASP C 96 -22.98 -32.92 16.59
N ASP C 97 -22.11 -33.48 17.42
CA ASP C 97 -20.73 -33.73 17.00
C ASP C 97 -20.69 -34.51 15.69
N VAL C 98 -21.45 -35.61 15.62
CA VAL C 98 -21.52 -36.41 14.41
C VAL C 98 -21.92 -35.53 13.23
N TYR C 99 -23.00 -34.75 13.41
CA TYR C 99 -23.42 -33.84 12.36
C TYR C 99 -22.26 -32.98 11.88
N ASP C 100 -21.54 -32.37 12.83
CA ASP C 100 -20.41 -31.52 12.48
C ASP C 100 -19.44 -32.28 11.58
N LEU C 101 -19.04 -33.48 12.01
CA LEU C 101 -18.11 -34.28 11.23
C LEU C 101 -18.61 -34.47 9.80
N ARG C 102 -19.88 -34.88 9.68
CA ARG C 102 -20.44 -35.13 8.35
C ARG C 102 -20.40 -33.87 7.52
N ARG C 103 -20.79 -32.74 8.11
CA ARG C 103 -20.72 -31.47 7.41
C ARG C 103 -19.32 -31.22 6.89
N LYS C 104 -18.32 -31.40 7.77
CA LYS C 104 -16.93 -31.31 7.34
C LYS C 104 -16.76 -32.08 6.06
N ASP C 105 -17.00 -33.39 6.13
CA ASP C 105 -16.76 -34.28 5.00
C ASP C 105 -17.41 -33.70 3.74
N HIS C 106 -18.65 -33.27 3.86
CA HIS C 106 -19.42 -32.86 2.68
C HIS C 106 -18.81 -31.61 2.05
N ILE C 107 -18.43 -30.65 2.87
CA ILE C 107 -17.88 -29.40 2.33
C ILE C 107 -16.48 -29.63 1.78
N SER C 108 -15.62 -30.26 2.60
CA SER C 108 -14.25 -30.52 2.20
C SER C 108 -14.21 -31.20 0.84
N HIS C 109 -15.05 -32.23 0.63
CA HIS C 109 -15.03 -32.92 -0.65
C HIS C 109 -15.16 -31.95 -1.80
N PHE C 110 -16.19 -31.10 -1.76
CA PHE C 110 -16.45 -30.19 -2.88
C PHE C 110 -15.32 -29.18 -3.01
N ILE C 111 -14.75 -28.73 -1.89
CA ILE C 111 -13.62 -27.81 -1.97
C ILE C 111 -12.50 -28.47 -2.76
N LEU C 112 -12.21 -29.73 -2.44
CA LEU C 112 -11.15 -30.44 -3.14
C LEU C 112 -11.50 -30.63 -4.61
N ARG C 113 -12.79 -30.81 -4.91
CA ARG C 113 -13.22 -30.85 -6.30
C ARG C 113 -12.77 -29.59 -7.00
N LEU C 114 -13.05 -28.43 -6.39
CA LEU C 114 -12.58 -27.18 -6.97
C LEU C 114 -11.06 -27.19 -7.13
N ALA C 115 -10.35 -27.85 -6.20
CA ALA C 115 -8.89 -27.91 -6.31
C ALA C 115 -8.42 -28.91 -7.36
N TYR C 116 -9.17 -29.96 -7.63
CA TYR C 116 -8.68 -31.10 -8.39
C TYR C 116 -9.49 -31.33 -9.66
N CYS C 117 -9.77 -30.27 -10.40
CA CYS C 117 -10.49 -30.39 -11.66
C CYS C 117 -9.80 -29.67 -12.81
N GLN C 118 -8.65 -29.05 -12.57
CA GLN C 118 -8.00 -28.24 -13.59
C GLN C 118 -7.34 -29.10 -14.67
N SER C 119 -6.73 -30.21 -14.27
CA SER C 119 -5.95 -31.03 -15.19
C SER C 119 -6.36 -32.49 -15.09
N GLU C 120 -6.39 -33.17 -16.23
CA GLU C 120 -6.81 -34.57 -16.28
C GLU C 120 -6.04 -35.40 -15.25
N ASP C 121 -4.72 -35.27 -15.23
CA ASP C 121 -3.91 -35.94 -14.22
C ASP C 121 -4.54 -35.77 -12.83
N LEU C 122 -4.66 -34.52 -12.40
CA LEU C 122 -5.24 -34.23 -11.10
C LEU C 122 -6.58 -34.93 -10.94
N ARG C 123 -7.44 -34.81 -11.95
CA ARG C 123 -8.76 -35.44 -11.87
C ARG C 123 -8.63 -36.92 -11.54
N ARG C 124 -7.82 -37.64 -12.33
CA ARG C 124 -7.64 -39.06 -12.11
C ARG C 124 -7.20 -39.32 -10.69
N TRP C 125 -6.18 -38.58 -10.23
CA TRP C 125 -5.68 -38.78 -8.88
C TRP C 125 -6.81 -38.65 -7.87
N PHE C 126 -7.54 -37.55 -7.95
CA PHE C 126 -8.65 -37.29 -7.03
C PHE C 126 -9.59 -38.48 -7.04
N ILE C 127 -10.03 -38.88 -8.23
CA ILE C 127 -11.01 -39.95 -8.35
C ILE C 127 -10.48 -41.17 -7.63
N GLN C 128 -9.24 -41.55 -7.92
CA GLN C 128 -8.68 -42.75 -7.33
C GLN C 128 -8.77 -42.69 -5.82
N GLN C 129 -8.25 -41.61 -5.23
CA GLN C 129 -8.23 -41.51 -3.78
C GLN C 129 -9.64 -41.59 -3.21
N GLU C 130 -10.57 -40.86 -3.83
CA GLU C 130 -11.94 -40.84 -3.33
C GLU C 130 -12.52 -42.24 -3.35
N MET C 131 -12.34 -42.95 -4.46
CA MET C 131 -12.86 -44.30 -4.56
C MET C 131 -12.30 -45.16 -3.45
N ASP C 132 -10.99 -45.08 -3.23
CA ASP C 132 -10.37 -45.88 -2.18
C ASP C 132 -11.05 -45.61 -0.84
N LEU C 133 -11.18 -44.34 -0.49
CA LEU C 133 -11.78 -43.97 0.78
C LEU C 133 -13.17 -44.55 0.88
N PHE C 134 -13.96 -44.39 -0.18
CA PHE C 134 -15.34 -44.86 -0.18
C PHE C 134 -15.39 -46.35 0.06
N LYS C 135 -14.52 -47.08 -0.64
CA LYS C 135 -14.48 -48.52 -0.48
C LYS C 135 -14.24 -48.88 0.98
N PHE C 136 -13.22 -48.27 1.58
CA PHE C 136 -12.93 -48.54 2.99
C PHE C 136 -14.18 -48.34 3.84
N ARG C 137 -14.83 -47.20 3.65
CA ARG C 137 -15.97 -46.86 4.50
C ARG C 137 -17.08 -47.89 4.30
N PHE C 138 -17.32 -48.29 3.05
CA PHE C 138 -18.31 -49.32 2.80
C PHE C 138 -17.94 -50.60 3.53
N GLY C 139 -16.65 -50.94 3.51
CA GLY C 139 -16.19 -52.14 4.18
C GLY C 139 -16.46 -52.11 5.66
N LEU C 140 -16.69 -50.92 6.21
CA LEU C 140 -16.95 -50.80 7.65
C LEU C 140 -18.44 -50.68 7.98
N LEU C 141 -19.32 -50.90 7.00
CA LEU C 141 -20.77 -50.76 7.20
C LEU C 141 -21.44 -52.07 7.57
N THR C 142 -22.19 -52.07 8.67
CA THR C 142 -23.01 -53.22 9.03
C THR C 142 -24.15 -53.37 8.04
N LYS C 143 -24.63 -54.62 7.89
CA LYS C 143 -25.64 -54.91 6.87
C LYS C 143 -26.82 -53.96 6.96
N GLU C 144 -27.37 -53.78 8.16
CA GLU C 144 -28.45 -52.81 8.33
C GLU C 144 -28.08 -51.47 7.73
N SER C 145 -27.01 -50.87 8.24
CA SER C 145 -26.55 -49.59 7.71
C SER C 145 -26.38 -49.65 6.19
N VAL C 146 -25.84 -50.75 5.68
CA VAL C 146 -25.62 -50.88 4.25
C VAL C 146 -26.95 -50.70 3.51
N GLN C 147 -27.97 -51.44 3.94
CA GLN C 147 -29.27 -51.33 3.31
C GLN C 147 -29.80 -49.91 3.41
N GLU C 148 -29.66 -49.29 4.58
CA GLU C 148 -30.11 -47.92 4.74
C GLU C 148 -29.50 -47.05 3.64
N PHE C 149 -28.19 -47.16 3.47
CA PHE C 149 -27.51 -46.39 2.44
C PHE C 149 -28.11 -46.69 1.08
N LEU C 150 -28.22 -47.98 0.74
CA LEU C 150 -28.70 -48.37 -0.57
C LEU C 150 -30.11 -47.85 -0.84
N LYS C 151 -30.86 -47.55 0.22
CA LYS C 151 -32.20 -47.00 0.06
C LYS C 151 -32.17 -45.48 -0.11
N LEU C 152 -31.37 -44.80 0.71
CA LEU C 152 -31.38 -43.36 0.72
C LEU C 152 -30.98 -42.78 -0.63
N ASN C 153 -30.19 -43.51 -1.41
CA ASN C 153 -29.73 -43.05 -2.71
C ASN C 153 -30.50 -43.66 -3.86
N ASP C 154 -31.61 -44.33 -3.58
CA ASP C 154 -32.46 -44.92 -4.62
C ASP C 154 -31.66 -45.90 -5.48
N LEU C 155 -30.86 -46.72 -4.82
CA LEU C 155 -30.17 -47.77 -5.54
C LEU C 155 -31.04 -49.00 -5.65
N GLN C 156 -31.95 -49.18 -4.69
CA GLN C 156 -33.00 -50.20 -4.73
C GLN C 156 -32.41 -51.56 -5.09
N TYR C 157 -31.48 -51.99 -4.24
CA TYR C 157 -30.95 -53.35 -4.27
C TYR C 157 -31.52 -54.12 -3.10
N VAL C 158 -32.11 -55.27 -3.38
CA VAL C 158 -32.89 -56.02 -2.40
C VAL C 158 -32.00 -57.08 -1.77
N ALA C 159 -34.09 -57.79 -3.40
CA ALA C 159 -33.58 -58.84 -2.53
C ALA C 159 -34.48 -60.05 -2.65
N ILE C 160 -33.88 -61.21 -2.96
CA ILE C 160 -34.68 -62.40 -3.23
C ILE C 160 -35.38 -62.85 -1.96
N SER C 161 -36.53 -63.49 -2.12
CA SER C 161 -37.23 -64.08 -1.01
C SER C 161 -36.51 -65.34 -0.54
N GLU C 162 -36.85 -65.77 0.68
CA GLU C 162 -36.32 -67.03 1.18
C GLU C 162 -36.87 -68.22 0.39
N ASP C 163 -38.16 -68.17 0.04
CA ASP C 163 -38.77 -69.27 -0.68
C ASP C 163 -38.12 -69.46 -2.05
N GLU C 164 -37.92 -68.35 -2.78
CA GLU C 164 -37.24 -68.45 -4.07
C GLU C 164 -35.80 -68.94 -3.90
N LYS C 165 -35.16 -68.53 -2.81
CA LYS C 165 -33.80 -68.98 -2.54
C LYS C 165 -33.78 -70.50 -2.38
N ASN C 166 -34.69 -71.04 -1.58
CA ASN C 166 -34.78 -72.50 -1.49
C ASN C 166 -35.10 -73.12 -2.83
N MET C 167 -35.93 -72.44 -3.63
CA MET C 167 -36.29 -72.95 -4.95
C MET C 167 -35.05 -73.14 -5.83
N HIS C 168 -34.11 -72.20 -5.78
CA HIS C 168 -32.88 -72.28 -6.56
C HIS C 168 -31.65 -72.56 -5.69
N LYS C 169 -31.85 -73.29 -4.59
CA LYS C 169 -30.75 -73.53 -3.65
C LYS C 169 -29.52 -74.12 -4.33
N GLU C 170 -29.70 -75.21 -5.09
CA GLU C 170 -28.54 -75.87 -5.69
C GLU C 170 -27.86 -74.97 -6.73
N ASP C 171 -28.66 -74.27 -7.53
CA ASP C 171 -28.10 -73.37 -8.52
C ASP C 171 -27.28 -72.28 -7.85
N LEU C 172 -27.81 -71.71 -6.77
CA LEU C 172 -27.08 -70.68 -6.04
C LEU C 172 -25.80 -71.25 -5.44
N MET C 173 -25.87 -72.46 -4.89
CA MET C 173 -24.70 -73.08 -4.30
C MET C 173 -23.59 -73.25 -5.33
N ASN C 174 -23.94 -73.70 -6.53
CA ASN C 174 -22.95 -73.89 -7.57
C ASN C 174 -22.57 -72.59 -8.27
N SER C 175 -23.31 -71.50 -8.05
CA SER C 175 -22.99 -70.24 -8.69
C SER C 175 -21.89 -69.49 -7.97
N SER C 176 -22.04 -69.30 -6.66
CA SER C 176 -21.10 -68.49 -5.89
C SER C 176 -19.90 -69.34 -5.49
N PHE C 177 -18.70 -68.86 -5.84
CA PHE C 177 -17.48 -69.60 -5.56
C PHE C 177 -17.22 -69.66 -4.06
N GLY C 178 -16.84 -70.84 -3.58
CA GLY C 178 -16.45 -71.01 -2.19
C GLY C 178 -17.55 -70.67 -1.20
N LEU C 179 -18.78 -71.11 -1.47
CA LEU C 179 -19.90 -70.89 -0.58
C LEU C 179 -20.35 -72.23 0.00
N SER C 180 -20.35 -72.33 1.32
CA SER C 180 -20.70 -73.57 1.99
C SER C 180 -22.20 -73.67 2.20
N LEU C 181 -22.68 -74.91 2.36
CA LEU C 181 -24.11 -75.16 2.47
C LEU C 181 -24.73 -74.32 3.58
N THR C 182 -24.27 -74.51 4.83
CA THR C 182 -24.84 -73.75 5.94
C THR C 182 -24.53 -72.27 5.81
N LYS C 183 -23.28 -71.93 5.50
CA LYS C 183 -22.92 -70.54 5.28
C LYS C 183 -23.80 -69.92 4.21
N MET C 184 -24.10 -70.68 3.15
CA MET C 184 -25.02 -70.18 2.13
C MET C 184 -26.40 -69.97 2.71
N GLU C 185 -26.87 -70.89 3.54
CA GLU C 185 -28.15 -70.70 4.21
C GLU C 185 -28.15 -69.42 5.03
N ASP C 186 -26.99 -68.97 5.48
CA ASP C 186 -26.88 -67.75 6.28
C ASP C 186 -26.76 -66.49 5.44
N THR C 187 -26.83 -66.59 4.11
CA THR C 187 -26.61 -65.46 3.22
C THR C 187 -27.86 -65.20 2.38
N GLU C 188 -28.04 -63.94 2.01
CA GLU C 188 -29.15 -63.50 1.18
C GLU C 188 -28.63 -62.80 -0.06
N PHE C 189 -29.23 -63.11 -1.21
CA PHE C 189 -28.78 -62.61 -2.51
C PHE C 189 -29.66 -61.45 -2.96
N TYR C 190 -29.25 -60.83 -4.07
CA TYR C 190 -30.00 -59.75 -4.70
C TYR C 190 -30.19 -60.04 -6.17
N LYS C 191 -31.30 -59.56 -6.73
CA LYS C 191 -31.62 -59.75 -8.14
C LYS C 191 -31.30 -58.47 -8.90
N VAL C 192 -30.40 -58.57 -9.89
CA VAL C 192 -30.00 -57.40 -10.67
C VAL C 192 -30.13 -57.69 -12.16
N PRO C 193 -30.53 -56.73 -12.99
CA PRO C 193 -30.46 -56.95 -14.43
C PRO C 193 -29.03 -57.27 -14.86
N PHE C 194 -28.91 -58.21 -15.79
CA PHE C 194 -27.59 -58.70 -16.15
C PHE C 194 -26.75 -57.62 -16.82
N GLN C 195 -27.37 -56.55 -17.32
CA GLN C 195 -26.60 -55.47 -17.94
C GLN C 195 -25.72 -54.74 -16.93
N ALA C 196 -26.00 -54.88 -15.64
CA ALA C 196 -25.21 -54.22 -14.62
C ALA C 196 -24.11 -55.12 -14.04
N ALA C 197 -24.23 -56.43 -14.20
CA ALA C 197 -23.26 -57.38 -13.68
C ALA C 197 -22.32 -57.89 -14.77
N LEU C 198 -22.06 -57.07 -15.78
CA LEU C 198 -21.23 -57.50 -16.90
C LEU C 198 -19.95 -58.17 -16.41
N ASP C 199 -19.23 -57.51 -15.51
CA ASP C 199 -17.95 -58.03 -15.07
C ASP C 199 -18.09 -59.37 -14.33
N LEU C 200 -19.25 -59.64 -13.75
CA LEU C 200 -19.45 -60.93 -13.08
C LEU C 200 -19.91 -61.99 -14.07
N VAL C 201 -20.90 -61.67 -14.91
CA VAL C 201 -21.43 -62.64 -15.85
C VAL C 201 -20.36 -63.07 -16.84
N ARG C 202 -19.56 -62.12 -17.33
CA ARG C 202 -18.60 -62.41 -18.38
C ARG C 202 -17.69 -63.59 -18.06
N PRO C 203 -17.12 -63.71 -16.86
CA PRO C 203 -16.40 -64.93 -16.49
C PRO C 203 -17.25 -66.02 -15.86
N ARG C 204 -18.57 -65.90 -15.88
CA ARG C 204 -19.47 -66.95 -15.39
C ARG C 204 -19.22 -67.24 -13.91
N LYS C 205 -19.35 -66.20 -13.09
CA LYS C 205 -19.23 -66.35 -11.64
C LYS C 205 -20.49 -65.91 -10.93
N VAL C 206 -21.62 -65.82 -11.62
CA VAL C 206 -22.90 -65.55 -10.99
C VAL C 206 -24.00 -66.15 -11.84
N PHE C 207 -24.95 -66.79 -11.19
CA PHE C 207 -26.05 -67.46 -11.88
C PHE C 207 -26.99 -66.45 -12.52
N LEU C 208 -27.40 -66.73 -13.75
CA LEU C 208 -28.40 -65.94 -14.45
C LEU C 208 -29.68 -66.76 -14.59
N TRP C 209 -30.80 -66.17 -14.20
CA TRP C 209 -32.11 -66.80 -14.41
C TRP C 209 -33.09 -65.75 -14.90
N ARG C 210 -33.62 -65.96 -16.10
CA ARG C 210 -34.65 -65.09 -16.67
C ARG C 210 -34.21 -63.63 -16.67
N GLY C 211 -32.97 -63.41 -17.10
CA GLY C 211 -32.47 -62.06 -17.29
C GLY C 211 -32.00 -61.36 -16.04
N PHE C 212 -32.00 -62.03 -14.90
CA PHE C 212 -31.53 -61.46 -13.64
C PHE C 212 -30.41 -62.30 -13.05
N ALA C 213 -29.38 -61.63 -12.57
CA ALA C 213 -28.28 -62.25 -11.86
C ALA C 213 -28.55 -62.20 -10.36
N PHE C 214 -28.11 -63.25 -9.67
CA PHE C 214 -28.34 -63.42 -8.24
C PHE C 214 -27.00 -63.21 -7.55
N ILE C 215 -26.80 -61.97 -7.10
CA ILE C 215 -25.51 -61.48 -6.63
C ILE C 215 -25.49 -61.50 -5.10
N PRO C 216 -24.51 -62.14 -4.47
CA PRO C 216 -24.48 -62.18 -3.01
C PRO C 216 -24.24 -60.78 -2.44
N HIS C 217 -24.17 -60.74 -1.11
CA HIS C 217 -24.00 -59.48 -0.41
C HIS C 217 -22.59 -58.92 -0.60
N LYS C 218 -19.47 -59.12 -0.83
CA LYS C 218 -18.15 -58.66 -1.25
C LYS C 218 -18.18 -57.95 -2.61
N ASP C 219 -18.96 -58.48 -3.55
CA ASP C 219 -19.02 -57.92 -4.90
C ASP C 219 -19.86 -56.64 -4.96
N ILE C 220 -20.84 -56.49 -4.08
CA ILE C 220 -21.79 -55.37 -4.20
C ILE C 220 -21.03 -54.05 -4.17
N VAL C 221 -20.03 -53.95 -3.31
CA VAL C 221 -19.26 -52.72 -3.21
C VAL C 221 -18.80 -52.34 -4.61
N SER C 222 -18.36 -53.32 -5.41
CA SER C 222 -17.90 -53.03 -6.75
C SER C 222 -18.95 -52.24 -7.54
N ILE C 223 -20.18 -52.74 -7.60
CA ILE C 223 -21.23 -52.05 -8.34
C ILE C 223 -21.42 -50.65 -7.79
N VAL C 224 -21.51 -50.54 -6.46
CA VAL C 224 -21.71 -49.23 -5.86
C VAL C 224 -20.61 -48.29 -6.33
N LEU C 225 -19.37 -48.77 -6.28
CA LEU C 225 -18.22 -47.96 -6.65
C LEU C 225 -18.33 -47.54 -8.11
N ASN C 226 -18.74 -48.46 -8.98
CA ASN C 226 -18.90 -48.11 -10.39
C ASN C 226 -19.81 -46.91 -10.51
N ASP C 227 -20.99 -46.99 -9.89
CA ASP C 227 -21.92 -45.87 -9.95
C ASP C 227 -21.22 -44.60 -9.46
N PHE C 228 -20.61 -44.70 -8.28
CA PHE C 228 -19.94 -43.55 -7.69
C PHE C 228 -18.97 -42.92 -8.68
N ARG C 229 -18.13 -43.76 -9.28
CA ARG C 229 -17.09 -43.28 -10.18
C ARG C 229 -17.71 -42.53 -11.33
N ALA C 230 -18.72 -43.14 -11.97
CA ALA C 230 -19.42 -42.45 -13.05
C ALA C 230 -19.78 -41.04 -12.60
N LYS C 231 -20.57 -40.96 -11.52
CA LYS C 231 -21.06 -39.68 -11.05
C LYS C 231 -19.89 -38.72 -10.85
N LEU C 232 -18.85 -39.19 -10.16
CA LEU C 232 -17.76 -38.30 -9.77
C LEU C 232 -17.08 -37.74 -11.00
N SER C 233 -16.82 -38.59 -11.99
CA SER C 233 -16.19 -38.13 -13.22
C SER C 233 -17.04 -37.02 -13.84
N LYS C 234 -18.33 -37.27 -13.98
CA LYS C 234 -19.22 -36.25 -14.53
C LYS C 234 -19.05 -34.94 -13.77
N ALA C 235 -19.10 -35.05 -12.43
CA ALA C 235 -19.03 -33.86 -11.60
C ALA C 235 -17.74 -33.10 -11.85
N LEU C 236 -16.63 -33.81 -11.94
CA LEU C 236 -15.35 -33.16 -12.16
C LEU C 236 -15.35 -32.42 -13.48
N ALA C 237 -15.90 -33.06 -14.52
CA ALA C 237 -16.02 -32.36 -15.80
C ALA C 237 -16.77 -31.05 -15.62
N LEU C 238 -17.93 -31.10 -14.98
CA LEU C 238 -18.71 -29.89 -14.79
C LEU C 238 -17.91 -28.83 -14.04
N SER C 239 -17.17 -29.26 -13.01
CA SER C 239 -16.40 -28.31 -12.23
C SER C 239 -15.35 -27.65 -13.09
N ALA C 240 -14.67 -28.43 -13.93
CA ALA C 240 -13.68 -27.84 -14.83
C ALA C 240 -14.34 -26.86 -15.78
N ARG C 241 -15.62 -27.09 -16.08
CA ARG C 241 -16.36 -26.18 -16.93
C ARG C 241 -16.76 -24.91 -16.20
N SER C 242 -16.77 -24.92 -14.87
CA SER C 242 -17.19 -23.77 -14.09
C SER C 242 -16.02 -23.13 -13.35
N LEU C 243 -14.83 -23.20 -13.93
CA LEU C 243 -13.61 -22.70 -13.29
C LEU C 243 -13.46 -21.19 -13.36
N PRO C 244 -13.83 -20.55 -14.47
CA PRO C 244 -13.62 -19.09 -14.57
C PRO C 244 -14.30 -18.31 -13.46
N VAL C 245 -15.42 -18.81 -12.92
CA VAL C 245 -16.10 -18.08 -11.86
C VAL C 245 -15.31 -18.06 -10.56
N VAL C 246 -14.37 -18.97 -10.38
CA VAL C 246 -13.67 -19.09 -9.11
C VAL C 246 -12.32 -18.40 -9.17
N GLN C 247 -11.69 -18.39 -10.35
CA GLN C 247 -10.36 -17.79 -10.46
C GLN C 247 -10.37 -16.33 -10.07
N SER C 248 -11.50 -15.64 -10.23
CA SER C 248 -11.59 -14.23 -9.86
C SER C 248 -11.56 -13.99 -8.36
N ASP C 249 -11.72 -15.03 -7.55
CA ASP C 249 -11.72 -14.89 -6.09
C ASP C 249 -10.31 -15.10 -5.59
N GLU C 250 -9.54 -14.01 -5.50
CA GLU C 250 -8.15 -14.10 -5.09
C GLU C 250 -7.99 -14.88 -3.80
N ARG C 251 -8.88 -14.68 -2.84
CA ARG C 251 -8.75 -15.36 -1.55
C ARG C 251 -8.54 -16.86 -1.72
N LEU C 252 -9.26 -17.47 -2.64
CA LEU C 252 -9.23 -18.92 -2.82
C LEU C 252 -8.31 -19.35 -3.95
N GLN C 253 -7.60 -18.42 -4.58
CA GLN C 253 -6.75 -18.79 -5.71
C GLN C 253 -5.44 -19.41 -5.23
N PRO C 254 -4.74 -18.80 -4.27
CA PRO C 254 -3.49 -19.42 -3.80
C PRO C 254 -3.69 -20.83 -3.32
N LEU C 255 -4.82 -21.10 -2.68
CA LEU C 255 -5.07 -22.44 -2.14
C LEU C 255 -5.38 -23.42 -3.28
N LEU C 256 -6.48 -23.17 -3.99
CA LEU C 256 -6.96 -24.15 -4.96
C LEU C 256 -5.96 -24.39 -6.08
N ASN C 257 -5.32 -23.33 -6.58
CA ASN C 257 -4.38 -23.49 -7.67
C ASN C 257 -3.12 -24.26 -7.26
N HIS C 258 -2.87 -24.41 -5.96
CA HIS C 258 -1.62 -25.00 -5.51
C HIS C 258 -1.83 -26.05 -4.42
N LEU C 259 -3.08 -26.44 -4.16
CA LEU C 259 -3.33 -27.43 -3.12
C LEU C 259 -2.54 -28.71 -3.37
N SER C 260 -2.52 -29.17 -4.63
CA SER C 260 -1.81 -30.40 -4.95
C SER C 260 -0.35 -30.34 -4.55
N HIS C 261 0.22 -29.14 -4.48
CA HIS C 261 1.62 -28.95 -4.09
C HIS C 261 1.72 -28.30 -2.72
N SER C 262 0.86 -28.69 -1.79
CA SER C 262 0.82 -28.12 -0.45
C SER C 262 1.47 -29.07 0.57
N TYR C 263 2.42 -28.55 1.31
CA TYR C 263 3.07 -29.32 2.37
C TYR C 263 2.12 -29.51 3.54
N ILE C 264 2.01 -30.74 4.04
CA ILE C 264 0.99 -31.08 5.03
C ILE C 264 1.64 -31.64 6.28
N ILE C 277 22.84 -40.02 -18.80
CA ILE C 277 22.49 -39.50 -20.11
C ILE C 277 23.72 -38.93 -20.79
N SER C 278 23.73 -38.97 -22.11
CA SER C 278 24.86 -38.51 -22.91
C SER C 278 24.56 -37.15 -23.53
N LEU C 279 25.61 -36.36 -23.71
CA LEU C 279 25.43 -35.06 -24.36
C LEU C 279 24.96 -35.24 -25.81
N GLU C 280 25.56 -36.22 -26.51
CA GLU C 280 25.27 -36.40 -27.93
C GLU C 280 23.78 -36.68 -28.16
N GLN C 281 23.17 -37.51 -27.32
CA GLN C 281 21.76 -37.86 -27.49
C GLN C 281 20.83 -36.68 -27.24
N ILE C 282 21.33 -35.61 -26.62
CA ILE C 282 20.48 -34.46 -26.37
C ILE C 282 19.87 -33.96 -27.67
N ASP C 283 20.73 -33.79 -28.70
CA ASP C 283 20.24 -33.39 -30.02
C ASP C 283 19.12 -34.30 -30.50
N GLY C 284 19.29 -35.62 -30.38
CA GLY C 284 18.23 -36.52 -30.80
C GLY C 284 16.93 -36.23 -30.08
N PHE C 285 17.02 -36.05 -28.75
CA PHE C 285 15.82 -35.70 -28.00
C PHE C 285 15.22 -34.42 -28.55
N ALA C 286 16.08 -33.46 -28.89
CA ALA C 286 15.62 -32.18 -29.42
C ALA C 286 14.83 -32.42 -30.69
N ALA C 287 15.26 -33.39 -31.48
CA ALA C 287 14.54 -33.75 -32.70
C ALA C 287 13.17 -34.31 -32.35
N LYS C 288 13.13 -35.22 -31.37
CA LYS C 288 11.91 -36.00 -31.14
C LYS C 288 11.30 -35.72 -29.76
N SER C 289 12.05 -35.93 -28.67
CA SER C 289 11.44 -35.96 -27.35
C SER C 289 11.13 -34.57 -26.82
N PHE C 290 11.94 -33.58 -27.15
CA PHE C 290 11.83 -32.26 -26.56
C PHE C 290 10.46 -31.62 -26.87
N PRO C 291 9.75 -31.11 -25.87
CA PRO C 291 8.54 -30.34 -26.16
C PRO C 291 8.89 -29.07 -26.92
N LEU C 292 7.88 -28.52 -27.60
CA LEU C 292 8.14 -27.45 -28.55
C LEU C 292 8.88 -26.29 -27.90
N CYS C 293 8.64 -26.04 -26.62
CA CYS C 293 9.38 -24.98 -25.94
C CYS C 293 10.87 -25.27 -25.96
N MET C 294 11.24 -26.47 -25.50
CA MET C 294 12.64 -26.86 -25.48
C MET C 294 13.18 -27.01 -26.89
N ARG C 295 12.34 -27.43 -27.85
CA ARG C 295 12.81 -27.50 -29.22
C ARG C 295 13.21 -26.12 -29.73
N GLN C 296 12.37 -25.12 -29.48
CA GLN C 296 12.70 -23.77 -29.89
C GLN C 296 13.95 -23.27 -29.19
N LEU C 297 14.06 -23.51 -27.88
CA LEU C 297 15.24 -23.06 -27.16
C LEU C 297 16.51 -23.70 -27.69
N HIS C 298 16.47 -25.01 -27.94
CA HIS C 298 17.63 -25.72 -28.47
C HIS C 298 17.98 -25.22 -29.87
N LYS C 299 16.98 -25.00 -30.71
CA LYS C 299 17.23 -24.49 -32.05
C LYS C 299 17.91 -23.13 -31.99
N SER C 300 17.41 -22.24 -31.13
CA SER C 300 18.03 -20.93 -31.01
C SER C 300 19.46 -21.05 -30.49
N LEU C 301 19.68 -21.92 -29.51
CA LEU C 301 21.01 -22.08 -28.93
C LEU C 301 22.00 -22.56 -29.99
N ARG C 302 21.60 -23.55 -30.78
CA ARG C 302 22.48 -24.06 -31.83
C ARG C 302 22.60 -23.08 -32.98
N GLU C 303 21.63 -22.17 -33.13
CA GLU C 303 21.73 -21.16 -34.18
C GLU C 303 22.72 -20.08 -33.81
N ASN C 304 22.76 -19.70 -32.53
CA ASN C 304 23.57 -18.56 -32.10
C ASN C 304 24.55 -18.88 -31.00
N HIS C 305 24.53 -20.08 -30.44
CA HIS C 305 25.48 -20.49 -29.41
C HIS C 305 25.51 -19.49 -28.25
N HIS C 306 24.34 -18.99 -27.89
CA HIS C 306 24.22 -18.08 -26.77
C HIS C 306 22.74 -17.87 -26.46
N LEU C 307 22.40 -17.87 -25.17
CA LEU C 307 21.03 -17.72 -24.71
C LEU C 307 20.99 -16.67 -23.63
N ARG C 308 20.00 -15.79 -23.69
CA ARG C 308 19.80 -14.83 -22.63
C ARG C 308 19.45 -15.56 -21.33
N HIS C 309 19.40 -14.79 -20.24
CA HIS C 309 19.33 -15.39 -18.91
C HIS C 309 18.09 -16.27 -18.78
N GLY C 310 16.94 -15.77 -19.22
CA GLY C 310 15.72 -16.57 -19.10
C GLY C 310 15.82 -17.90 -19.83
N GLY C 311 16.30 -17.85 -21.07
CA GLY C 311 16.47 -19.08 -21.83
C GLY C 311 17.45 -19.98 -21.14
N ARG C 312 18.53 -19.41 -20.61
CA ARG C 312 19.53 -20.19 -19.90
C ARG C 312 18.89 -20.90 -18.73
N MET C 313 18.15 -20.16 -17.90
CA MET C 313 17.53 -20.75 -16.73
C MET C 313 16.59 -21.88 -17.14
N GLN C 314 15.70 -21.61 -18.10
CA GLN C 314 14.71 -22.61 -18.48
C GLN C 314 15.37 -23.86 -19.02
N TYR C 315 16.29 -23.70 -19.98
CA TYR C 315 16.90 -24.86 -20.60
C TYR C 315 17.77 -25.62 -19.62
N GLY C 316 18.51 -24.91 -18.75
CA GLY C 316 19.30 -25.57 -17.75
C GLY C 316 18.47 -26.38 -16.79
N LEU C 317 17.35 -25.83 -16.33
CA LEU C 317 16.49 -26.58 -15.45
C LEU C 317 15.93 -27.81 -16.16
N PHE C 318 15.57 -27.66 -17.43
CA PHE C 318 15.04 -28.82 -18.16
C PHE C 318 16.10 -29.90 -18.30
N LEU C 319 17.33 -29.50 -18.67
CA LEU C 319 18.40 -30.47 -18.82
C LEU C 319 18.77 -31.10 -17.48
N LYS C 320 18.61 -30.37 -16.39
CA LYS C 320 18.72 -30.97 -15.07
C LYS C 320 17.63 -32.01 -14.86
N GLY C 321 16.41 -31.70 -15.29
CA GLY C 321 15.31 -32.63 -15.11
C GLY C 321 15.51 -33.93 -15.85
N ILE C 322 15.97 -33.84 -17.10
CA ILE C 322 16.15 -35.06 -17.90
C ILE C 322 17.21 -35.96 -17.28
N GLY C 323 18.18 -35.38 -16.58
CA GLY C 323 19.16 -36.18 -15.86
C GLY C 323 20.60 -35.73 -16.06
N LEU C 324 20.82 -34.72 -16.90
CA LEU C 324 22.17 -34.23 -17.16
C LEU C 324 22.87 -33.84 -15.87
N THR C 325 23.97 -34.54 -15.58
CA THR C 325 24.71 -34.31 -14.35
C THR C 325 25.46 -32.98 -14.41
N LEU C 326 25.92 -32.53 -13.23
CA LEU C 326 26.60 -31.25 -13.15
C LEU C 326 27.80 -31.19 -14.09
N GLU C 327 28.62 -32.25 -14.09
CA GLU C 327 29.75 -32.30 -15.02
C GLU C 327 29.29 -32.29 -16.47
N GLN C 328 28.27 -33.07 -16.81
CA GLN C 328 27.81 -33.13 -18.18
C GLN C 328 27.26 -31.78 -18.63
N ALA C 329 26.44 -31.16 -17.78
CA ALA C 329 25.89 -29.85 -18.11
C ALA C 329 26.99 -28.81 -18.23
N LEU C 330 27.97 -28.85 -17.33
CA LEU C 330 29.08 -27.90 -17.40
C LEU C 330 29.82 -28.06 -18.71
N GLN C 331 30.11 -29.30 -19.10
CA GLN C 331 30.81 -29.53 -20.36
C GLN C 331 29.99 -29.03 -21.54
N PHE C 332 28.70 -29.34 -21.53
CA PHE C 332 27.83 -28.94 -22.64
C PHE C 332 27.79 -27.43 -22.77
N TRP C 333 27.56 -26.73 -21.66
CA TRP C 333 27.46 -25.28 -21.71
C TRP C 333 28.78 -24.66 -22.12
N ARG C 334 29.89 -25.18 -21.58
CA ARG C 334 31.20 -24.68 -21.98
C ARG C 334 31.40 -24.81 -23.48
N LEU C 335 31.14 -26.01 -24.02
CA LEU C 335 31.35 -26.24 -25.44
C LEU C 335 30.44 -25.35 -26.28
N GLU C 336 29.19 -25.21 -25.87
CA GLU C 336 28.25 -24.43 -26.67
C GLU C 336 28.60 -22.94 -26.65
N PHE C 337 28.97 -22.42 -25.49
CA PHE C 337 29.24 -20.98 -25.39
C PHE C 337 30.60 -20.61 -25.97
N THR C 338 31.59 -21.51 -25.90
CA THR C 338 32.91 -21.16 -26.42
C THR C 338 32.82 -20.80 -27.90
N LYS C 339 31.86 -21.39 -28.62
CA LYS C 339 31.68 -21.09 -30.04
C LYS C 339 31.09 -19.71 -30.28
N GLY C 340 30.67 -19.02 -29.23
CA GLY C 340 30.04 -17.72 -29.39
C GLY C 340 31.10 -16.64 -29.39
N LYS C 341 32.34 -17.05 -29.66
CA LYS C 341 33.48 -16.13 -29.74
C LYS C 341 33.69 -15.42 -28.41
N VAL C 342 33.68 -16.19 -27.33
CA VAL C 342 34.00 -15.67 -26.01
C VAL C 342 35.11 -16.52 -25.40
N ASP C 343 35.87 -15.91 -24.50
CA ASP C 343 36.97 -16.61 -23.86
C ASP C 343 36.46 -17.75 -22.98
N SER C 344 37.18 -18.87 -22.99
CA SER C 344 36.78 -19.99 -22.14
C SER C 344 36.86 -19.58 -20.68
N GLU C 345 37.91 -18.84 -20.32
CA GLU C 345 38.02 -18.42 -18.94
C GLU C 345 36.89 -17.47 -18.60
N LYS C 346 36.38 -16.70 -19.58
CA LYS C 346 35.27 -15.83 -19.28
C LYS C 346 34.08 -16.67 -18.84
N PHE C 347 33.92 -17.83 -19.50
CA PHE C 347 32.84 -18.74 -19.16
C PHE C 347 33.00 -19.23 -17.73
N ASP C 348 34.19 -19.75 -17.39
CA ASP C 348 34.42 -20.20 -16.03
C ASP C 348 34.28 -19.07 -15.02
N LYS C 349 34.59 -17.84 -15.43
CA LYS C 349 34.48 -16.69 -14.54
C LYS C 349 33.03 -16.37 -14.23
N VAL C 350 32.16 -16.43 -15.23
CA VAL C 350 30.80 -15.90 -15.12
C VAL C 350 29.77 -17.02 -15.00
N TYR C 351 29.66 -17.86 -16.03
CA TYR C 351 28.52 -18.76 -16.07
C TYR C 351 28.71 -19.98 -15.19
N ALA C 352 29.94 -20.26 -14.75
CA ALA C 352 30.15 -21.43 -13.92
C ALA C 352 29.39 -21.28 -12.62
N TYR C 353 29.40 -20.07 -12.04
CA TYR C 353 28.70 -19.84 -10.80
C TYR C 353 27.20 -20.03 -10.99
N SER C 354 26.68 -19.53 -12.11
CA SER C 354 25.26 -19.69 -12.40
C SER C 354 24.91 -21.17 -12.50
N ILE C 355 25.73 -21.94 -13.21
CA ILE C 355 25.48 -23.36 -13.35
C ILE C 355 25.47 -24.02 -11.98
N ARG C 356 26.52 -23.80 -11.20
CA ARG C 356 26.56 -24.42 -9.87
C ARG C 356 25.31 -24.09 -9.09
N HIS C 357 24.86 -22.84 -9.15
CA HIS C 357 23.68 -22.48 -8.38
C HIS C 357 22.45 -23.20 -8.90
N ASN C 358 22.33 -23.30 -10.23
CA ASN C 358 21.22 -24.02 -10.84
C ASN C 358 21.16 -25.47 -10.37
N TYR C 359 22.31 -26.06 -10.05
CA TYR C 359 22.34 -27.43 -9.54
C TYR C 359 22.41 -27.51 -8.03
N GLY C 360 22.20 -26.40 -7.32
CA GLY C 360 22.21 -26.44 -5.88
C GLY C 360 23.55 -26.83 -5.30
N LYS C 361 24.61 -26.23 -5.82
CA LYS C 361 25.97 -26.54 -5.40
C LYS C 361 26.54 -25.50 -4.46
N GLU C 362 25.99 -24.30 -4.46
CA GLU C 362 26.52 -23.17 -3.71
C GLU C 362 25.36 -22.42 -3.09
N GLY C 363 25.68 -21.33 -2.41
CA GLY C 363 24.63 -20.50 -1.81
C GLY C 363 23.79 -21.30 -0.84
N LYS C 364 22.48 -21.15 -0.95
CA LYS C 364 21.56 -21.93 -0.11
C LYS C 364 21.65 -23.43 -0.38
N ARG C 365 22.21 -23.82 -1.53
CA ARG C 365 22.40 -25.24 -1.85
C ARG C 365 21.05 -25.96 -1.85
N THR C 366 20.15 -25.53 -2.74
CA THR C 366 18.84 -26.13 -2.88
C THR C 366 18.69 -26.78 -4.24
N ASP C 367 18.17 -28.01 -4.26
CA ASP C 367 17.92 -28.75 -5.50
C ASP C 367 16.70 -28.16 -6.21
N TYR C 368 16.93 -27.07 -6.94
CA TYR C 368 15.82 -26.35 -7.57
C TYR C 368 15.11 -27.24 -8.57
N THR C 369 13.77 -27.28 -8.49
CA THR C 369 13.04 -28.19 -9.37
C THR C 369 12.86 -27.56 -10.76
N PRO C 370 12.76 -28.37 -11.81
CA PRO C 370 12.50 -27.80 -13.14
C PRO C 370 11.17 -27.07 -13.25
N TYR C 371 11.16 -26.05 -14.10
CA TYR C 371 9.96 -25.25 -14.34
C TYR C 371 8.80 -26.11 -14.82
N SER C 372 7.62 -25.88 -14.26
CA SER C 372 6.40 -26.51 -14.77
C SER C 372 5.80 -25.67 -15.89
N CYS C 373 5.04 -26.32 -16.76
CA CYS C 373 4.46 -25.61 -17.89
C CYS C 373 3.64 -24.41 -17.42
N MET C 374 2.95 -24.55 -16.30
CA MET C 374 2.19 -23.42 -15.76
C MET C 374 3.11 -22.25 -15.42
N LYS C 375 4.25 -22.52 -14.80
CA LYS C 375 5.20 -21.47 -14.51
C LYS C 375 5.68 -20.83 -15.80
N VAL C 376 6.04 -21.67 -16.77
CA VAL C 376 6.55 -21.18 -18.04
C VAL C 376 5.53 -20.23 -18.67
N ILE C 377 4.25 -20.61 -18.61
CA ILE C 377 3.21 -19.75 -19.15
C ILE C 377 3.16 -18.44 -18.36
N LEU C 378 3.24 -18.53 -17.04
CA LEU C 378 3.11 -17.37 -16.16
C LEU C 378 4.46 -16.80 -15.73
N SER C 379 5.56 -17.31 -16.26
CA SER C 379 6.87 -16.79 -15.90
C SER C 379 7.14 -15.49 -16.65
N ASN C 380 8.40 -15.05 -16.60
CA ASN C 380 8.79 -13.81 -17.28
C ASN C 380 8.24 -13.79 -18.70
N PRO C 381 7.56 -12.74 -19.11
CA PRO C 381 7.05 -12.68 -20.47
C PRO C 381 8.16 -12.40 -21.46
N PRO C 382 8.32 -13.25 -22.48
CA PRO C 382 9.40 -13.03 -23.44
C PRO C 382 9.18 -11.76 -24.25
N SER C 383 10.30 -11.19 -24.69
CA SER C 383 10.28 -9.97 -25.50
C SER C 383 11.10 -10.18 -26.76
N GLN C 384 11.34 -9.11 -27.52
CA GLN C 384 12.15 -9.23 -28.72
C GLN C 384 13.53 -9.78 -28.38
N GLY C 385 14.00 -10.72 -29.19
CA GLY C 385 15.27 -11.38 -28.93
C GLY C 385 15.21 -12.54 -27.96
N ASP C 386 14.03 -12.85 -27.42
CA ASP C 386 13.86 -13.95 -26.50
C ASP C 386 13.20 -15.14 -27.20
N TYR C 387 13.40 -16.32 -26.62
CA TYR C 387 12.85 -17.55 -27.16
C TYR C 387 12.29 -18.47 -26.08
N HIS C 388 12.20 -18.03 -24.83
CA HIS C 388 11.72 -18.86 -23.74
C HIS C 388 10.19 -18.89 -23.76
N GLY C 389 9.60 -19.47 -22.72
CA GLY C 389 8.17 -19.53 -22.57
C GLY C 389 7.55 -20.66 -23.37
N CYS C 390 6.24 -20.84 -23.18
CA CYS C 390 5.48 -21.87 -23.88
C CYS C 390 5.13 -21.35 -25.26
N PRO C 391 5.57 -22.00 -26.34
CA PRO C 391 5.22 -21.49 -27.67
C PRO C 391 3.73 -21.35 -27.88
N PHE C 392 2.94 -22.28 -27.36
CA PHE C 392 1.50 -22.18 -27.54
C PHE C 392 0.94 -20.89 -26.97
N ARG C 393 1.56 -20.37 -25.91
CA ARG C 393 1.10 -19.12 -25.29
C ARG C 393 1.83 -17.89 -25.80
N HIS C 394 3.12 -18.00 -26.11
CA HIS C 394 3.94 -16.85 -26.47
C HIS C 394 4.22 -16.76 -27.96
N SER C 395 3.54 -17.53 -28.80
CA SER C 395 3.70 -17.46 -30.24
C SER C 395 2.38 -17.03 -30.88
N ASP C 396 2.47 -16.10 -31.81
CA ASP C 396 1.27 -15.63 -32.49
C ASP C 396 0.67 -16.76 -33.32
N PRO C 397 -0.64 -16.76 -33.53
CA PRO C 397 -1.26 -17.90 -34.24
C PRO C 397 -0.63 -18.18 -35.59
N GLU C 398 -0.27 -17.15 -36.36
CA GLU C 398 0.38 -17.38 -37.64
C GLU C 398 1.73 -18.05 -37.46
N LEU C 399 2.52 -17.59 -36.49
CA LEU C 399 3.83 -18.19 -36.25
C LEU C 399 3.69 -19.63 -35.80
N LEU C 400 2.73 -19.91 -34.92
CA LEU C 400 2.51 -21.29 -34.48
C LEU C 400 2.07 -22.17 -35.63
N LYS C 401 1.21 -21.64 -36.51
CA LYS C 401 0.80 -22.40 -37.69
C LYS C 401 1.99 -22.70 -38.57
N GLN C 402 2.85 -21.71 -38.81
CA GLN C 402 4.03 -21.94 -39.64
C GLN C 402 4.93 -23.00 -39.01
N LYS C 403 5.17 -22.91 -37.70
CA LYS C 403 6.02 -23.87 -37.03
C LYS C 403 5.44 -25.27 -37.12
N LEU C 404 4.13 -25.41 -36.88
CA LEU C 404 3.51 -26.72 -36.94
C LEU C 404 3.59 -27.29 -38.35
N GLN C 405 3.39 -26.44 -39.37
CA GLN C 405 3.54 -26.89 -40.75
C GLN C 405 4.96 -27.35 -41.02
N SER C 406 5.95 -26.63 -40.46
CA SER C 406 7.34 -27.01 -40.69
C SER C 406 7.62 -28.42 -40.19
N PHE C 407 6.98 -28.81 -39.09
CA PHE C 407 7.19 -30.12 -38.49
C PHE C 407 6.38 -31.22 -39.17
N LYS C 408 5.83 -30.95 -40.36
CA LYS C 408 5.11 -31.94 -41.15
C LYS C 408 3.84 -32.42 -40.45
N VAL C 409 3.30 -31.62 -39.53
CA VAL C 409 2.06 -32.01 -38.85
C VAL C 409 0.91 -31.99 -39.86
N PRO C 410 -0.04 -32.92 -39.81
CA PRO C 410 -1.15 -32.88 -40.76
C PRO C 410 -1.97 -31.61 -40.61
N SER C 411 -2.50 -31.13 -41.73
CA SER C 411 -3.25 -29.88 -41.72
C SER C 411 -4.38 -29.92 -40.69
N SER C 412 -5.07 -31.06 -40.59
CA SER C 412 -6.13 -31.19 -39.60
C SER C 412 -5.56 -31.07 -38.19
N GLY C 413 -4.42 -31.71 -37.93
CA GLY C 413 -3.81 -31.60 -36.62
C GLY C 413 -3.38 -30.18 -36.31
N ILE C 414 -2.82 -29.49 -37.30
CA ILE C 414 -2.42 -28.10 -37.08
C ILE C 414 -3.63 -27.25 -36.77
N ASN C 415 -4.73 -27.45 -37.50
CA ASN C 415 -5.94 -26.68 -37.24
C ASN C 415 -6.47 -26.97 -35.84
N GLN C 416 -6.47 -28.24 -35.43
CA GLN C 416 -6.93 -28.58 -34.09
C GLN C 416 -6.06 -27.92 -33.03
N ILE C 417 -4.74 -27.94 -33.23
CA ILE C 417 -3.84 -27.32 -32.27
C ILE C 417 -4.09 -25.82 -32.21
N LEU C 418 -4.29 -25.19 -33.36
CA LEU C 418 -4.58 -23.75 -33.39
C LEU C 418 -5.89 -23.45 -32.66
N GLU C 419 -6.91 -24.28 -32.88
CA GLU C 419 -8.18 -24.08 -32.19
C GLU C 419 -8.01 -24.21 -30.68
N LEU C 420 -7.25 -25.21 -30.24
CA LEU C 420 -7.00 -25.34 -28.81
C LEU C 420 -6.26 -24.12 -28.28
N VAL C 421 -5.29 -23.62 -29.02
CA VAL C 421 -4.55 -22.45 -28.56
C VAL C 421 -5.51 -21.26 -28.45
N LYS C 422 -6.36 -21.08 -29.45
CA LYS C 422 -7.35 -20.01 -29.39
C LYS C 422 -8.30 -20.20 -28.23
N GLY C 423 -8.43 -21.43 -27.74
CA GLY C 423 -9.28 -21.72 -26.61
C GLY C 423 -8.59 -21.51 -25.28
N MET C 424 -7.35 -21.03 -25.30
CA MET C 424 -6.55 -20.75 -24.12
C MET C 424 -6.13 -22.03 -23.41
N HIS C 425 -6.44 -23.21 -23.95
CA HIS C 425 -6.03 -24.47 -23.35
C HIS C 425 -4.76 -24.93 -24.05
N TYR C 426 -3.66 -24.29 -23.68
CA TYR C 426 -2.39 -24.60 -24.31
C TYR C 426 -1.90 -25.99 -23.93
N GLN C 427 -2.19 -26.44 -22.71
CA GLN C 427 -1.82 -27.80 -22.31
C GLN C 427 -2.53 -28.83 -23.18
N LEU C 428 -3.80 -28.60 -23.50
CA LEU C 428 -4.49 -29.49 -24.42
C LEU C 428 -3.86 -29.44 -25.80
N ALA C 429 -3.39 -28.27 -26.23
CA ALA C 429 -2.71 -28.18 -27.51
C ALA C 429 -1.43 -29.01 -27.52
N CYS C 430 -0.65 -28.94 -26.44
CA CYS C 430 0.57 -29.75 -26.36
C CYS C 430 0.24 -31.23 -26.29
N GLN C 431 -0.84 -31.59 -25.59
CA GLN C 431 -1.27 -32.98 -25.57
C GLN C 431 -1.64 -33.46 -26.96
N LYS C 432 -2.34 -32.62 -27.72
CA LYS C 432 -2.68 -32.99 -29.09
C LYS C 432 -1.42 -33.14 -29.94
N TYR C 433 -0.45 -32.25 -29.72
CA TYR C 433 0.83 -32.37 -30.42
C TYR C 433 1.47 -33.72 -30.10
N PHE C 434 1.48 -34.08 -28.83
CA PHE C 434 2.06 -35.36 -28.43
C PHE C 434 1.33 -36.52 -29.08
N GLU C 435 0.00 -36.44 -29.11
CA GLU C 435 -0.79 -37.50 -29.71
C GLU C 435 -0.47 -37.64 -31.19
N LEU C 436 -0.36 -36.51 -31.89
CA LEU C 436 -0.13 -36.57 -33.32
C LEU C 436 1.29 -37.04 -33.63
N THR C 437 2.27 -36.56 -32.87
CA THR C 437 3.66 -36.88 -33.18
C THR C 437 4.00 -38.31 -32.79
N HIS C 438 3.38 -38.83 -31.74
CA HIS C 438 3.67 -40.18 -31.27
C HIS C 438 2.72 -41.22 -31.87
N SER C 439 1.83 -40.81 -32.76
CA SER C 439 0.91 -41.73 -33.42
C SER C 439 0.09 -42.50 -32.39
N VAL C 440 -0.43 -41.77 -31.41
CA VAL C 440 -1.28 -42.34 -30.36
C VAL C 440 -2.59 -41.57 -30.34
N ASP C 441 -3.71 -42.29 -30.32
CA ASP C 441 -5.02 -41.66 -30.36
C ASP C 441 -5.23 -40.75 -29.15
N ASP C 442 -4.84 -41.22 -27.96
CA ASP C 442 -5.00 -40.47 -26.73
C ASP C 442 -3.66 -40.42 -25.99
N CYS C 443 -3.36 -39.25 -25.42
CA CYS C 443 -2.11 -39.09 -24.68
C CYS C 443 -2.09 -40.01 -23.46
N GLY C 444 -3.21 -40.10 -22.74
CA GLY C 444 -3.30 -40.94 -21.57
C GLY C 444 -2.74 -40.35 -20.30
N PHE C 445 -2.27 -39.11 -20.34
CA PHE C 445 -1.71 -38.47 -19.16
C PHE C 445 -2.02 -36.97 -19.22
N SER C 446 -2.13 -36.37 -18.04
CA SER C 446 -2.39 -34.93 -17.92
C SER C 446 -1.05 -34.21 -17.92
N LEU C 447 -0.64 -33.71 -19.08
CA LEU C 447 0.63 -33.03 -19.23
C LEU C 447 0.67 -31.76 -18.37
N ASN C 448 1.50 -31.77 -17.32
CA ASN C 448 1.64 -30.60 -16.46
C ASN C 448 3.10 -30.29 -16.14
N HIS C 449 4.03 -30.82 -16.93
CA HIS C 449 5.45 -30.58 -16.73
C HIS C 449 6.21 -30.97 -17.99
N PRO C 450 7.08 -30.12 -18.51
CA PRO C 450 7.85 -30.52 -19.71
C PRO C 450 8.64 -31.80 -19.49
N ASN C 451 9.20 -31.99 -18.29
CA ASN C 451 9.89 -33.23 -17.99
C ASN C 451 8.94 -34.42 -18.06
N GLN C 452 7.67 -34.22 -17.69
CA GLN C 452 6.69 -35.28 -17.87
C GLN C 452 6.51 -35.60 -19.35
N TYR C 453 6.51 -34.56 -20.20
CA TYR C 453 6.44 -34.79 -21.64
C TYR C 453 7.62 -35.64 -22.09
N PHE C 454 8.83 -35.26 -21.69
CA PHE C 454 10.00 -36.01 -22.12
C PHE C 454 9.96 -37.44 -21.61
N ALA C 455 9.53 -37.64 -20.36
CA ALA C 455 9.47 -38.99 -19.82
C ALA C 455 8.47 -39.84 -20.58
N GLU C 456 7.30 -39.27 -20.90
CA GLU C 456 6.32 -40.02 -21.67
C GLU C 456 6.83 -40.35 -23.06
N SER C 457 7.51 -39.40 -23.70
CA SER C 457 8.08 -39.66 -25.02
C SER C 457 9.11 -40.77 -24.96
N GLN C 458 9.98 -40.73 -23.96
CA GLN C 458 10.99 -41.77 -23.82
C GLN C 458 10.34 -43.12 -23.56
N LYS C 459 9.30 -43.15 -22.73
CA LYS C 459 8.60 -44.40 -22.47
C LYS C 459 8.02 -44.96 -23.75
N LEU C 460 7.39 -44.11 -24.56
CA LEU C 460 6.81 -44.58 -25.81
C LEU C 460 7.89 -45.08 -26.76
N LEU C 461 8.98 -44.33 -26.88
CA LEU C 461 10.02 -44.66 -27.86
C LEU C 461 10.87 -45.82 -27.37
N THR C 462 11.57 -45.62 -26.24
CA THR C 462 12.45 -46.65 -25.70
C THR C 462 11.62 -47.78 -25.09
N TYR D 9 -27.99 -78.59 -59.36
CA TYR D 9 -28.21 -77.15 -59.51
C TYR D 9 -27.04 -76.54 -60.29
N ASP D 10 -27.38 -75.69 -61.27
CA ASP D 10 -26.37 -75.05 -62.11
C ASP D 10 -26.22 -73.60 -61.68
N PRO D 11 -25.07 -73.18 -61.16
CA PRO D 11 -24.95 -71.79 -60.70
C PRO D 11 -24.94 -70.79 -61.84
N ALA D 12 -24.56 -71.20 -63.04
CA ALA D 12 -24.80 -70.36 -64.21
C ALA D 12 -26.28 -70.08 -64.40
N SER D 13 -27.16 -70.92 -63.85
CA SER D 13 -28.59 -70.68 -63.90
C SER D 13 -29.06 -69.73 -62.82
N LEU D 14 -28.18 -69.33 -61.90
CA LEU D 14 -28.59 -68.37 -60.87
C LEU D 14 -29.11 -67.07 -61.47
N PRO D 15 -28.39 -66.41 -62.39
CA PRO D 15 -28.89 -65.12 -62.89
C PRO D 15 -30.22 -65.24 -63.60
N ASP D 16 -30.60 -66.43 -64.05
CA ASP D 16 -31.89 -66.60 -64.71
C ASP D 16 -33.04 -66.65 -63.70
N VAL D 17 -32.82 -67.23 -62.53
CA VAL D 17 -33.93 -67.52 -61.63
C VAL D 17 -34.10 -66.40 -60.61
N LEU D 18 -33.02 -65.72 -60.25
CA LEU D 18 -33.08 -64.73 -59.18
C LEU D 18 -34.23 -63.75 -59.35
N PRO D 19 -34.44 -63.14 -60.51
CA PRO D 19 -35.54 -62.16 -60.61
C PRO D 19 -36.90 -62.76 -60.26
N LEU D 20 -37.26 -63.87 -60.90
CA LEU D 20 -38.57 -64.47 -60.66
C LEU D 20 -38.80 -64.64 -59.17
N TYR D 21 -37.81 -65.18 -58.47
CA TYR D 21 -37.97 -65.43 -57.04
C TYR D 21 -38.25 -64.11 -56.33
N TYR D 22 -37.44 -63.11 -56.61
CA TYR D 22 -37.56 -61.82 -55.95
C TYR D 22 -38.84 -61.13 -56.37
N ARG D 23 -39.48 -61.62 -57.42
CA ARG D 23 -40.71 -61.04 -57.90
C ARG D 23 -41.92 -61.76 -57.35
N ARG D 24 -41.87 -63.10 -57.24
CA ARG D 24 -43.08 -63.83 -56.89
C ARG D 24 -42.93 -64.79 -55.72
N LEU D 25 -41.79 -64.79 -55.03
CA LEU D 25 -41.63 -65.76 -53.95
C LEU D 25 -41.08 -65.16 -52.65
N PHE D 26 -40.11 -64.26 -52.74
CA PHE D 26 -39.55 -63.60 -51.56
C PHE D 26 -40.66 -62.96 -50.72
N PRO D 27 -40.85 -63.39 -49.47
CA PRO D 27 -41.97 -62.89 -48.63
C PRO D 27 -41.76 -61.47 -48.11
N PHE D 28 -42.10 -60.49 -48.95
CA PHE D 28 -41.82 -59.11 -48.59
C PHE D 28 -42.73 -58.60 -47.48
N TYR D 29 -44.00 -59.00 -47.47
CA TYR D 29 -44.91 -58.52 -46.45
C TYR D 29 -44.43 -58.89 -45.05
N GLN D 30 -44.15 -60.17 -44.84
CA GLN D 30 -43.66 -60.60 -43.54
C GLN D 30 -42.29 -60.02 -43.24
N TYR D 31 -41.47 -59.85 -44.27
CA TYR D 31 -40.15 -59.27 -44.07
C TYR D 31 -40.27 -57.86 -43.51
N PHE D 32 -41.20 -57.07 -44.07
CA PHE D 32 -41.39 -55.72 -43.55
C PHE D 32 -42.01 -55.75 -42.17
N ARG D 33 -42.95 -56.67 -41.92
CA ARG D 33 -43.48 -56.81 -40.57
C ARG D 33 -42.36 -57.00 -39.56
N TRP D 34 -41.42 -57.89 -39.90
CA TRP D 34 -40.28 -58.16 -39.05
C TRP D 34 -39.48 -56.88 -38.83
N LEU D 35 -38.90 -56.33 -39.90
CA LEU D 35 -37.93 -55.28 -39.71
C LEU D 35 -38.58 -53.98 -39.29
N ASN D 36 -39.90 -53.85 -39.43
CA ASN D 36 -40.61 -52.66 -39.00
C ASN D 36 -41.04 -52.73 -37.55
N TYR D 37 -41.15 -53.92 -36.98
CA TYR D 37 -41.42 -54.06 -35.55
C TYR D 37 -42.62 -53.23 -35.12
N GLY D 38 -43.72 -53.39 -35.83
CA GLY D 38 -44.98 -52.76 -35.45
C GLY D 38 -44.97 -51.26 -35.42
N GLY D 39 -44.07 -50.60 -36.16
CA GLY D 39 -44.11 -49.15 -36.27
C GLY D 39 -44.00 -48.36 -34.97
N VAL D 40 -43.88 -49.03 -33.84
CA VAL D 40 -43.84 -48.34 -32.54
C VAL D 40 -42.82 -47.21 -32.56
N VAL D 41 -41.59 -47.51 -32.98
CA VAL D 41 -40.52 -46.51 -33.00
C VAL D 41 -40.47 -45.91 -34.40
N LYS D 42 -40.59 -44.59 -34.47
CA LYS D 42 -40.55 -43.91 -35.77
C LYS D 42 -39.14 -43.97 -36.36
N ASN D 43 -39.09 -44.09 -37.68
CA ASN D 43 -37.85 -44.18 -38.44
C ASN D 43 -37.10 -45.47 -38.19
N TYR D 44 -37.74 -46.46 -37.55
CA TYR D 44 -37.06 -47.71 -37.25
C TYR D 44 -36.72 -48.47 -38.52
N PHE D 45 -37.70 -48.68 -39.40
CA PHE D 45 -37.41 -49.34 -40.66
C PHE D 45 -36.62 -48.42 -41.58
N GLN D 46 -36.80 -47.10 -41.43
CA GLN D 46 -36.18 -46.15 -42.33
C GLN D 46 -34.71 -45.95 -42.03
N HIS D 47 -34.27 -46.30 -40.83
CA HIS D 47 -32.88 -46.17 -40.43
C HIS D 47 -32.14 -47.50 -40.45
N ARG D 48 -32.78 -48.56 -40.93
CA ARG D 48 -32.14 -49.87 -41.02
C ARG D 48 -31.14 -49.90 -42.17
N GLU D 49 -29.96 -50.44 -41.90
CA GLU D 49 -28.95 -50.67 -42.93
C GLU D 49 -29.18 -52.01 -43.60
N PHE D 50 -29.06 -52.02 -44.92
CA PHE D 50 -28.99 -53.24 -45.72
C PHE D 50 -27.69 -53.20 -46.52
N SER D 51 -27.26 -54.37 -46.97
CA SER D 51 -26.18 -54.42 -47.95
C SER D 51 -26.48 -55.48 -48.99
N PHE D 52 -26.10 -55.18 -50.23
CA PHE D 52 -26.35 -56.04 -51.36
C PHE D 52 -25.03 -56.49 -51.98
N THR D 53 -24.98 -57.75 -52.41
CA THR D 53 -23.88 -58.24 -53.24
C THR D 53 -24.46 -58.64 -54.59
N LEU D 54 -24.02 -57.96 -55.64
CA LEU D 54 -24.53 -58.13 -56.99
C LEU D 54 -23.62 -59.07 -57.78
N LYS D 55 -23.90 -59.22 -59.07
CA LYS D 55 -23.10 -60.07 -59.93
C LYS D 55 -21.65 -59.58 -59.98
N ASP D 56 -20.73 -60.52 -60.17
CA ASP D 56 -19.30 -60.25 -60.19
C ASP D 56 -18.81 -59.67 -58.87
N ASP D 57 -19.42 -60.07 -57.76
CA ASP D 57 -18.96 -59.70 -56.43
C ASP D 57 -18.79 -58.18 -56.32
N VAL D 58 -19.90 -57.48 -56.48
CA VAL D 58 -19.96 -56.03 -56.30
C VAL D 58 -20.76 -55.76 -55.04
N TYR D 59 -20.14 -55.09 -54.08
CA TYR D 59 -20.69 -54.94 -52.73
C TYR D 59 -21.14 -53.50 -52.53
N VAL D 60 -22.35 -53.33 -51.98
CA VAL D 60 -22.85 -51.99 -51.67
C VAL D 60 -23.51 -52.02 -50.30
N ARG D 61 -23.26 -50.97 -49.51
CA ARG D 61 -23.91 -50.84 -48.21
C ARG D 61 -24.48 -49.45 -48.01
N TYR D 62 -24.91 -49.16 -46.78
CA TYR D 62 -25.62 -47.92 -46.47
C TYR D 62 -26.84 -47.77 -47.36
N GLN D 63 -27.50 -48.88 -47.66
CA GLN D 63 -28.78 -48.89 -48.36
C GLN D 63 -29.91 -48.82 -47.35
N SER D 64 -30.80 -47.83 -47.51
CA SER D 64 -31.98 -47.75 -46.68
C SER D 64 -33.17 -47.44 -47.57
N PHE D 65 -34.37 -47.72 -47.06
CA PHE D 65 -35.58 -47.59 -47.86
C PHE D 65 -36.69 -46.96 -47.05
N ASN D 66 -37.62 -46.31 -47.75
CA ASN D 66 -38.67 -45.56 -47.07
C ASN D 66 -39.77 -46.47 -46.56
N ASN D 67 -40.14 -47.49 -47.31
CA ASN D 67 -41.18 -48.44 -46.89
C ASN D 67 -41.12 -49.66 -47.80
N GLN D 68 -42.09 -50.56 -47.62
CA GLN D 68 -42.08 -51.82 -48.34
C GLN D 68 -42.05 -51.63 -49.84
N SER D 69 -42.76 -50.63 -50.35
CA SER D 69 -42.80 -50.43 -51.80
C SER D 69 -41.42 -50.09 -52.35
N GLU D 70 -40.71 -49.17 -51.69
CA GLU D 70 -39.37 -48.83 -52.15
C GLU D 70 -38.45 -50.03 -52.11
N LEU D 71 -38.52 -50.82 -51.04
CA LEU D 71 -37.67 -51.99 -50.93
C LEU D 71 -37.95 -52.96 -52.06
N GLU D 72 -39.22 -53.32 -52.25
CA GLU D 72 -39.58 -54.23 -53.34
C GLU D 72 -39.05 -53.70 -54.66
N LYS D 73 -39.18 -52.39 -54.89
CA LYS D 73 -38.75 -51.82 -56.15
C LYS D 73 -37.25 -51.98 -56.32
N GLU D 74 -36.47 -51.38 -55.43
CA GLU D 74 -35.03 -51.37 -55.62
C GLU D 74 -34.45 -52.78 -55.61
N MET D 75 -35.06 -53.70 -54.87
CA MET D 75 -34.57 -55.08 -54.88
C MET D 75 -34.85 -55.74 -56.22
N GLN D 76 -36.09 -55.64 -56.71
CA GLN D 76 -36.39 -56.23 -58.00
C GLN D 76 -35.56 -55.59 -59.10
N LYS D 77 -35.14 -54.34 -58.90
CA LYS D 77 -34.32 -53.66 -59.89
C LYS D 77 -32.88 -54.17 -59.86
N MET D 78 -32.32 -54.36 -58.67
CA MET D 78 -30.90 -54.71 -58.58
C MET D 78 -30.68 -56.21 -58.80
N CYS D 79 -31.59 -57.04 -58.32
CA CYS D 79 -31.44 -58.50 -58.37
C CYS D 79 -30.13 -58.91 -57.69
N PRO D 80 -29.99 -58.65 -56.41
CA PRO D 80 -28.72 -58.94 -55.74
C PRO D 80 -28.53 -60.43 -55.48
N TYR D 81 -27.26 -60.84 -55.46
CA TYR D 81 -26.95 -62.24 -55.16
C TYR D 81 -26.98 -62.50 -53.67
N LYS D 82 -26.62 -61.52 -52.85
CA LYS D 82 -26.64 -61.65 -51.40
C LYS D 82 -27.34 -60.45 -50.79
N ILE D 83 -28.11 -60.69 -49.73
CA ILE D 83 -28.75 -59.64 -48.96
C ILE D 83 -28.35 -59.83 -47.50
N ASP D 84 -27.74 -58.79 -46.92
CA ASP D 84 -27.35 -58.77 -45.53
C ASP D 84 -28.10 -57.65 -44.81
N ILE D 85 -28.55 -57.94 -43.61
CA ILE D 85 -29.23 -56.98 -42.75
C ILE D 85 -28.23 -56.45 -41.75
N GLY D 86 -28.25 -55.14 -41.52
CA GLY D 86 -27.31 -54.53 -40.61
C GLY D 86 -27.96 -53.81 -39.46
N ALA D 87 -27.31 -52.78 -38.92
CA ALA D 87 -27.86 -52.12 -37.75
C ALA D 87 -28.91 -51.08 -38.14
N VAL D 88 -29.63 -50.60 -37.13
CA VAL D 88 -30.48 -49.43 -37.23
C VAL D 88 -29.67 -48.25 -36.70
N TYR D 89 -29.46 -47.25 -37.55
CA TYR D 89 -28.54 -46.17 -37.25
C TYR D 89 -29.31 -44.96 -36.73
N SER D 90 -28.55 -43.92 -36.34
CA SER D 90 -29.15 -42.71 -35.82
C SER D 90 -29.90 -41.95 -36.90
N HIS D 91 -29.46 -42.08 -38.14
CA HIS D 91 -30.10 -41.46 -39.29
C HIS D 91 -30.26 -42.51 -40.39
N ARG D 92 -30.80 -42.11 -41.52
CA ARG D 92 -30.92 -43.04 -42.64
C ARG D 92 -29.55 -43.29 -43.27
N PRO D 93 -29.13 -44.56 -43.38
CA PRO D 93 -27.84 -44.85 -44.03
C PRO D 93 -27.67 -44.23 -45.40
N SER D 94 -28.75 -44.14 -46.19
CA SER D 94 -28.62 -43.60 -47.54
C SER D 94 -28.02 -42.20 -47.51
N LEU D 95 -28.24 -41.46 -46.43
CA LEU D 95 -27.74 -40.09 -46.29
C LEU D 95 -26.58 -40.00 -45.31
N HIS D 96 -25.82 -41.09 -45.16
CA HIS D 96 -24.71 -41.06 -44.20
C HIS D 96 -23.65 -40.04 -44.59
N ASN D 97 -23.54 -39.73 -45.88
CA ASN D 97 -22.60 -38.70 -46.33
C ASN D 97 -23.00 -37.33 -45.80
N THR D 98 -24.29 -37.14 -45.56
CA THR D 98 -24.88 -35.87 -45.14
C THR D 98 -24.83 -35.65 -43.64
N VAL D 99 -24.49 -36.67 -42.88
CA VAL D 99 -24.50 -36.64 -41.43
C VAL D 99 -23.11 -36.21 -40.97
N LYS D 100 -23.07 -35.31 -39.99
CA LYS D 100 -21.80 -34.76 -39.55
C LYS D 100 -20.97 -35.82 -38.84
N SER D 101 -19.66 -35.77 -39.09
CA SER D 101 -18.77 -36.84 -38.70
C SER D 101 -18.88 -37.12 -37.20
N GLY D 102 -19.01 -38.39 -36.85
CA GLY D 102 -19.22 -38.80 -35.48
C GLY D 102 -20.67 -38.83 -35.06
N THR D 103 -21.57 -38.24 -35.84
CA THR D 103 -22.99 -38.24 -35.53
C THR D 103 -23.74 -39.38 -36.20
N PHE D 104 -23.05 -40.24 -36.93
CA PHE D 104 -23.64 -41.41 -37.58
C PHE D 104 -23.27 -42.63 -36.75
N GLN D 105 -24.22 -43.12 -35.95
CA GLN D 105 -23.95 -44.15 -34.97
C GLN D 105 -24.98 -45.26 -35.08
N ALA D 106 -24.49 -46.51 -35.05
CA ALA D 106 -25.36 -47.67 -34.94
C ALA D 106 -25.92 -47.76 -33.53
N GLN D 107 -27.24 -47.83 -33.41
CA GLN D 107 -27.95 -47.68 -32.15
C GLN D 107 -28.65 -48.94 -31.67
N GLU D 108 -29.26 -49.71 -32.57
CA GLU D 108 -29.96 -50.92 -32.18
C GLU D 108 -29.79 -51.99 -33.24
N LYS D 109 -29.73 -53.24 -32.80
CA LYS D 109 -29.72 -54.37 -33.71
C LYS D 109 -30.03 -55.65 -32.93
N GLU D 110 -30.66 -56.60 -33.62
CA GLU D 110 -30.89 -57.91 -33.04
C GLU D 110 -29.58 -58.50 -32.54
N LEU D 111 -29.66 -59.36 -31.53
CA LEU D 111 -28.48 -60.08 -31.06
C LEU D 111 -28.38 -61.35 -31.89
N VAL D 112 -27.25 -61.55 -32.55
CA VAL D 112 -27.15 -62.60 -33.54
C VAL D 112 -25.99 -63.52 -33.24
N PHE D 113 -26.17 -64.79 -33.56
CA PHE D 113 -25.12 -65.80 -33.41
C PHE D 113 -24.97 -66.55 -34.72
N ASP D 114 -23.73 -66.82 -35.11
CA ASP D 114 -23.41 -67.60 -36.29
C ASP D 114 -22.65 -68.84 -35.86
N ILE D 115 -23.21 -70.02 -36.11
CA ILE D 115 -22.54 -71.29 -35.86
C ILE D 115 -22.27 -71.93 -37.20
N ASP D 116 -20.99 -72.22 -37.45
CA ASP D 116 -20.50 -72.64 -38.76
C ASP D 116 -19.78 -73.96 -38.63
N MET D 117 -20.20 -74.95 -39.42
CA MET D 117 -19.61 -76.28 -39.32
C MET D 117 -18.10 -76.21 -39.54
N THR D 118 -17.63 -75.29 -40.37
CA THR D 118 -16.20 -75.22 -40.64
C THR D 118 -15.39 -75.04 -39.37
N ASP D 119 -15.98 -74.42 -38.33
CA ASP D 119 -15.25 -74.20 -37.09
C ASP D 119 -15.12 -75.47 -36.26
N TYR D 120 -15.75 -76.56 -36.69
CA TYR D 120 -15.70 -77.84 -36.01
C TYR D 120 -14.77 -78.81 -36.70
N ASP D 121 -13.95 -78.34 -37.63
CA ASP D 121 -13.23 -79.25 -38.52
C ASP D 121 -12.23 -80.11 -37.76
N ASP D 122 -11.57 -79.56 -36.75
CA ASP D 122 -10.58 -80.33 -36.02
C ASP D 122 -11.18 -81.46 -35.19
N VAL D 123 -12.50 -81.57 -35.14
CA VAL D 123 -13.14 -82.53 -34.24
C VAL D 123 -14.21 -83.37 -34.93
N ARG D 124 -14.36 -83.23 -36.25
CA ARG D 124 -15.24 -84.10 -37.01
C ARG D 124 -14.45 -84.93 -38.02
N ARG D 125 -14.93 -86.15 -38.26
CA ARG D 125 -14.22 -87.14 -39.05
C ARG D 125 -14.91 -87.53 -40.35
N CYS D 126 -16.20 -87.21 -40.50
CA CYS D 126 -16.95 -87.65 -41.67
C CYS D 126 -16.71 -86.75 -42.87
N CYS D 127 -16.59 -85.44 -42.65
CA CYS D 127 -16.46 -84.47 -43.71
C CYS D 127 -15.35 -83.49 -43.34
N SER D 128 -15.07 -82.56 -44.26
CA SER D 128 -14.11 -81.49 -44.00
C SER D 128 -14.52 -80.26 -44.79
N SER D 129 -13.99 -79.12 -44.36
CA SER D 129 -14.24 -77.85 -45.03
C SER D 129 -15.74 -77.63 -45.15
N ALA D 130 -16.26 -77.46 -46.38
CA ALA D 130 -17.66 -77.12 -46.57
C ALA D 130 -18.55 -78.33 -46.80
N ASP D 131 -18.01 -79.54 -46.70
CA ASP D 131 -18.82 -80.74 -46.83
C ASP D 131 -19.59 -80.99 -45.54
N ILE D 132 -20.87 -81.35 -45.68
CA ILE D 132 -21.70 -81.78 -44.57
C ILE D 132 -22.40 -83.07 -44.95
N CYS D 133 -22.79 -83.83 -43.93
CA CYS D 133 -23.47 -85.11 -44.13
C CYS D 133 -24.40 -85.33 -42.95
N PRO D 134 -25.30 -86.30 -43.05
CA PRO D 134 -26.23 -86.56 -41.94
C PRO D 134 -25.53 -86.97 -40.66
N LYS D 135 -24.29 -87.48 -40.76
CA LYS D 135 -23.58 -87.94 -39.59
C LYS D 135 -23.03 -86.79 -38.76
N CYS D 136 -22.80 -85.63 -39.37
CA CYS D 136 -22.26 -84.48 -38.63
C CYS D 136 -23.31 -83.43 -38.30
N TRP D 137 -24.46 -83.43 -38.96
CA TRP D 137 -25.42 -82.37 -38.71
C TRP D 137 -25.92 -82.39 -37.27
N THR D 138 -25.87 -83.55 -36.61
CA THR D 138 -26.28 -83.61 -35.22
C THR D 138 -25.58 -82.58 -34.36
N LEU D 139 -24.37 -82.17 -34.74
CA LEU D 139 -23.69 -81.12 -33.97
C LEU D 139 -24.52 -79.85 -33.97
N MET D 140 -24.94 -79.39 -35.14
CA MET D 140 -25.85 -78.26 -35.18
C MET D 140 -27.08 -78.56 -34.35
N THR D 141 -27.63 -79.77 -34.47
CA THR D 141 -28.80 -80.11 -33.69
C THR D 141 -28.55 -79.92 -32.21
N ILE D 142 -27.35 -80.24 -31.74
CA ILE D 142 -27.01 -80.00 -30.35
C ILE D 142 -26.94 -78.51 -30.06
N ALA D 143 -26.21 -77.77 -30.90
CA ALA D 143 -25.98 -76.36 -30.63
C ALA D 143 -27.30 -75.63 -30.41
N VAL D 144 -28.23 -75.79 -31.34
CA VAL D 144 -29.47 -75.04 -31.28
C VAL D 144 -30.15 -75.29 -29.94
N ARG D 145 -30.09 -76.53 -29.44
CA ARG D 145 -30.72 -76.81 -28.16
C ARG D 145 -29.91 -76.22 -27.02
N ILE D 146 -28.59 -76.38 -27.04
CA ILE D 146 -27.77 -75.88 -25.95
C ILE D 146 -27.90 -74.37 -25.83
N LEU D 147 -27.72 -73.66 -26.95
CA LEU D 147 -27.77 -72.20 -26.92
C LEU D 147 -29.19 -71.70 -26.66
N ASP D 148 -30.16 -72.18 -27.44
CA ASP D 148 -31.49 -71.59 -27.35
C ASP D 148 -32.06 -71.73 -25.95
N ARG D 149 -31.76 -72.85 -25.29
CA ARG D 149 -32.21 -73.02 -23.92
C ARG D 149 -31.65 -71.92 -23.04
N ALA D 150 -30.35 -71.70 -23.11
CA ALA D 150 -29.78 -70.59 -22.34
C ALA D 150 -30.52 -69.31 -22.65
N LEU D 151 -30.70 -69.01 -23.93
CA LEU D 151 -31.30 -67.73 -24.28
C LEU D 151 -32.73 -67.62 -23.78
N ALA D 152 -33.38 -68.75 -23.55
CA ALA D 152 -34.75 -68.74 -23.04
C ALA D 152 -34.81 -68.83 -21.53
N GLU D 153 -33.74 -69.26 -20.87
CA GLU D 153 -33.77 -69.48 -19.43
C GLU D 153 -32.83 -68.56 -18.68
N ASP D 154 -31.57 -68.42 -19.13
CA ASP D 154 -30.64 -67.60 -18.38
C ASP D 154 -30.85 -66.11 -18.63
N PHE D 155 -31.16 -65.74 -19.88
CA PHE D 155 -31.26 -64.34 -20.25
C PHE D 155 -32.69 -63.87 -20.43
N GLY D 156 -33.64 -64.78 -20.60
CA GLY D 156 -35.03 -64.42 -20.73
C GLY D 156 -35.41 -63.79 -22.05
N PHE D 157 -34.64 -64.06 -23.10
CA PHE D 157 -35.01 -63.61 -24.44
C PHE D 157 -36.12 -64.49 -24.98
N LYS D 158 -37.21 -63.86 -25.41
CA LYS D 158 -38.46 -64.54 -25.72
C LYS D 158 -38.74 -64.71 -27.21
N HIS D 159 -38.12 -63.91 -28.08
CA HIS D 159 -38.38 -63.97 -29.52
C HIS D 159 -37.09 -64.30 -30.25
N ARG D 160 -36.95 -65.57 -30.61
CA ARG D 160 -35.72 -66.13 -31.16
C ARG D 160 -36.01 -66.86 -32.46
N LEU D 161 -35.39 -66.42 -33.54
CA LEU D 161 -35.61 -66.96 -34.88
C LEU D 161 -34.33 -67.65 -35.33
N TRP D 162 -34.38 -68.97 -35.49
CA TRP D 162 -33.25 -69.75 -35.95
C TRP D 162 -33.39 -69.95 -37.46
N VAL D 163 -32.32 -69.74 -38.20
CA VAL D 163 -32.37 -69.76 -39.65
C VAL D 163 -31.20 -70.57 -40.17
N TYR D 164 -31.48 -71.42 -41.17
CA TYR D 164 -30.42 -72.16 -41.82
C TYR D 164 -29.57 -71.21 -42.66
N SER D 165 -28.26 -71.39 -42.61
CA SER D 165 -27.38 -70.42 -43.27
C SER D 165 -27.28 -70.69 -44.75
N GLY D 166 -27.75 -71.85 -45.21
CA GLY D 166 -27.74 -72.26 -46.59
C GLY D 166 -26.77 -73.38 -46.89
N ARG D 167 -25.67 -73.45 -46.15
CA ARG D 167 -24.68 -74.49 -46.41
C ARG D 167 -24.05 -75.11 -45.17
N ARG D 168 -23.29 -74.31 -44.43
CA ARG D 168 -22.41 -74.85 -43.41
C ARG D 168 -22.92 -74.72 -41.99
N GLY D 169 -24.04 -74.05 -41.75
CA GLY D 169 -24.43 -73.81 -40.38
C GLY D 169 -25.72 -73.06 -40.24
N VAL D 170 -25.90 -72.48 -39.05
CA VAL D 170 -27.14 -71.83 -38.68
C VAL D 170 -26.87 -70.49 -38.01
N HIS D 171 -27.82 -69.58 -38.17
CA HIS D 171 -27.79 -68.28 -37.53
C HIS D 171 -28.96 -68.22 -36.55
N CYS D 172 -28.79 -67.41 -35.51
CA CYS D 172 -29.87 -67.11 -34.58
C CYS D 172 -30.03 -65.60 -34.45
N TRP D 173 -31.27 -65.14 -34.61
CA TRP D 173 -31.66 -63.74 -34.41
C TRP D 173 -32.52 -63.65 -33.16
N VAL D 174 -32.02 -62.95 -32.15
CA VAL D 174 -32.72 -62.70 -30.90
C VAL D 174 -33.22 -61.27 -30.97
N CYS D 175 -34.54 -61.10 -31.02
CA CYS D 175 -35.15 -59.85 -31.44
C CYS D 175 -35.95 -59.15 -30.34
N ASP D 176 -35.88 -59.62 -29.10
CA ASP D 176 -36.54 -58.90 -28.01
C ASP D 176 -36.07 -57.46 -27.98
N ASP D 177 -36.98 -56.56 -27.64
CA ASP D 177 -36.62 -55.14 -27.59
C ASP D 177 -35.43 -54.91 -26.68
N SER D 178 -35.37 -55.62 -25.57
CA SER D 178 -34.21 -55.52 -24.68
C SER D 178 -32.95 -55.99 -25.40
N ALA D 179 -33.04 -57.08 -26.15
CA ALA D 179 -31.86 -57.59 -26.85
C ALA D 179 -31.44 -56.67 -27.97
N ARG D 180 -32.33 -55.82 -28.47
CA ARG D 180 -31.96 -54.92 -29.55
C ARG D 180 -31.31 -53.63 -29.04
N LYS D 181 -31.42 -53.33 -27.76
CA LYS D 181 -30.83 -52.13 -27.18
C LYS D 181 -29.55 -52.43 -26.42
N LEU D 182 -29.03 -53.65 -26.52
CA LEU D 182 -27.83 -54.00 -25.76
C LEU D 182 -26.62 -53.32 -26.36
N SER D 183 -25.79 -52.74 -25.48
CA SER D 183 -24.56 -52.10 -25.92
C SER D 183 -23.59 -53.14 -26.48
N GLN D 184 -22.45 -52.65 -26.96
CA GLN D 184 -21.40 -53.58 -27.40
C GLN D 184 -20.87 -54.39 -26.23
N ALA D 185 -20.65 -53.75 -25.09
CA ALA D 185 -20.10 -54.46 -23.94
C ALA D 185 -21.06 -55.55 -23.47
N GLU D 186 -22.35 -55.25 -23.42
CA GLU D 186 -23.32 -56.25 -23.00
C GLU D 186 -23.36 -57.43 -23.97
N ARG D 187 -23.27 -57.15 -25.28
CA ARG D 187 -23.21 -58.22 -26.26
C ARG D 187 -21.98 -59.09 -26.04
N SER D 188 -20.82 -58.47 -25.83
CA SER D 188 -19.61 -59.25 -25.61
C SER D 188 -19.73 -60.09 -24.34
N ALA D 189 -20.36 -59.53 -23.30
CA ALA D 189 -20.59 -60.31 -22.09
C ALA D 189 -21.47 -61.51 -22.38
N VAL D 190 -22.56 -61.32 -23.12
CA VAL D 190 -23.44 -62.42 -23.45
C VAL D 190 -22.69 -63.49 -24.23
N ALA D 191 -21.89 -63.08 -25.20
CA ALA D 191 -21.16 -64.05 -26.01
C ALA D 191 -20.17 -64.84 -25.17
N GLU D 192 -19.42 -64.16 -24.30
CA GLU D 192 -18.44 -64.85 -23.47
C GLU D 192 -19.12 -65.78 -22.47
N TYR D 193 -20.27 -65.39 -21.95
CA TYR D 193 -20.98 -66.25 -21.02
C TYR D 193 -21.37 -67.57 -21.70
N LEU D 194 -21.84 -67.49 -22.94
CA LEU D 194 -22.28 -68.66 -23.66
C LEU D 194 -21.12 -69.50 -24.19
N SER D 195 -19.89 -68.98 -24.14
CA SER D 195 -18.78 -69.57 -24.86
C SER D 195 -17.93 -70.39 -23.89
N VAL D 196 -17.62 -71.62 -24.28
CA VAL D 196 -16.85 -72.55 -23.45
C VAL D 196 -15.60 -73.03 -24.17
N VAL D 197 -15.74 -73.47 -25.43
CA VAL D 197 -14.63 -74.02 -26.19
C VAL D 197 -13.78 -72.83 -26.64
N LYS D 198 -12.68 -72.58 -25.94
CA LYS D 198 -11.81 -71.46 -26.20
C LYS D 198 -10.47 -71.97 -26.70
N GLY D 199 -9.98 -71.39 -27.79
CA GLY D 199 -8.67 -71.71 -28.33
C GLY D 199 -8.72 -71.93 -29.83
N GLY D 200 -7.52 -71.95 -30.40
CA GLY D 200 -7.34 -72.05 -31.83
C GLY D 200 -6.91 -73.44 -32.26
N GLU D 201 -6.26 -73.51 -33.43
CA GLU D 201 -5.73 -74.77 -33.93
C GLU D 201 -4.45 -75.20 -33.24
N GLU D 202 -3.81 -74.30 -32.50
CA GLU D 202 -2.54 -74.60 -31.84
C GLU D 202 -2.71 -75.16 -30.44
N THR D 203 -3.94 -75.24 -29.93
CA THR D 203 -4.22 -75.75 -28.60
C THR D 203 -4.93 -77.09 -28.71
N ILE D 204 -4.53 -78.03 -27.86
CA ILE D 204 -5.13 -79.37 -27.86
C ILE D 204 -6.27 -79.47 -26.86
N LYS D 205 -6.03 -79.05 -25.61
CA LYS D 205 -7.05 -79.05 -24.57
C LYS D 205 -7.74 -77.69 -24.56
N LYS D 206 -8.96 -77.64 -25.07
CA LYS D 206 -9.68 -76.37 -25.23
C LYS D 206 -10.72 -76.14 -24.16
N VAL D 207 -10.95 -77.10 -23.26
CA VAL D 207 -11.92 -76.96 -22.18
C VAL D 207 -11.23 -77.35 -20.87
N GLN D 208 -11.24 -76.44 -19.90
CA GLN D 208 -10.67 -76.69 -18.58
C GLN D 208 -11.70 -76.21 -17.56
N LEU D 209 -12.62 -77.10 -17.21
CA LEU D 209 -13.65 -76.75 -16.24
C LEU D 209 -13.04 -76.65 -14.85
N PRO D 210 -13.59 -75.81 -13.98
CA PRO D 210 -13.13 -75.76 -12.59
C PRO D 210 -13.73 -76.91 -11.80
N GLU D 211 -13.39 -76.95 -10.51
CA GLU D 211 -13.96 -77.98 -9.65
C GLU D 211 -15.48 -77.85 -9.57
N THR D 212 -15.97 -76.63 -9.45
CA THR D 212 -17.40 -76.36 -9.42
C THR D 212 -17.93 -76.20 -10.84
N ILE D 213 -18.96 -76.96 -11.16
CA ILE D 213 -19.62 -76.87 -12.47
C ILE D 213 -20.72 -75.82 -12.37
N HIS D 214 -20.56 -74.74 -13.12
CA HIS D 214 -21.58 -73.70 -13.14
C HIS D 214 -22.88 -74.29 -13.68
N PRO D 215 -24.03 -73.96 -13.07
CA PRO D 215 -25.29 -74.55 -13.54
C PRO D 215 -25.46 -74.55 -15.05
N PHE D 216 -25.06 -73.48 -15.72
CA PHE D 216 -25.17 -73.43 -17.17
C PHE D 216 -24.41 -74.58 -17.81
N ILE D 217 -23.21 -74.88 -17.30
CA ILE D 217 -22.41 -75.94 -17.88
C ILE D 217 -23.03 -77.29 -17.57
N GLY D 218 -23.63 -77.42 -16.38
CA GLY D 218 -24.33 -78.65 -16.08
C GLY D 218 -25.48 -78.90 -17.02
N LYS D 219 -26.26 -77.86 -17.35
CA LYS D 219 -27.39 -78.03 -18.24
C LYS D 219 -26.93 -78.25 -19.68
N SER D 220 -25.79 -77.68 -20.05
CA SER D 220 -25.27 -77.94 -21.39
C SER D 220 -24.76 -79.36 -21.50
N LEU D 221 -24.12 -79.88 -20.44
CA LEU D 221 -23.69 -81.26 -20.45
C LEU D 221 -24.88 -82.21 -20.43
N LYS D 222 -25.93 -81.86 -19.70
CA LYS D 222 -27.14 -82.68 -19.72
C LYS D 222 -27.72 -82.76 -21.13
N MET D 223 -27.80 -81.62 -21.82
CA MET D 223 -28.27 -81.65 -23.19
C MET D 223 -27.35 -82.46 -24.08
N VAL D 224 -26.03 -82.34 -23.87
CA VAL D 224 -25.08 -83.06 -24.70
C VAL D 224 -25.26 -84.56 -24.53
N GLU D 225 -25.44 -85.01 -23.28
CA GLU D 225 -25.47 -86.43 -22.99
C GLU D 225 -26.54 -87.14 -23.80
N ARG D 226 -27.73 -86.54 -23.91
CA ARG D 226 -28.82 -87.19 -24.64
C ARG D 226 -28.39 -87.62 -26.03
N TYR D 227 -27.56 -86.81 -26.69
CA TYR D 227 -27.17 -87.08 -28.07
C TYR D 227 -25.80 -87.74 -28.18
N PHE D 228 -24.97 -87.67 -27.14
CA PHE D 228 -23.57 -88.02 -27.29
C PHE D 228 -23.39 -89.44 -27.78
N GLU D 229 -24.15 -90.38 -27.22
CA GLU D 229 -23.94 -91.78 -27.59
C GLU D 229 -24.17 -91.98 -29.08
N LYS D 230 -25.23 -91.41 -29.64
CA LYS D 230 -25.49 -91.56 -31.06
C LYS D 230 -24.44 -90.80 -31.88
N TYR D 231 -24.16 -89.55 -31.52
CA TYR D 231 -23.31 -88.73 -32.37
C TYR D 231 -21.87 -89.23 -32.36
N ALA D 232 -21.30 -89.42 -31.17
CA ALA D 232 -19.87 -89.61 -31.03
C ALA D 232 -19.50 -91.09 -31.03
N LEU D 233 -20.31 -91.93 -30.40
CA LEU D 233 -19.96 -93.32 -30.21
C LEU D 233 -20.49 -94.21 -31.33
N VAL D 234 -21.59 -93.81 -31.96
CA VAL D 234 -22.18 -94.61 -33.03
C VAL D 234 -21.79 -94.01 -34.38
N ASP D 235 -22.18 -92.75 -34.60
CA ASP D 235 -22.01 -92.15 -35.92
C ASP D 235 -20.55 -91.75 -36.16
N GLN D 236 -20.05 -90.82 -35.36
CA GLN D 236 -18.70 -90.30 -35.59
C GLN D 236 -17.64 -91.37 -35.34
N ASP D 237 -17.86 -92.26 -34.37
CA ASP D 237 -16.92 -93.34 -34.08
C ASP D 237 -15.54 -92.75 -33.79
N ILE D 238 -15.52 -91.89 -32.77
CA ILE D 238 -14.34 -91.10 -32.41
C ILE D 238 -13.27 -92.01 -31.81
N LEU D 239 -13.57 -93.30 -31.68
CA LEU D 239 -12.62 -94.28 -31.16
C LEU D 239 -12.50 -95.46 -32.14
N GLU D 240 -12.66 -95.19 -33.43
CA GLU D 240 -12.61 -96.25 -34.42
C GLU D 240 -11.24 -96.92 -34.47
N ASN D 241 -10.19 -96.12 -34.64
CA ASN D 241 -8.84 -96.65 -34.77
C ASN D 241 -7.88 -95.78 -33.99
N LYS D 242 -6.60 -96.16 -34.04
CA LYS D 242 -5.60 -95.51 -33.20
C LYS D 242 -5.40 -94.06 -33.61
N GLN D 243 -5.43 -93.78 -34.91
CA GLN D 243 -5.18 -92.42 -35.38
C GLN D 243 -6.16 -91.43 -34.78
N CYS D 244 -7.37 -91.88 -34.43
CA CYS D 244 -8.37 -90.99 -33.84
C CYS D 244 -8.36 -91.05 -32.32
N TRP D 245 -8.39 -92.24 -31.71
CA TRP D 245 -8.42 -92.30 -30.26
C TRP D 245 -7.10 -91.84 -29.65
N ASP D 246 -6.05 -91.71 -30.46
CA ASP D 246 -4.84 -91.06 -29.95
C ASP D 246 -5.12 -89.64 -29.55
N LYS D 247 -6.02 -88.96 -30.26
CA LYS D 247 -6.38 -87.59 -29.88
C LYS D 247 -7.01 -87.58 -28.49
N VAL D 248 -8.04 -88.40 -28.28
CA VAL D 248 -8.75 -88.41 -27.01
C VAL D 248 -7.79 -88.79 -25.88
N ILE D 249 -6.88 -89.72 -26.16
CA ILE D 249 -5.81 -90.01 -25.20
C ILE D 249 -4.97 -88.76 -24.96
N ALA D 250 -4.69 -88.00 -26.02
CA ALA D 250 -3.95 -86.74 -25.91
C ALA D 250 -4.69 -85.71 -25.09
N LEU D 251 -5.97 -85.90 -24.86
CA LEU D 251 -6.80 -84.94 -24.12
C LEU D 251 -6.91 -85.28 -22.65
N VAL D 252 -6.27 -86.36 -22.20
CA VAL D 252 -6.34 -86.77 -20.80
C VAL D 252 -4.92 -86.88 -20.28
N PRO D 253 -4.74 -86.80 -18.96
CA PRO D 253 -3.39 -86.88 -18.39
C PRO D 253 -2.64 -88.14 -18.80
N GLU D 254 -1.33 -88.02 -18.92
CA GLU D 254 -0.50 -89.12 -19.39
C GLU D 254 -0.54 -90.30 -18.44
N VAL D 255 -0.85 -90.05 -17.16
CA VAL D 255 -0.68 -91.07 -16.13
C VAL D 255 -1.43 -92.34 -16.50
N ALA D 256 -2.68 -92.21 -16.94
CA ALA D 256 -3.50 -93.35 -17.29
C ALA D 256 -3.42 -93.72 -18.77
N ARG D 257 -2.73 -92.93 -19.58
CA ARG D 257 -2.74 -93.15 -21.03
C ARG D 257 -2.34 -94.59 -21.37
N GLU D 258 -1.20 -95.03 -20.84
CA GLU D 258 -0.78 -96.41 -21.08
C GLU D 258 -1.86 -97.38 -20.65
N SER D 259 -2.39 -97.20 -19.44
CA SER D 259 -3.45 -98.08 -18.96
C SER D 259 -4.60 -98.13 -19.95
N LEU D 260 -4.90 -97.01 -20.59
CA LEU D 260 -5.98 -96.99 -21.57
C LEU D 260 -5.60 -97.75 -22.83
N LEU D 261 -4.37 -97.56 -23.31
CA LEU D 261 -4.00 -98.10 -24.61
C LEU D 261 -4.24 -99.60 -24.67
N ARG D 262 -3.69 -100.33 -23.70
CA ARG D 262 -3.91 -101.77 -23.64
C ARG D 262 -5.39 -102.10 -23.66
N GLU D 263 -6.18 -101.36 -22.88
CA GLU D 263 -7.62 -101.58 -22.87
C GLU D 263 -8.21 -101.34 -24.25
N PHE D 264 -7.78 -100.27 -24.92
CA PHE D 264 -8.28 -100.00 -26.26
C PHE D 264 -7.79 -101.05 -27.27
N SER D 265 -6.79 -101.85 -26.90
CA SER D 265 -6.37 -102.94 -27.77
C SER D 265 -7.27 -104.16 -27.63
N LYS D 266 -8.09 -104.23 -26.58
CA LYS D 266 -8.97 -105.37 -26.35
C LYS D 266 -10.43 -105.03 -26.56
N ALA D 267 -10.76 -103.81 -26.98
CA ALA D 267 -12.13 -103.39 -27.21
C ALA D 267 -12.47 -103.48 -28.68
N ARG D 268 -13.68 -103.97 -28.98
CA ARG D 268 -14.13 -104.10 -30.36
C ARG D 268 -15.05 -102.97 -30.80
N SER D 269 -15.72 -102.30 -29.86
CA SER D 269 -16.66 -101.24 -30.18
C SER D 269 -16.31 -99.97 -29.43
N SER D 270 -16.50 -98.83 -30.09
CA SER D 270 -16.19 -97.55 -29.47
C SER D 270 -17.07 -97.27 -28.27
N VAL D 271 -18.28 -97.83 -28.23
CA VAL D 271 -19.10 -97.74 -27.02
C VAL D 271 -18.41 -98.48 -25.88
N GLU D 272 -17.86 -99.65 -26.16
CA GLU D 272 -17.07 -100.36 -25.16
C GLU D 272 -15.86 -99.55 -24.74
N ARG D 273 -15.19 -98.91 -25.70
CA ARG D 273 -14.03 -98.10 -25.35
C ARG D 273 -14.42 -96.91 -24.48
N TRP D 274 -15.59 -96.31 -24.75
CA TRP D 274 -16.04 -95.22 -23.91
C TRP D 274 -16.35 -95.70 -22.51
N ASP D 275 -17.00 -96.86 -22.39
CA ASP D 275 -17.25 -97.41 -21.06
C ASP D 275 -15.93 -97.63 -20.32
N LYS D 276 -14.94 -98.19 -21.01
CA LYS D 276 -13.65 -98.45 -20.39
C LYS D 276 -12.98 -97.15 -19.96
N LEU D 277 -13.03 -96.13 -20.81
CA LEU D 277 -12.42 -94.84 -20.48
C LEU D 277 -13.11 -94.23 -19.27
N SER D 278 -14.43 -94.26 -19.23
CA SER D 278 -15.16 -93.72 -18.09
C SER D 278 -14.80 -94.47 -16.81
N SER D 279 -14.73 -95.80 -16.88
CA SER D 279 -14.38 -96.56 -15.70
C SER D 279 -12.97 -96.24 -15.22
N CYS D 280 -12.02 -96.17 -16.15
CA CYS D 280 -10.64 -95.88 -15.77
C CYS D 280 -10.53 -94.49 -15.15
N LEU D 281 -11.19 -93.50 -15.75
CA LEU D 281 -11.14 -92.16 -15.18
C LEU D 281 -11.79 -92.12 -13.81
N GLU D 282 -12.92 -92.81 -13.64
CA GLU D 282 -13.56 -92.85 -12.32
C GLU D 282 -12.62 -93.47 -11.29
N ALA D 283 -11.94 -94.56 -11.65
CA ALA D 283 -11.00 -95.17 -10.73
C ALA D 283 -9.87 -94.20 -10.38
N THR D 284 -9.37 -93.46 -11.38
CA THR D 284 -8.29 -92.51 -11.16
C THR D 284 -8.82 -91.25 -10.48
N ARG D 289 -9.62 -87.69 -7.72
CA ARG D 289 -11.00 -87.44 -8.14
C ARG D 289 -11.11 -86.11 -8.88
N ARG D 290 -10.05 -85.28 -8.79
CA ARG D 290 -10.09 -83.99 -9.46
C ARG D 290 -10.26 -84.15 -10.96
N TYR D 291 -9.93 -85.31 -11.51
CA TYR D 291 -10.12 -85.59 -12.92
C TYR D 291 -11.49 -86.18 -13.24
N SER D 292 -12.41 -86.17 -12.27
CA SER D 292 -13.73 -86.74 -12.49
C SER D 292 -14.51 -85.99 -13.57
N ASN D 293 -14.10 -84.77 -13.90
CA ASN D 293 -14.75 -83.97 -14.93
C ASN D 293 -14.10 -84.11 -16.29
N ILE D 294 -13.00 -84.88 -16.40
CA ILE D 294 -12.30 -85.00 -17.68
C ILE D 294 -13.22 -85.54 -18.77
N PRO D 295 -14.05 -86.56 -18.53
CA PRO D 295 -14.94 -87.00 -19.61
C PRO D 295 -15.87 -85.89 -20.08
N LYS D 296 -16.31 -85.04 -19.15
CA LYS D 296 -17.14 -83.91 -19.52
C LYS D 296 -16.38 -82.94 -20.40
N GLU D 297 -15.09 -82.71 -20.08
CA GLU D 297 -14.28 -81.84 -20.91
C GLU D 297 -14.12 -82.41 -22.32
N ILE D 298 -14.02 -83.73 -22.43
CA ILE D 298 -13.91 -84.34 -23.75
C ILE D 298 -15.23 -84.20 -24.51
N MET D 299 -16.34 -84.45 -23.82
CA MET D 299 -17.64 -84.32 -24.47
C MET D 299 -17.83 -82.91 -24.97
N LEU D 300 -17.52 -81.92 -24.13
CA LEU D 300 -17.67 -80.53 -24.56
C LEU D 300 -16.76 -80.24 -25.75
N GLN D 301 -15.50 -80.68 -25.70
CA GLN D 301 -14.59 -80.41 -26.80
C GLN D 301 -15.07 -81.06 -28.09
N PHE D 302 -15.92 -82.09 -28.01
CA PHE D 302 -16.47 -82.70 -29.22
C PHE D 302 -17.90 -82.28 -29.55
N CYS D 303 -18.59 -81.55 -28.68
CA CYS D 303 -20.00 -81.28 -28.88
C CYS D 303 -20.43 -79.84 -28.63
N TYR D 304 -19.70 -79.06 -27.84
CA TYR D 304 -20.21 -77.75 -27.48
C TYR D 304 -20.03 -76.77 -28.64
N PRO D 305 -20.97 -75.83 -28.84
CA PRO D 305 -20.86 -74.91 -29.97
C PRO D 305 -19.68 -73.96 -29.85
N ARG D 306 -19.11 -73.61 -31.01
CA ARG D 306 -18.07 -72.61 -31.11
C ARG D 306 -18.66 -71.31 -31.65
N LEU D 307 -18.37 -70.20 -30.98
CA LEU D 307 -18.97 -68.91 -31.27
C LEU D 307 -17.87 -67.90 -31.60
N ASP D 308 -18.00 -67.23 -32.74
CA ASP D 308 -17.07 -66.17 -33.12
C ASP D 308 -17.55 -64.89 -32.43
N VAL D 309 -16.87 -64.51 -31.35
CA VAL D 309 -17.31 -63.36 -30.57
C VAL D 309 -17.32 -62.09 -31.42
N ASN D 310 -16.55 -62.06 -32.52
CA ASN D 310 -16.56 -60.89 -33.39
C ASN D 310 -17.87 -60.76 -34.14
N VAL D 311 -18.54 -61.88 -34.42
CA VAL D 311 -19.82 -61.84 -35.10
C VAL D 311 -20.89 -61.17 -34.24
N SER D 312 -20.87 -61.44 -32.93
CA SER D 312 -21.95 -61.00 -32.06
C SER D 312 -21.60 -59.75 -31.27
N LYS D 313 -20.31 -59.41 -31.17
CA LYS D 313 -19.90 -58.27 -30.37
C LYS D 313 -20.29 -56.96 -31.04
N GLY D 314 -19.99 -56.81 -32.33
CA GLY D 314 -20.15 -55.54 -32.99
C GLY D 314 -21.58 -55.26 -33.42
N LEU D 315 -22.01 -54.02 -33.18
CA LEU D 315 -23.35 -53.61 -33.57
C LEU D 315 -23.48 -53.48 -35.07
N ASN D 316 -22.40 -53.12 -35.76
CA ASN D 316 -22.44 -52.83 -37.18
C ASN D 316 -22.25 -54.06 -38.06
N HIS D 317 -22.55 -55.24 -37.53
CA HIS D 317 -22.27 -56.46 -38.27
C HIS D 317 -23.41 -56.79 -39.23
N LEU D 318 -23.05 -57.06 -40.48
CA LEU D 318 -23.98 -57.41 -41.53
C LEU D 318 -24.05 -58.92 -41.64
N LEU D 319 -25.23 -59.49 -41.38
CA LEU D 319 -25.42 -60.93 -41.43
C LEU D 319 -26.43 -61.31 -42.50
N LYS D 320 -26.19 -62.46 -43.12
CA LYS D 320 -27.06 -63.01 -44.16
C LYS D 320 -28.53 -62.88 -43.79
N SER D 321 -29.30 -62.32 -44.71
CA SER D 321 -30.73 -62.14 -44.49
C SER D 321 -31.45 -63.47 -44.56
N PRO D 322 -32.49 -63.67 -43.75
CA PRO D 322 -33.39 -64.82 -43.96
C PRO D 322 -33.98 -64.81 -45.36
N PHE D 323 -34.29 -66.00 -45.86
CA PHE D 323 -34.85 -66.19 -47.18
C PHE D 323 -33.91 -65.71 -48.28
N SER D 324 -32.62 -65.65 -47.99
CA SER D 324 -31.61 -65.45 -49.01
C SER D 324 -31.40 -66.75 -49.78
N VAL D 325 -30.68 -66.64 -50.88
CA VAL D 325 -30.34 -67.77 -51.74
C VAL D 325 -28.83 -67.96 -51.66
N HIS D 326 -28.42 -69.17 -51.34
CA HIS D 326 -26.99 -69.46 -51.19
C HIS D 326 -26.32 -69.48 -52.55
N PRO D 327 -25.32 -68.61 -52.80
CA PRO D 327 -24.69 -68.54 -54.13
C PRO D 327 -24.19 -69.86 -54.68
N LYS D 328 -24.01 -70.88 -53.86
CA LYS D 328 -23.40 -72.12 -54.33
C LYS D 328 -24.34 -73.31 -54.20
N THR D 329 -24.97 -73.50 -53.05
CA THR D 329 -25.89 -74.61 -52.91
C THR D 329 -27.26 -74.29 -53.51
N GLY D 330 -27.61 -73.01 -53.57
CA GLY D 330 -28.90 -72.59 -54.06
C GLY D 330 -30.03 -72.74 -53.07
N ARG D 331 -29.77 -73.32 -51.91
CA ARG D 331 -30.79 -73.54 -50.91
C ARG D 331 -31.28 -72.20 -50.35
N ILE D 332 -32.52 -72.20 -49.87
CA ILE D 332 -33.09 -70.99 -49.27
C ILE D 332 -32.80 -71.01 -47.79
N SER D 333 -32.33 -69.87 -47.27
CA SER D 333 -32.14 -69.68 -45.84
C SER D 333 -33.48 -69.68 -45.13
N VAL D 334 -33.97 -70.85 -44.75
CA VAL D 334 -35.34 -70.98 -44.26
C VAL D 334 -35.31 -71.04 -42.74
N PRO D 335 -36.31 -70.50 -42.05
CA PRO D 335 -36.37 -70.64 -40.60
C PRO D 335 -36.56 -72.09 -40.19
N ILE D 336 -36.04 -72.42 -39.01
CA ILE D 336 -36.09 -73.77 -38.48
C ILE D 336 -37.03 -73.75 -37.28
N ASP D 337 -38.05 -74.61 -37.31
CA ASP D 337 -38.96 -74.70 -36.18
C ASP D 337 -38.28 -75.41 -35.02
N CYS D 338 -38.29 -74.76 -33.85
CA CYS D 338 -37.57 -75.31 -32.72
C CYS D 338 -38.12 -76.67 -32.31
N LYS D 339 -39.45 -76.80 -32.29
CA LYS D 339 -40.05 -78.07 -31.89
C LYS D 339 -39.67 -79.19 -32.84
N LYS D 340 -39.77 -78.95 -34.14
CA LYS D 340 -39.46 -79.95 -35.16
C LYS D 340 -37.97 -79.99 -35.50
N LEU D 341 -37.12 -79.50 -34.62
CA LEU D 341 -35.69 -79.46 -34.91
C LEU D 341 -35.15 -80.83 -35.25
N ASP D 342 -35.58 -81.87 -34.53
CA ASP D 342 -35.02 -83.19 -34.75
C ASP D 342 -35.34 -83.72 -36.14
N GLN D 343 -36.32 -83.11 -36.83
CA GLN D 343 -36.73 -83.56 -38.14
C GLN D 343 -36.10 -82.73 -39.26
N PHE D 344 -35.40 -81.66 -38.90
CA PHE D 344 -34.80 -80.76 -39.87
C PHE D 344 -33.70 -81.46 -40.66
N ASP D 345 -33.71 -81.23 -41.96
CA ASP D 345 -32.80 -81.90 -42.90
C ASP D 345 -32.23 -80.83 -43.81
N PRO D 346 -30.94 -80.49 -43.71
CA PRO D 346 -30.42 -79.39 -44.53
C PRO D 346 -30.31 -79.72 -46.00
N PHE D 347 -30.58 -80.97 -46.39
CA PHE D 347 -30.46 -81.40 -47.77
C PHE D 347 -31.79 -81.38 -48.49
N SER D 348 -32.89 -81.35 -47.74
CA SER D 348 -34.22 -81.20 -48.29
C SER D 348 -34.66 -79.74 -48.35
N VAL D 349 -33.82 -78.81 -47.92
CA VAL D 349 -34.20 -77.40 -47.95
C VAL D 349 -34.46 -76.98 -49.40
N PRO D 350 -35.56 -76.32 -49.71
CA PRO D 350 -35.82 -75.94 -51.10
C PRO D 350 -34.67 -75.16 -51.69
N THR D 351 -34.30 -75.51 -52.92
CA THR D 351 -33.39 -74.72 -53.71
C THR D 351 -34.18 -73.76 -54.59
N ILE D 352 -33.49 -72.74 -55.10
CA ILE D 352 -34.16 -71.74 -55.92
C ILE D 352 -34.65 -72.39 -57.22
N SER D 353 -33.89 -73.34 -57.74
CA SER D 353 -34.29 -73.97 -59.00
C SER D 353 -35.54 -74.80 -58.81
N LEU D 354 -35.64 -75.53 -57.71
CA LEU D 354 -36.83 -76.31 -57.44
C LEU D 354 -38.05 -75.42 -57.31
N ILE D 355 -37.92 -74.29 -56.61
CA ILE D 355 -39.08 -73.45 -56.38
C ILE D 355 -39.44 -72.62 -57.60
N CYS D 356 -38.52 -72.43 -58.54
CA CYS D 356 -38.91 -71.83 -59.81
C CYS D 356 -39.57 -72.85 -60.73
N SER D 357 -39.11 -74.10 -60.69
CA SER D 357 -39.83 -75.15 -61.39
C SER D 357 -41.25 -75.28 -60.85
N GLU D 358 -41.40 -75.24 -59.53
CA GLU D 358 -42.73 -75.31 -58.94
C GLU D 358 -43.56 -74.09 -59.31
N LEU D 359 -42.94 -72.90 -59.38
CA LEU D 359 -43.71 -71.72 -59.67
C LEU D 359 -44.23 -71.76 -61.11
N ASP D 360 -43.40 -72.19 -62.04
CA ASP D 360 -43.80 -72.28 -63.44
C ASP D 360 -44.53 -73.59 -63.75
N ASN D 361 -45.45 -74.00 -62.86
CA ASN D 361 -46.17 -75.26 -63.05
C ASN D 361 -47.65 -75.12 -62.72
N VAL D 362 -48.13 -73.93 -62.39
CA VAL D 362 -49.53 -73.74 -62.03
C VAL D 362 -50.08 -72.51 -62.74
N ARG D 382 -52.51 -63.79 -56.13
CA ARG D 382 -51.26 -63.08 -56.34
C ARG D 382 -50.41 -63.15 -55.07
N THR D 383 -51.01 -62.83 -53.94
CA THR D 383 -50.31 -62.81 -52.66
C THR D 383 -50.18 -64.20 -52.04
N ARG D 384 -50.61 -65.24 -52.77
CA ARG D 384 -50.69 -66.60 -52.24
C ARG D 384 -49.95 -67.57 -53.14
N ASP D 385 -49.11 -67.06 -54.05
CA ASP D 385 -48.39 -67.93 -54.98
C ASP D 385 -47.45 -68.85 -54.24
N TYR D 386 -46.80 -68.34 -53.19
CA TYR D 386 -45.81 -69.11 -52.47
C TYR D 386 -46.45 -70.29 -51.75
N LYS D 387 -47.74 -70.23 -51.45
CA LYS D 387 -48.40 -71.36 -50.82
C LYS D 387 -48.45 -72.58 -51.73
N ARG D 388 -48.17 -72.41 -53.03
CA ARG D 388 -48.16 -73.54 -53.95
C ARG D 388 -46.78 -74.17 -54.12
N THR D 389 -45.77 -73.69 -53.40
CA THR D 389 -44.42 -74.22 -53.47
C THR D 389 -44.09 -74.96 -52.17
N SER D 390 -42.91 -75.58 -52.15
CA SER D 390 -42.43 -76.24 -50.94
C SER D 390 -41.89 -75.27 -49.90
N LEU D 391 -41.89 -73.97 -50.22
CA LEU D 391 -41.46 -72.92 -49.30
C LEU D 391 -42.50 -72.62 -48.24
N ALA D 392 -43.74 -73.08 -48.41
CA ALA D 392 -44.84 -72.61 -47.59
C ALA D 392 -44.64 -72.88 -46.09
N PRO D 393 -44.30 -74.10 -45.65
CA PRO D 393 -44.22 -74.32 -44.20
C PRO D 393 -43.17 -73.46 -43.52
N TYR D 394 -42.14 -73.02 -44.24
CA TYR D 394 -41.11 -72.20 -43.61
C TYR D 394 -41.58 -70.76 -43.47
N ILE D 395 -42.28 -70.25 -44.48
CA ILE D 395 -42.94 -68.96 -44.30
C ILE D 395 -43.98 -69.04 -43.20
N LYS D 396 -44.58 -70.22 -43.01
CA LYS D 396 -45.55 -70.37 -41.92
C LYS D 396 -44.87 -70.26 -40.57
N VAL D 397 -43.71 -70.91 -40.42
CA VAL D 397 -42.97 -70.79 -39.16
C VAL D 397 -42.59 -69.34 -38.92
N PHE D 398 -42.13 -68.65 -39.97
CA PHE D 398 -41.78 -67.24 -39.83
C PHE D 398 -43.00 -66.42 -39.44
N GLU D 399 -44.16 -66.76 -39.98
CA GLU D 399 -45.38 -66.01 -39.66
C GLU D 399 -45.78 -66.24 -38.22
N GLN D 400 -45.60 -67.45 -37.71
CA GLN D 400 -45.87 -67.71 -36.30
C GLN D 400 -44.93 -66.92 -35.41
N PHE D 401 -43.66 -66.86 -35.77
CA PHE D 401 -42.70 -66.08 -34.98
C PHE D 401 -43.09 -64.60 -34.98
N LEU D 402 -43.48 -64.09 -36.14
CA LEU D 402 -43.91 -62.70 -36.20
C LEU D 402 -45.20 -62.47 -35.44
N ASP D 403 -46.10 -63.45 -35.42
CA ASP D 403 -47.31 -63.34 -34.63
C ASP D 403 -46.97 -63.24 -33.15
N LYS D 404 -46.02 -64.05 -32.69
CA LYS D 404 -45.59 -63.96 -31.31
C LYS D 404 -45.01 -62.58 -31.01
N LEU D 405 -44.20 -62.06 -31.93
CA LEU D 405 -43.65 -60.72 -31.72
C LEU D 405 -44.76 -59.68 -31.64
N ASP D 406 -45.77 -59.79 -32.49
CA ASP D 406 -46.88 -58.84 -32.46
C ASP D 406 -47.65 -58.96 -31.16
N GLN D 407 -47.88 -60.18 -30.68
CA GLN D 407 -48.55 -60.36 -29.40
C GLN D 407 -47.75 -59.70 -28.29
N SER D 408 -46.43 -59.83 -28.33
CA SER D 408 -45.61 -59.21 -27.30
C SER D 408 -45.66 -57.68 -27.40
N ARG D 409 -45.68 -57.15 -28.62
CA ARG D 409 -45.75 -55.71 -28.80
C ARG D 409 -47.07 -55.15 -28.29
N LYS D 410 -48.16 -55.89 -28.50
CA LYS D 410 -49.47 -55.45 -28.04
C LYS D 410 -49.60 -55.61 -26.53
N GLY D 411 -49.61 -56.86 -26.05
CA GLY D 411 -49.72 -57.13 -24.63
C GLY D 411 -48.92 -56.18 -23.75
N GLU D 412 -47.68 -55.90 -24.17
CA GLU D 412 -46.84 -54.96 -23.43
C GLU D 412 -47.48 -53.58 -23.42
#